data_3H4R
# 
_entry.id   3H4R 
# 
_audit_conform.dict_name       mmcif_pdbx.dic 
_audit_conform.dict_version    5.387 
_audit_conform.dict_location   http://mmcif.pdb.org/dictionaries/ascii/mmcif_pdbx.dic 
# 
loop_
_database_2.database_id 
_database_2.database_code 
_database_2.pdbx_database_accession 
_database_2.pdbx_DOI 
PDB   3H4R         pdb_00003h4r 10.2210/pdb3h4r/pdb 
RCSB  RCSB052690   ?            ?                   
WWPDB D_1000052690 ?            ?                   
# 
loop_
_pdbx_audit_revision_history.ordinal 
_pdbx_audit_revision_history.data_content_type 
_pdbx_audit_revision_history.major_revision 
_pdbx_audit_revision_history.minor_revision 
_pdbx_audit_revision_history.revision_date 
1 'Structure model' 1 0 2009-05-26 
2 'Structure model' 1 1 2011-07-13 
3 'Structure model' 1 2 2011-12-07 
4 'Structure model' 1 3 2017-11-01 
5 'Structure model' 1 4 2021-10-13 
6 'Structure model' 1 5 2024-02-21 
# 
_pdbx_audit_revision_details.ordinal             1 
_pdbx_audit_revision_details.revision_ordinal    1 
_pdbx_audit_revision_details.data_content_type   'Structure model' 
_pdbx_audit_revision_details.provider            repository 
_pdbx_audit_revision_details.type                'Initial release' 
_pdbx_audit_revision_details.description         ? 
_pdbx_audit_revision_details.details             ? 
# 
loop_
_pdbx_audit_revision_group.ordinal 
_pdbx_audit_revision_group.revision_ordinal 
_pdbx_audit_revision_group.data_content_type 
_pdbx_audit_revision_group.group 
1 2 'Structure model' 'Source and taxonomy'       
2 2 'Structure model' 'Version format compliance' 
3 3 'Structure model' 'Database references'       
4 4 'Structure model' 'Refinement description'    
5 5 'Structure model' 'Database references'       
6 6 'Structure model' 'Data collection'           
# 
loop_
_pdbx_audit_revision_category.ordinal 
_pdbx_audit_revision_category.revision_ordinal 
_pdbx_audit_revision_category.data_content_type 
_pdbx_audit_revision_category.category 
1 4 'Structure model' software           
2 5 'Structure model' database_2         
3 5 'Structure model' struct_ref_seq_dif 
4 6 'Structure model' chem_comp_atom     
5 6 'Structure model' chem_comp_bond     
# 
loop_
_pdbx_audit_revision_item.ordinal 
_pdbx_audit_revision_item.revision_ordinal 
_pdbx_audit_revision_item.data_content_type 
_pdbx_audit_revision_item.item 
1 4 'Structure model' '_software.name'                      
2 5 'Structure model' '_database_2.pdbx_DOI'                
3 5 'Structure model' '_database_2.pdbx_database_accession' 
4 5 'Structure model' '_struct_ref_seq_dif.details'         
# 
_pdbx_database_status.status_code                     REL 
_pdbx_database_status.entry_id                        3H4R 
_pdbx_database_status.recvd_initial_deposition_date   2009-04-20 
_pdbx_database_status.deposit_site                    RCSB 
_pdbx_database_status.process_site                    RCSB 
_pdbx_database_status.status_code_sf                  REL 
_pdbx_database_status.status_code_mr                  ? 
_pdbx_database_status.SG_entry                        ? 
_pdbx_database_status.status_code_cs                  ? 
_pdbx_database_status.pdb_format_compatible           Y 
_pdbx_database_status.methods_development_category    ? 
_pdbx_database_status.status_code_nmr_data            ? 
# 
loop_
_audit_author.name 
_audit_author.pdbx_ordinal 
'Bell, C.E.' 1 
'Zhang, J.'  2 
# 
_citation.id                        primary 
_citation.title                     
'Crystal structure of E. coli RecE protein reveals a toroidal tetramer for processing double-stranded DNA breaks.' 
_citation.journal_abbrev            Structure 
_citation.journal_volume            17 
_citation.page_first                690 
_citation.page_last                 702 
_citation.year                      2009 
_citation.journal_id_ASTM           STRUE6 
_citation.country                   UK 
_citation.journal_id_ISSN           0969-2126 
_citation.journal_id_CSD            2005 
_citation.book_publisher            ? 
_citation.pdbx_database_id_PubMed   19446525 
_citation.pdbx_database_id_DOI      10.1016/j.str.2009.03.008 
# 
loop_
_citation_author.citation_id 
_citation_author.name 
_citation_author.ordinal 
_citation_author.identifier_ORCID 
primary 'Zhang, J.'  1 ? 
primary 'Xing, X.'   2 ? 
primary 'Herr, A.B.' 3 ? 
primary 'Bell, C.E.' 4 ? 
# 
_entity.id                         1 
_entity.type                       polymer 
_entity.src_method                 man 
_entity.pdbx_description           'Exodeoxyribonuclease 8' 
_entity.formula_weight             30403.252 
_entity.pdbx_number_of_molecules   1 
_entity.pdbx_ec                    3.1.11.- 
_entity.pdbx_mutation              P658L 
_entity.pdbx_fragment              'C-terminal domain: UNP residues 606-866' 
_entity.details                    ? 
# 
_entity_name_com.entity_id   1 
_entity_name_com.name        'Exodeoxyribonuclease VIII, EXO VIII' 
# 
_entity_poly.entity_id                      1 
_entity_poly.type                           'polypeptide(L)' 
_entity_poly.nstd_linkage                   no 
_entity_poly.nstd_monomer                   no 
_entity_poly.pdbx_seq_one_letter_code       
;GSHMENYHAGPGISKSQLDDIADTPALYLWRKNAPVDTTKTKTLDLGTAFHCRVLELEEFSNRFIVAPEFNRRTNAGKEE
EKAFLMECASTGKTVITAEEGRKIELMYQSVMALPLGQWLVESAGHAESSIYWEDPETGILCRCRPDKIIPEFHWIMDVK
TTADIQRFKTAYYDYRYHVQDAFYSDGYEAQFGVQPTFVFLVASTTIECGRYPVEIFMMGEEAKLAGQQEYHRNLRTLSD
CLNTDEWPAIKTLSLPRWAKEYAND
;
_entity_poly.pdbx_seq_one_letter_code_can   
;GSHMENYHAGPGISKSQLDDIADTPALYLWRKNAPVDTTKTKTLDLGTAFHCRVLELEEFSNRFIVAPEFNRRTNAGKEE
EKAFLMECASTGKTVITAEEGRKIELMYQSVMALPLGQWLVESAGHAESSIYWEDPETGILCRCRPDKIIPEFHWIMDVK
TTADIQRFKTAYYDYRYHVQDAFYSDGYEAQFGVQPTFVFLVASTTIECGRYPVEIFMMGEEAKLAGQQEYHRNLRTLSD
CLNTDEWPAIKTLSLPRWAKEYAND
;
_entity_poly.pdbx_strand_id                 A 
_entity_poly.pdbx_target_identifier         ? 
# 
loop_
_entity_poly_seq.entity_id 
_entity_poly_seq.num 
_entity_poly_seq.mon_id 
_entity_poly_seq.hetero 
1 1   GLY n 
1 2   SER n 
1 3   HIS n 
1 4   MET n 
1 5   GLU n 
1 6   ASN n 
1 7   TYR n 
1 8   HIS n 
1 9   ALA n 
1 10  GLY n 
1 11  PRO n 
1 12  GLY n 
1 13  ILE n 
1 14  SER n 
1 15  LYS n 
1 16  SER n 
1 17  GLN n 
1 18  LEU n 
1 19  ASP n 
1 20  ASP n 
1 21  ILE n 
1 22  ALA n 
1 23  ASP n 
1 24  THR n 
1 25  PRO n 
1 26  ALA n 
1 27  LEU n 
1 28  TYR n 
1 29  LEU n 
1 30  TRP n 
1 31  ARG n 
1 32  LYS n 
1 33  ASN n 
1 34  ALA n 
1 35  PRO n 
1 36  VAL n 
1 37  ASP n 
1 38  THR n 
1 39  THR n 
1 40  LYS n 
1 41  THR n 
1 42  LYS n 
1 43  THR n 
1 44  LEU n 
1 45  ASP n 
1 46  LEU n 
1 47  GLY n 
1 48  THR n 
1 49  ALA n 
1 50  PHE n 
1 51  HIS n 
1 52  CYS n 
1 53  ARG n 
1 54  VAL n 
1 55  LEU n 
1 56  GLU n 
1 57  LEU n 
1 58  GLU n 
1 59  GLU n 
1 60  PHE n 
1 61  SER n 
1 62  ASN n 
1 63  ARG n 
1 64  PHE n 
1 65  ILE n 
1 66  VAL n 
1 67  ALA n 
1 68  PRO n 
1 69  GLU n 
1 70  PHE n 
1 71  ASN n 
1 72  ARG n 
1 73  ARG n 
1 74  THR n 
1 75  ASN n 
1 76  ALA n 
1 77  GLY n 
1 78  LYS n 
1 79  GLU n 
1 80  GLU n 
1 81  GLU n 
1 82  LYS n 
1 83  ALA n 
1 84  PHE n 
1 85  LEU n 
1 86  MET n 
1 87  GLU n 
1 88  CYS n 
1 89  ALA n 
1 90  SER n 
1 91  THR n 
1 92  GLY n 
1 93  LYS n 
1 94  THR n 
1 95  VAL n 
1 96  ILE n 
1 97  THR n 
1 98  ALA n 
1 99  GLU n 
1 100 GLU n 
1 101 GLY n 
1 102 ARG n 
1 103 LYS n 
1 104 ILE n 
1 105 GLU n 
1 106 LEU n 
1 107 MET n 
1 108 TYR n 
1 109 GLN n 
1 110 SER n 
1 111 VAL n 
1 112 MET n 
1 113 ALA n 
1 114 LEU n 
1 115 PRO n 
1 116 LEU n 
1 117 GLY n 
1 118 GLN n 
1 119 TRP n 
1 120 LEU n 
1 121 VAL n 
1 122 GLU n 
1 123 SER n 
1 124 ALA n 
1 125 GLY n 
1 126 HIS n 
1 127 ALA n 
1 128 GLU n 
1 129 SER n 
1 130 SER n 
1 131 ILE n 
1 132 TYR n 
1 133 TRP n 
1 134 GLU n 
1 135 ASP n 
1 136 PRO n 
1 137 GLU n 
1 138 THR n 
1 139 GLY n 
1 140 ILE n 
1 141 LEU n 
1 142 CYS n 
1 143 ARG n 
1 144 CYS n 
1 145 ARG n 
1 146 PRO n 
1 147 ASP n 
1 148 LYS n 
1 149 ILE n 
1 150 ILE n 
1 151 PRO n 
1 152 GLU n 
1 153 PHE n 
1 154 HIS n 
1 155 TRP n 
1 156 ILE n 
1 157 MET n 
1 158 ASP n 
1 159 VAL n 
1 160 LYS n 
1 161 THR n 
1 162 THR n 
1 163 ALA n 
1 164 ASP n 
1 165 ILE n 
1 166 GLN n 
1 167 ARG n 
1 168 PHE n 
1 169 LYS n 
1 170 THR n 
1 171 ALA n 
1 172 TYR n 
1 173 TYR n 
1 174 ASP n 
1 175 TYR n 
1 176 ARG n 
1 177 TYR n 
1 178 HIS n 
1 179 VAL n 
1 180 GLN n 
1 181 ASP n 
1 182 ALA n 
1 183 PHE n 
1 184 TYR n 
1 185 SER n 
1 186 ASP n 
1 187 GLY n 
1 188 TYR n 
1 189 GLU n 
1 190 ALA n 
1 191 GLN n 
1 192 PHE n 
1 193 GLY n 
1 194 VAL n 
1 195 GLN n 
1 196 PRO n 
1 197 THR n 
1 198 PHE n 
1 199 VAL n 
1 200 PHE n 
1 201 LEU n 
1 202 VAL n 
1 203 ALA n 
1 204 SER n 
1 205 THR n 
1 206 THR n 
1 207 ILE n 
1 208 GLU n 
1 209 CYS n 
1 210 GLY n 
1 211 ARG n 
1 212 TYR n 
1 213 PRO n 
1 214 VAL n 
1 215 GLU n 
1 216 ILE n 
1 217 PHE n 
1 218 MET n 
1 219 MET n 
1 220 GLY n 
1 221 GLU n 
1 222 GLU n 
1 223 ALA n 
1 224 LYS n 
1 225 LEU n 
1 226 ALA n 
1 227 GLY n 
1 228 GLN n 
1 229 GLN n 
1 230 GLU n 
1 231 TYR n 
1 232 HIS n 
1 233 ARG n 
1 234 ASN n 
1 235 LEU n 
1 236 ARG n 
1 237 THR n 
1 238 LEU n 
1 239 SER n 
1 240 ASP n 
1 241 CYS n 
1 242 LEU n 
1 243 ASN n 
1 244 THR n 
1 245 ASP n 
1 246 GLU n 
1 247 TRP n 
1 248 PRO n 
1 249 ALA n 
1 250 ILE n 
1 251 LYS n 
1 252 THR n 
1 253 LEU n 
1 254 SER n 
1 255 LEU n 
1 256 PRO n 
1 257 ARG n 
1 258 TRP n 
1 259 ALA n 
1 260 LYS n 
1 261 GLU n 
1 262 TYR n 
1 263 ALA n 
1 264 ASN n 
1 265 ASP n 
# 
_entity_src_gen.entity_id                          1 
_entity_src_gen.pdbx_src_id                        1 
_entity_src_gen.pdbx_alt_source_flag               sample 
_entity_src_gen.pdbx_seq_type                      ? 
_entity_src_gen.pdbx_beg_seq_num                   ? 
_entity_src_gen.pdbx_end_seq_num                   ? 
_entity_src_gen.gene_src_common_name               ? 
_entity_src_gen.gene_src_genus                     ? 
_entity_src_gen.pdbx_gene_src_gene                 'b1350, JW1344, recE' 
_entity_src_gen.gene_src_species                   ? 
_entity_src_gen.gene_src_strain                    K-12 
_entity_src_gen.gene_src_tissue                    ? 
_entity_src_gen.gene_src_tissue_fraction           ? 
_entity_src_gen.gene_src_details                   ? 
_entity_src_gen.pdbx_gene_src_fragment             ? 
_entity_src_gen.pdbx_gene_src_scientific_name      'Escherichia coli' 
_entity_src_gen.pdbx_gene_src_ncbi_taxonomy_id     83333 
_entity_src_gen.pdbx_gene_src_variant              ? 
_entity_src_gen.pdbx_gene_src_cell_line            ? 
_entity_src_gen.pdbx_gene_src_atcc                 ? 
_entity_src_gen.pdbx_gene_src_organ                ? 
_entity_src_gen.pdbx_gene_src_organelle            ? 
_entity_src_gen.pdbx_gene_src_cell                 ? 
_entity_src_gen.pdbx_gene_src_cellular_location    ? 
_entity_src_gen.host_org_common_name               ? 
_entity_src_gen.pdbx_host_org_scientific_name      'Escherichia coli' 
_entity_src_gen.pdbx_host_org_ncbi_taxonomy_id     562 
_entity_src_gen.host_org_genus                     ? 
_entity_src_gen.pdbx_host_org_gene                 ? 
_entity_src_gen.pdbx_host_org_organ                ? 
_entity_src_gen.host_org_species                   ? 
_entity_src_gen.pdbx_host_org_tissue               ? 
_entity_src_gen.pdbx_host_org_tissue_fraction      ? 
_entity_src_gen.pdbx_host_org_strain               'BL21(AI)' 
_entity_src_gen.pdbx_host_org_variant              ? 
_entity_src_gen.pdbx_host_org_cell_line            ? 
_entity_src_gen.pdbx_host_org_atcc                 ? 
_entity_src_gen.pdbx_host_org_culture_collection   ? 
_entity_src_gen.pdbx_host_org_cell                 ? 
_entity_src_gen.pdbx_host_org_organelle            ? 
_entity_src_gen.pdbx_host_org_cellular_location    ? 
_entity_src_gen.pdbx_host_org_vector_type          Plasmid 
_entity_src_gen.pdbx_host_org_vector               ? 
_entity_src_gen.host_org_details                   ? 
_entity_src_gen.expression_system_id               ? 
_entity_src_gen.plasmid_name                       pET14b 
_entity_src_gen.plasmid_details                    ? 
_entity_src_gen.pdbx_description                   ? 
# 
loop_
_chem_comp.id 
_chem_comp.type 
_chem_comp.mon_nstd_flag 
_chem_comp.name 
_chem_comp.pdbx_synonyms 
_chem_comp.formula 
_chem_comp.formula_weight 
ALA 'L-peptide linking' y ALANINE         ? 'C3 H7 N O2'     89.093  
ARG 'L-peptide linking' y ARGININE        ? 'C6 H15 N4 O2 1' 175.209 
ASN 'L-peptide linking' y ASPARAGINE      ? 'C4 H8 N2 O3'    132.118 
ASP 'L-peptide linking' y 'ASPARTIC ACID' ? 'C4 H7 N O4'     133.103 
CYS 'L-peptide linking' y CYSTEINE        ? 'C3 H7 N O2 S'   121.158 
GLN 'L-peptide linking' y GLUTAMINE       ? 'C5 H10 N2 O3'   146.144 
GLU 'L-peptide linking' y 'GLUTAMIC ACID' ? 'C5 H9 N O4'     147.129 
GLY 'peptide linking'   y GLYCINE         ? 'C2 H5 N O2'     75.067  
HIS 'L-peptide linking' y HISTIDINE       ? 'C6 H10 N3 O2 1' 156.162 
ILE 'L-peptide linking' y ISOLEUCINE      ? 'C6 H13 N O2'    131.173 
LEU 'L-peptide linking' y LEUCINE         ? 'C6 H13 N O2'    131.173 
LYS 'L-peptide linking' y LYSINE          ? 'C6 H15 N2 O2 1' 147.195 
MET 'L-peptide linking' y METHIONINE      ? 'C5 H11 N O2 S'  149.211 
PHE 'L-peptide linking' y PHENYLALANINE   ? 'C9 H11 N O2'    165.189 
PRO 'L-peptide linking' y PROLINE         ? 'C5 H9 N O2'     115.130 
SER 'L-peptide linking' y SERINE          ? 'C3 H7 N O3'     105.093 
THR 'L-peptide linking' y THREONINE       ? 'C4 H9 N O3'     119.119 
TRP 'L-peptide linking' y TRYPTOPHAN      ? 'C11 H12 N2 O2'  204.225 
TYR 'L-peptide linking' y TYROSINE        ? 'C9 H11 N O3'    181.189 
VAL 'L-peptide linking' y VALINE          ? 'C5 H11 N O2'    117.146 
# 
loop_
_pdbx_poly_seq_scheme.asym_id 
_pdbx_poly_seq_scheme.entity_id 
_pdbx_poly_seq_scheme.seq_id 
_pdbx_poly_seq_scheme.mon_id 
_pdbx_poly_seq_scheme.ndb_seq_num 
_pdbx_poly_seq_scheme.pdb_seq_num 
_pdbx_poly_seq_scheme.auth_seq_num 
_pdbx_poly_seq_scheme.pdb_mon_id 
_pdbx_poly_seq_scheme.auth_mon_id 
_pdbx_poly_seq_scheme.pdb_strand_id 
_pdbx_poly_seq_scheme.pdb_ins_code 
_pdbx_poly_seq_scheme.hetero 
A 1 1   GLY 1   -3  ?   ?   ?   A . n 
A 1 2   SER 2   -2  ?   ?   ?   A . n 
A 1 3   HIS 3   -1  ?   ?   ?   A . n 
A 1 4   MET 4   0   ?   ?   ?   A . n 
A 1 5   GLU 5   606 ?   ?   ?   A . n 
A 1 6   ASN 6   607 ?   ?   ?   A . n 
A 1 7   TYR 7   608 ?   ?   ?   A . n 
A 1 8   HIS 8   609 ?   ?   ?   A . n 
A 1 9   ALA 9   610 ?   ?   ?   A . n 
A 1 10  GLY 10  611 ?   ?   ?   A . n 
A 1 11  PRO 11  612 612 PRO PRO A . n 
A 1 12  GLY 12  613 613 GLY GLY A . n 
A 1 13  ILE 13  614 614 ILE ILE A . n 
A 1 14  SER 14  615 615 SER SER A . n 
A 1 15  LYS 15  616 616 LYS LYS A . n 
A 1 16  SER 16  617 617 SER SER A . n 
A 1 17  GLN 17  618 618 GLN GLN A . n 
A 1 18  LEU 18  619 619 LEU LEU A . n 
A 1 19  ASP 19  620 620 ASP ASP A . n 
A 1 20  ASP 20  621 621 ASP ASP A . n 
A 1 21  ILE 21  622 622 ILE ILE A . n 
A 1 22  ALA 22  623 623 ALA ALA A . n 
A 1 23  ASP 23  624 624 ASP ASP A . n 
A 1 24  THR 24  625 625 THR THR A . n 
A 1 25  PRO 25  626 626 PRO PRO A . n 
A 1 26  ALA 26  627 627 ALA ALA A . n 
A 1 27  LEU 27  628 628 LEU LEU A . n 
A 1 28  TYR 28  629 629 TYR TYR A . n 
A 1 29  LEU 29  630 630 LEU LEU A . n 
A 1 30  TRP 30  631 631 TRP TRP A . n 
A 1 31  ARG 31  632 632 ARG ARG A . n 
A 1 32  LYS 32  633 633 LYS LYS A . n 
A 1 33  ASN 33  634 634 ASN ASN A . n 
A 1 34  ALA 34  635 635 ALA ALA A . n 
A 1 35  PRO 35  636 636 PRO PRO A . n 
A 1 36  VAL 36  637 637 VAL VAL A . n 
A 1 37  ASP 37  638 638 ASP ASP A . n 
A 1 38  THR 38  639 639 THR THR A . n 
A 1 39  THR 39  640 640 THR THR A . n 
A 1 40  LYS 40  641 641 LYS LYS A . n 
A 1 41  THR 41  642 642 THR THR A . n 
A 1 42  LYS 42  643 643 LYS LYS A . n 
A 1 43  THR 43  644 644 THR THR A . n 
A 1 44  LEU 44  645 645 LEU LEU A . n 
A 1 45  ASP 45  646 646 ASP ASP A . n 
A 1 46  LEU 46  647 647 LEU LEU A . n 
A 1 47  GLY 47  648 648 GLY GLY A . n 
A 1 48  THR 48  649 649 THR THR A . n 
A 1 49  ALA 49  650 650 ALA ALA A . n 
A 1 50  PHE 50  651 651 PHE PHE A . n 
A 1 51  HIS 51  652 652 HIS HIS A . n 
A 1 52  CYS 52  653 653 CYS CYS A . n 
A 1 53  ARG 53  654 654 ARG ARG A . n 
A 1 54  VAL 54  655 655 VAL VAL A . n 
A 1 55  LEU 55  656 656 LEU LEU A . n 
A 1 56  GLU 56  657 657 GLU GLU A . n 
A 1 57  LEU 57  658 658 LEU LEU A . n 
A 1 58  GLU 58  659 659 GLU GLU A . n 
A 1 59  GLU 59  660 660 GLU GLU A . n 
A 1 60  PHE 60  661 661 PHE PHE A . n 
A 1 61  SER 61  662 662 SER SER A . n 
A 1 62  ASN 62  663 663 ASN ASN A . n 
A 1 63  ARG 63  664 664 ARG ALA A . n 
A 1 64  PHE 64  665 ?   ?   ?   A . n 
A 1 65  ILE 65  666 ?   ?   ?   A . n 
A 1 66  VAL 66  667 ?   ?   ?   A . n 
A 1 67  ALA 67  668 ?   ?   ?   A . n 
A 1 68  PRO 68  669 ?   ?   ?   A . n 
A 1 69  GLU 69  670 ?   ?   ?   A . n 
A 1 70  PHE 70  671 ?   ?   ?   A . n 
A 1 71  ASN 71  672 ?   ?   ?   A . n 
A 1 72  ARG 72  673 ?   ?   ?   A . n 
A 1 73  ARG 73  674 ?   ?   ?   A . n 
A 1 74  THR 74  675 ?   ?   ?   A . n 
A 1 75  ASN 75  676 ?   ?   ?   A . n 
A 1 76  ALA 76  677 ?   ?   ?   A . n 
A 1 77  GLY 77  678 ?   ?   ?   A . n 
A 1 78  LYS 78  679 ?   ?   ?   A . n 
A 1 79  GLU 79  680 ?   ?   ?   A . n 
A 1 80  GLU 80  681 ?   ?   ?   A . n 
A 1 81  GLU 81  682 ?   ?   ?   A . n 
A 1 82  LYS 82  683 ?   ?   ?   A . n 
A 1 83  ALA 83  684 ?   ?   ?   A . n 
A 1 84  PHE 84  685 ?   ?   ?   A . n 
A 1 85  LEU 85  686 ?   ?   ?   A . n 
A 1 86  MET 86  687 ?   ?   ?   A . n 
A 1 87  GLU 87  688 ?   ?   ?   A . n 
A 1 88  CYS 88  689 ?   ?   ?   A . n 
A 1 89  ALA 89  690 ?   ?   ?   A . n 
A 1 90  SER 90  691 ?   ?   ?   A . n 
A 1 91  THR 91  692 ?   ?   ?   A . n 
A 1 92  GLY 92  693 ?   ?   ?   A . n 
A 1 93  LYS 93  694 ?   ?   ?   A . n 
A 1 94  THR 94  695 ?   ?   ?   A . n 
A 1 95  VAL 95  696 ?   ?   ?   A . n 
A 1 96  ILE 96  697 ?   ?   ?   A . n 
A 1 97  THR 97  698 ?   ?   ?   A . n 
A 1 98  ALA 98  699 699 ALA ALA A . n 
A 1 99  GLU 99  700 700 GLU GLU A . n 
A 1 100 GLU 100 701 701 GLU GLU A . n 
A 1 101 GLY 101 702 702 GLY GLY A . n 
A 1 102 ARG 102 703 703 ARG ARG A . n 
A 1 103 LYS 103 704 704 LYS LYS A . n 
A 1 104 ILE 104 705 705 ILE ILE A . n 
A 1 105 GLU 105 706 706 GLU GLU A . n 
A 1 106 LEU 106 707 707 LEU LEU A . n 
A 1 107 MET 107 708 708 MET MET A . n 
A 1 108 TYR 108 709 709 TYR TYR A . n 
A 1 109 GLN 109 710 710 GLN GLN A . n 
A 1 110 SER 110 711 711 SER SER A . n 
A 1 111 VAL 111 712 712 VAL VAL A . n 
A 1 112 MET 112 713 713 MET MET A . n 
A 1 113 ALA 113 714 714 ALA ALA A . n 
A 1 114 LEU 114 715 715 LEU LEU A . n 
A 1 115 PRO 115 716 716 PRO PRO A . n 
A 1 116 LEU 116 717 717 LEU LEU A . n 
A 1 117 GLY 117 718 718 GLY GLY A . n 
A 1 118 GLN 118 719 719 GLN GLN A . n 
A 1 119 TRP 119 720 720 TRP TRP A . n 
A 1 120 LEU 120 721 721 LEU LEU A . n 
A 1 121 VAL 121 722 722 VAL VAL A . n 
A 1 122 GLU 122 723 723 GLU GLU A . n 
A 1 123 SER 123 724 724 SER SER A . n 
A 1 124 ALA 124 725 725 ALA ALA A . n 
A 1 125 GLY 125 726 726 GLY GLY A . n 
A 1 126 HIS 126 727 727 HIS HIS A . n 
A 1 127 ALA 127 728 728 ALA ALA A . n 
A 1 128 GLU 128 729 729 GLU GLU A . n 
A 1 129 SER 129 730 730 SER SER A . n 
A 1 130 SER 130 731 731 SER SER A . n 
A 1 131 ILE 131 732 732 ILE ILE A . n 
A 1 132 TYR 132 733 733 TYR TYR A . n 
A 1 133 TRP 133 734 734 TRP TRP A . n 
A 1 134 GLU 134 735 735 GLU GLU A . n 
A 1 135 ASP 135 736 736 ASP ASP A . n 
A 1 136 PRO 136 737 737 PRO PRO A . n 
A 1 137 GLU 137 738 738 GLU GLU A . n 
A 1 138 THR 138 739 739 THR THR A . n 
A 1 139 GLY 139 740 740 GLY GLY A . n 
A 1 140 ILE 140 741 741 ILE ILE A . n 
A 1 141 LEU 141 742 742 LEU LEU A . n 
A 1 142 CYS 142 743 743 CYS CYS A . n 
A 1 143 ARG 143 744 744 ARG ARG A . n 
A 1 144 CYS 144 745 745 CYS CYS A . n 
A 1 145 ARG 145 746 746 ARG ARG A . n 
A 1 146 PRO 146 747 747 PRO PRO A . n 
A 1 147 ASP 147 748 748 ASP ASP A . n 
A 1 148 LYS 148 749 749 LYS LYS A . n 
A 1 149 ILE 149 750 750 ILE ILE A . n 
A 1 150 ILE 150 751 751 ILE ILE A . n 
A 1 151 PRO 151 752 752 PRO PRO A . n 
A 1 152 GLU 152 753 753 GLU GLU A . n 
A 1 153 PHE 153 754 754 PHE PHE A . n 
A 1 154 HIS 154 755 755 HIS HIS A . n 
A 1 155 TRP 155 756 756 TRP TRP A . n 
A 1 156 ILE 156 757 757 ILE ILE A . n 
A 1 157 MET 157 758 758 MET MET A . n 
A 1 158 ASP 158 759 759 ASP ASP A . n 
A 1 159 VAL 159 760 760 VAL VAL A . n 
A 1 160 LYS 160 761 761 LYS LYS A . n 
A 1 161 THR 161 762 762 THR THR A . n 
A 1 162 THR 162 763 763 THR THR A . n 
A 1 163 ALA 163 764 764 ALA ALA A . n 
A 1 164 ASP 164 765 765 ASP ASP A . n 
A 1 165 ILE 165 766 766 ILE ILE A . n 
A 1 166 GLN 166 767 767 GLN GLN A . n 
A 1 167 ARG 167 768 768 ARG ARG A . n 
A 1 168 PHE 168 769 769 PHE PHE A . n 
A 1 169 LYS 169 770 770 LYS LYS A . n 
A 1 170 THR 170 771 771 THR THR A . n 
A 1 171 ALA 171 772 772 ALA ALA A . n 
A 1 172 TYR 172 773 773 TYR TYR A . n 
A 1 173 TYR 173 774 774 TYR TYR A . n 
A 1 174 ASP 174 775 775 ASP ASP A . n 
A 1 175 TYR 175 776 776 TYR TYR A . n 
A 1 176 ARG 176 777 777 ARG ARG A . n 
A 1 177 TYR 177 778 778 TYR TYR A . n 
A 1 178 HIS 178 779 779 HIS HIS A . n 
A 1 179 VAL 179 780 780 VAL VAL A . n 
A 1 180 GLN 180 781 781 GLN GLN A . n 
A 1 181 ASP 181 782 782 ASP ASP A . n 
A 1 182 ALA 182 783 783 ALA ALA A . n 
A 1 183 PHE 183 784 784 PHE PHE A . n 
A 1 184 TYR 184 785 785 TYR TYR A . n 
A 1 185 SER 185 786 786 SER SER A . n 
A 1 186 ASP 186 787 787 ASP ASP A . n 
A 1 187 GLY 187 788 788 GLY GLY A . n 
A 1 188 TYR 188 789 789 TYR TYR A . n 
A 1 189 GLU 189 790 790 GLU GLU A . n 
A 1 190 ALA 190 791 791 ALA ALA A . n 
A 1 191 GLN 191 792 792 GLN GLN A . n 
A 1 192 PHE 192 793 793 PHE PHE A . n 
A 1 193 GLY 193 794 794 GLY GLY A . n 
A 1 194 VAL 194 795 795 VAL VAL A . n 
A 1 195 GLN 195 796 796 GLN GLN A . n 
A 1 196 PRO 196 797 797 PRO PRO A . n 
A 1 197 THR 197 798 798 THR THR A . n 
A 1 198 PHE 198 799 799 PHE PHE A . n 
A 1 199 VAL 199 800 800 VAL VAL A . n 
A 1 200 PHE 200 801 801 PHE PHE A . n 
A 1 201 LEU 201 802 802 LEU LEU A . n 
A 1 202 VAL 202 803 803 VAL VAL A . n 
A 1 203 ALA 203 804 804 ALA ALA A . n 
A 1 204 SER 204 805 805 SER SER A . n 
A 1 205 THR 205 806 806 THR THR A . n 
A 1 206 THR 206 807 807 THR THR A . n 
A 1 207 ILE 207 808 808 ILE ILE A . n 
A 1 208 GLU 208 809 809 GLU GLU A . n 
A 1 209 CYS 209 810 810 CYS CYS A . n 
A 1 210 GLY 210 811 811 GLY GLY A . n 
A 1 211 ARG 211 812 812 ARG ARG A . n 
A 1 212 TYR 212 813 813 TYR TYR A . n 
A 1 213 PRO 213 814 814 PRO PRO A . n 
A 1 214 VAL 214 815 815 VAL VAL A . n 
A 1 215 GLU 215 816 816 GLU GLU A . n 
A 1 216 ILE 216 817 817 ILE ILE A . n 
A 1 217 PHE 217 818 818 PHE PHE A . n 
A 1 218 MET 218 819 819 MET MET A . n 
A 1 219 MET 219 820 820 MET MET A . n 
A 1 220 GLY 220 821 821 GLY GLY A . n 
A 1 221 GLU 221 822 822 GLU GLU A . n 
A 1 222 GLU 222 823 823 GLU GLU A . n 
A 1 223 ALA 223 824 824 ALA ALA A . n 
A 1 224 LYS 224 825 825 LYS LYS A . n 
A 1 225 LEU 225 826 826 LEU LEU A . n 
A 1 226 ALA 226 827 827 ALA ALA A . n 
A 1 227 GLY 227 828 828 GLY GLY A . n 
A 1 228 GLN 228 829 829 GLN GLN A . n 
A 1 229 GLN 229 830 830 GLN GLN A . n 
A 1 230 GLU 230 831 831 GLU GLU A . n 
A 1 231 TYR 231 832 832 TYR TYR A . n 
A 1 232 HIS 232 833 833 HIS HIS A . n 
A 1 233 ARG 233 834 834 ARG ARG A . n 
A 1 234 ASN 234 835 835 ASN ASN A . n 
A 1 235 LEU 235 836 836 LEU LEU A . n 
A 1 236 ARG 236 837 837 ARG ARG A . n 
A 1 237 THR 237 838 838 THR THR A . n 
A 1 238 LEU 238 839 839 LEU LEU A . n 
A 1 239 SER 239 840 840 SER SER A . n 
A 1 240 ASP 240 841 841 ASP ASP A . n 
A 1 241 CYS 241 842 842 CYS CYS A . n 
A 1 242 LEU 242 843 843 LEU LEU A . n 
A 1 243 ASN 243 844 844 ASN ASN A . n 
A 1 244 THR 244 845 845 THR THR A . n 
A 1 245 ASP 245 846 846 ASP ASP A . n 
A 1 246 GLU 246 847 847 GLU GLU A . n 
A 1 247 TRP 247 848 848 TRP TRP A . n 
A 1 248 PRO 248 849 849 PRO PRO A . n 
A 1 249 ALA 249 850 850 ALA ALA A . n 
A 1 250 ILE 250 851 851 ILE ILE A . n 
A 1 251 LYS 251 852 852 LYS LYS A . n 
A 1 252 THR 252 853 853 THR THR A . n 
A 1 253 LEU 253 854 854 LEU LEU A . n 
A 1 254 SER 254 855 855 SER SER A . n 
A 1 255 LEU 255 856 856 LEU LEU A . n 
A 1 256 PRO 256 857 857 PRO PRO A . n 
A 1 257 ARG 257 858 858 ARG ARG A . n 
A 1 258 TRP 258 859 859 TRP TRP A . n 
A 1 259 ALA 259 860 860 ALA ALA A . n 
A 1 260 LYS 260 861 861 LYS LYS A . n 
A 1 261 GLU 261 862 862 GLU GLU A . n 
A 1 262 TYR 262 863 863 TYR TYR A . n 
A 1 263 ALA 263 864 864 ALA ALA A . n 
A 1 264 ASN 264 865 ?   ?   ?   A . n 
A 1 265 ASP 265 866 ?   ?   ?   A . n 
# 
loop_
_pdbx_unobs_or_zero_occ_atoms.id 
_pdbx_unobs_or_zero_occ_atoms.PDB_model_num 
_pdbx_unobs_or_zero_occ_atoms.polymer_flag 
_pdbx_unobs_or_zero_occ_atoms.occupancy_flag 
_pdbx_unobs_or_zero_occ_atoms.auth_asym_id 
_pdbx_unobs_or_zero_occ_atoms.auth_comp_id 
_pdbx_unobs_or_zero_occ_atoms.auth_seq_id 
_pdbx_unobs_or_zero_occ_atoms.PDB_ins_code 
_pdbx_unobs_or_zero_occ_atoms.auth_atom_id 
_pdbx_unobs_or_zero_occ_atoms.label_alt_id 
_pdbx_unobs_or_zero_occ_atoms.label_asym_id 
_pdbx_unobs_or_zero_occ_atoms.label_comp_id 
_pdbx_unobs_or_zero_occ_atoms.label_seq_id 
_pdbx_unobs_or_zero_occ_atoms.label_atom_id 
1  1 Y 1 A VAL 637 ? CG1 ? A VAL 36  CG1 
2  1 Y 1 A VAL 637 ? CG2 ? A VAL 36  CG2 
3  1 Y 1 A ASP 638 ? CG  ? A ASP 37  CG  
4  1 Y 1 A ASP 638 ? OD1 ? A ASP 37  OD1 
5  1 Y 1 A ASP 638 ? OD2 ? A ASP 37  OD2 
6  1 Y 1 A THR 639 ? OG1 ? A THR 38  OG1 
7  1 Y 1 A THR 639 ? CG2 ? A THR 38  CG2 
8  1 Y 1 A THR 640 ? OG1 ? A THR 39  OG1 
9  1 Y 1 A THR 640 ? CG2 ? A THR 39  CG2 
10 1 Y 1 A LYS 641 ? CG  ? A LYS 40  CG  
11 1 Y 1 A LYS 641 ? CD  ? A LYS 40  CD  
12 1 Y 1 A LYS 641 ? CE  ? A LYS 40  CE  
13 1 Y 1 A LYS 641 ? NZ  ? A LYS 40  NZ  
14 1 Y 1 A THR 642 ? OG1 ? A THR 41  OG1 
15 1 Y 1 A THR 642 ? CG2 ? A THR 41  CG2 
16 1 Y 1 A LYS 643 ? CG  ? A LYS 42  CG  
17 1 Y 1 A LYS 643 ? CD  ? A LYS 42  CD  
18 1 Y 1 A LYS 643 ? CE  ? A LYS 42  CE  
19 1 Y 1 A LYS 643 ? NZ  ? A LYS 42  NZ  
20 1 Y 1 A THR 644 ? OG1 ? A THR 43  OG1 
21 1 Y 1 A THR 644 ? CG2 ? A THR 43  CG2 
22 1 Y 1 A LEU 645 ? CG  ? A LEU 44  CG  
23 1 Y 1 A LEU 645 ? CD1 ? A LEU 44  CD1 
24 1 Y 1 A LEU 645 ? CD2 ? A LEU 44  CD2 
25 1 Y 1 A ASP 646 ? CG  ? A ASP 45  CG  
26 1 Y 1 A ASP 646 ? OD1 ? A ASP 45  OD1 
27 1 Y 1 A ASP 646 ? OD2 ? A ASP 45  OD2 
28 1 Y 1 A ARG 664 ? CG  ? A ARG 63  CG  
29 1 Y 1 A ARG 664 ? CD  ? A ARG 63  CD  
30 1 Y 1 A ARG 664 ? NE  ? A ARG 63  NE  
31 1 Y 1 A ARG 664 ? CZ  ? A ARG 63  CZ  
32 1 Y 1 A ARG 664 ? NH1 ? A ARG 63  NH1 
33 1 Y 1 A ARG 664 ? NH2 ? A ARG 63  NH2 
34 1 Y 1 A GLU 700 ? CG  ? A GLU 99  CG  
35 1 Y 1 A GLU 700 ? CD  ? A GLU 99  CD  
36 1 Y 1 A GLU 700 ? OE1 ? A GLU 99  OE1 
37 1 Y 1 A GLU 700 ? OE2 ? A GLU 99  OE2 
38 1 Y 1 A GLU 701 ? CG  ? A GLU 100 CG  
39 1 Y 1 A GLU 701 ? CD  ? A GLU 100 CD  
40 1 Y 1 A GLU 701 ? OE1 ? A GLU 100 OE1 
41 1 Y 1 A GLU 701 ? OE2 ? A GLU 100 OE2 
42 1 Y 1 A LYS 704 ? CG  ? A LYS 103 CG  
43 1 Y 1 A LYS 704 ? CD  ? A LYS 103 CD  
44 1 Y 1 A LYS 704 ? CE  ? A LYS 103 CE  
45 1 Y 1 A LYS 704 ? NZ  ? A LYS 103 NZ  
# 
loop_
_software.name 
_software.classification 
_software.version 
_software.citation_id 
_software.pdbx_ordinal 
MAR345 'data collection' CCD ? 1 
PHENIX 'model building'  .   ? 2 
CNS    refinement        1.2 ? 3 
MOSFLM 'data reduction'  .   ? 4 
SCALA  'data scaling'    .   ? 5 
PHENIX phasing           .   ? 6 
# 
_cell.entry_id           3H4R 
_cell.length_a           123.200 
_cell.length_b           123.200 
_cell.length_c           67.260 
_cell.angle_alpha        90.00 
_cell.angle_beta         90.00 
_cell.angle_gamma        90.00 
_cell.Z_PDB              8 
_cell.pdbx_unique_axis   ? 
_cell.length_a_esd       ? 
_cell.length_b_esd       ? 
_cell.length_c_esd       ? 
_cell.angle_alpha_esd    ? 
_cell.angle_beta_esd     ? 
_cell.angle_gamma_esd    ? 
# 
_symmetry.entry_id                         3H4R 
_symmetry.space_group_name_H-M             'P 4 21 2' 
_symmetry.pdbx_full_space_group_name_H-M   ? 
_symmetry.cell_setting                     ? 
_symmetry.Int_Tables_number                90 
_symmetry.space_group_name_Hall            ? 
# 
_exptl.entry_id          3H4R 
_exptl.method            'X-RAY DIFFRACTION' 
_exptl.crystals_number   1 
# 
_exptl_crystal.id                    1 
_exptl_crystal.density_meas          ? 
_exptl_crystal.density_Matthews      4.20 
_exptl_crystal.density_percent_sol   70.70 
_exptl_crystal.description           ? 
_exptl_crystal.F_000                 ? 
_exptl_crystal.preparation           ? 
# 
_exptl_crystal_grow.crystal_id      1 
_exptl_crystal_grow.method          'VAPOR DIFFUSION, HANGING DROP' 
_exptl_crystal_grow.temp            298 
_exptl_crystal_grow.temp_details    ? 
_exptl_crystal_grow.pH              7.0 
_exptl_crystal_grow.pdbx_details    
'30-42% Glycerol, 100 mM DL-malic acid, pH 7.0, VAPOR DIFFUSION, HANGING DROP, temperature 298K' 
_exptl_crystal_grow.pdbx_pH_range   ? 
# 
_diffrn.id                     1 
_diffrn.ambient_temp           100 
_diffrn.ambient_temp_details   ? 
_diffrn.crystal_id             1 
# 
_diffrn_detector.diffrn_id              1 
_diffrn_detector.detector               CCD 
_diffrn_detector.type                   'MAR CCD 165 mm' 
_diffrn_detector.pdbx_collection_date   2007-12-09 
_diffrn_detector.details                ? 
# 
_diffrn_radiation.diffrn_id                        1 
_diffrn_radiation.wavelength_id                    1 
_diffrn_radiation.pdbx_monochromatic_or_laue_m_l   M 
_diffrn_radiation.monochromator                    'Kohzu HLD-4 Diamond(111) Double Crystal' 
_diffrn_radiation.pdbx_diffrn_protocol             'SINGLE WAVELENGTH' 
_diffrn_radiation.pdbx_scattering_type             x-ray 
# 
_diffrn_radiation_wavelength.id           1 
_diffrn_radiation_wavelength.wavelength   0.97929 
_diffrn_radiation_wavelength.wt           1.0 
# 
_diffrn_source.diffrn_id                   1 
_diffrn_source.source                      SYNCHROTRON 
_diffrn_source.type                        'APS BEAMLINE 31-ID' 
_diffrn_source.pdbx_synchrotron_site       APS 
_diffrn_source.pdbx_synchrotron_beamline   31-ID 
_diffrn_source.pdbx_wavelength             ? 
_diffrn_source.pdbx_wavelength_list        0.97929 
# 
_reflns.entry_id                     3H4R 
_reflns.observed_criterion_sigma_I   ? 
_reflns.observed_criterion_sigma_F   ? 
_reflns.d_resolution_low             50.0 
_reflns.d_resolution_high            2.80 
_reflns.number_obs                   13172 
_reflns.number_all                   13172 
_reflns.percent_possible_obs         99.4 
_reflns.pdbx_Rmerge_I_obs            0.080 
_reflns.pdbx_Rsym_value              ? 
_reflns.pdbx_netI_over_sigmaI        19.6 
_reflns.B_iso_Wilson_estimate        33.1 
_reflns.pdbx_redundancy              23.5 
_reflns.R_free_details               ? 
_reflns.limit_h_max                  ? 
_reflns.limit_h_min                  ? 
_reflns.limit_k_max                  ? 
_reflns.limit_k_min                  ? 
_reflns.limit_l_max                  ? 
_reflns.limit_l_min                  ? 
_reflns.observed_criterion_F_max     ? 
_reflns.observed_criterion_F_min     ? 
_reflns.pdbx_chi_squared             ? 
_reflns.pdbx_scaling_rejects         ? 
_reflns.pdbx_ordinal                 1 
_reflns.pdbx_diffrn_id               1 
# 
_reflns_shell.d_res_high             2.80 
_reflns_shell.d_res_low              2.95 
_reflns_shell.percent_possible_all   100 
_reflns_shell.Rmerge_I_obs           0.700 
_reflns_shell.pdbx_Rsym_value        ? 
_reflns_shell.meanI_over_sigI_obs    3.3 
_reflns_shell.pdbx_redundancy        23.4 
_reflns_shell.percent_possible_obs   ? 
_reflns_shell.number_unique_all      ? 
_reflns_shell.number_measured_all    ? 
_reflns_shell.number_measured_obs    ? 
_reflns_shell.number_unique_obs      ? 
_reflns_shell.pdbx_chi_squared       ? 
_reflns_shell.pdbx_ordinal           1 
_reflns_shell.pdbx_diffrn_id         1 
# 
_refine.entry_id                                 3H4R 
_refine.ls_number_reflns_obs                     13172 
_refine.ls_number_reflns_all                     ? 
_refine.pdbx_ls_sigma_I                          ? 
_refine.pdbx_ls_sigma_F                          2.0 
_refine.pdbx_data_cutoff_high_absF               3811437.52 
_refine.pdbx_data_cutoff_low_absF                0.000000 
_refine.pdbx_data_cutoff_high_rms_absF           ? 
_refine.ls_d_res_low                             45.43 
_refine.ls_d_res_high                            2.80 
_refine.ls_percent_reflns_obs                    99.4 
_refine.ls_R_factor_obs                          0.290 
_refine.ls_R_factor_all                          ? 
_refine.ls_R_factor_R_work                       0.290 
_refine.ls_R_factor_R_free                       0.313 
_refine.ls_R_factor_R_free_error                 0.012 
_refine.ls_R_factor_R_free_error_details         ? 
_refine.ls_percent_reflns_R_free                 5.0 
_refine.ls_number_reflns_R_free                  656 
_refine.ls_number_parameters                     ? 
_refine.ls_number_restraints                     ? 
_refine.occupancy_min                            ? 
_refine.occupancy_max                            ? 
_refine.correlation_coeff_Fo_to_Fc               ? 
_refine.correlation_coeff_Fo_to_Fc_free          ? 
_refine.B_iso_mean                               97.3 
_refine.aniso_B[1][1]                            -25.55 
_refine.aniso_B[2][2]                            -25.55 
_refine.aniso_B[3][3]                            51.09 
_refine.aniso_B[1][2]                            0.00 
_refine.aniso_B[1][3]                            0.00 
_refine.aniso_B[2][3]                            0.00 
_refine.solvent_model_details                    'FLAT MODEL' 
_refine.solvent_model_param_ksol                 0.35 
_refine.solvent_model_param_bsol                 65.5675 
_refine.pdbx_solvent_vdw_probe_radii             ? 
_refine.pdbx_solvent_ion_probe_radii             ? 
_refine.pdbx_solvent_shrinkage_radii             ? 
_refine.pdbx_ls_cross_valid_method               THROUGHOUT 
_refine.details                                  'BULK SOLVENT MODEL USED' 
_refine.pdbx_starting_model                      ? 
_refine.pdbx_method_to_determine_struct          SAD 
_refine.pdbx_isotropic_thermal_model             RESTRAINED 
_refine.pdbx_stereochemistry_target_values       'Engh & Huber' 
_refine.pdbx_stereochem_target_val_spec_case     ? 
_refine.pdbx_R_Free_selection_details            RANDOM 
_refine.pdbx_overall_ESU_R                       ? 
_refine.pdbx_overall_ESU_R_Free                  ? 
_refine.overall_SU_ML                            ? 
_refine.overall_SU_B                             ? 
_refine.ls_redundancy_reflns_obs                 ? 
_refine.B_iso_min                                ? 
_refine.B_iso_max                                ? 
_refine.overall_SU_R_Cruickshank_DPI             ? 
_refine.overall_SU_R_free                        ? 
_refine.ls_wR_factor_R_free                      ? 
_refine.ls_wR_factor_R_work                      ? 
_refine.overall_FOM_free_R_set                   ? 
_refine.overall_FOM_work_R_set                   ? 
_refine.pdbx_overall_phase_error                 ? 
_refine.pdbx_refine_id                           'X-RAY DIFFRACTION' 
_refine.pdbx_diffrn_id                           1 
_refine.pdbx_TLS_residual_ADP_flag               ? 
_refine.pdbx_overall_SU_R_free_Cruickshank_DPI   ? 
_refine.pdbx_overall_SU_R_Blow_DPI               ? 
_refine.pdbx_overall_SU_R_free_Blow_DPI          ? 
# 
_refine_analyze.entry_id                        3H4R 
_refine_analyze.Luzzati_coordinate_error_obs    0.52 
_refine_analyze.Luzzati_sigma_a_obs             0.83 
_refine_analyze.Luzzati_d_res_low_obs           5.00 
_refine_analyze.Luzzati_coordinate_error_free   0.58 
_refine_analyze.Luzzati_sigma_a_free            0.99 
_refine_analyze.Luzzati_d_res_low_free          ? 
_refine_analyze.number_disordered_residues      ? 
_refine_analyze.occupancy_sum_hydrogen          ? 
_refine_analyze.occupancy_sum_non_hydrogen      ? 
_refine_analyze.pdbx_Luzzati_d_res_high_obs     ? 
_refine_analyze.pdbx_refine_id                  'X-RAY DIFFRACTION' 
# 
_refine_hist.pdbx_refine_id                   'X-RAY DIFFRACTION' 
_refine_hist.cycle_id                         LAST 
_refine_hist.pdbx_number_atoms_protein        1736 
_refine_hist.pdbx_number_atoms_nucleic_acid   0 
_refine_hist.pdbx_number_atoms_ligand         0 
_refine_hist.number_atoms_solvent             0 
_refine_hist.number_atoms_total               1736 
_refine_hist.d_res_high                       2.80 
_refine_hist.d_res_low                        45.43 
# 
loop_
_refine_ls_restr.type 
_refine_ls_restr.dev_ideal 
_refine_ls_restr.dev_ideal_target 
_refine_ls_restr.weight 
_refine_ls_restr.number 
_refine_ls_restr.pdbx_refine_id 
_refine_ls_restr.pdbx_restraint_function 
c_bond_d           0.009 ?    ? ? 'X-RAY DIFFRACTION' ? 
c_angle_deg        1.4   ?    ? ? 'X-RAY DIFFRACTION' ? 
c_dihedral_angle_d 23.5  ?    ? ? 'X-RAY DIFFRACTION' ? 
c_improper_angle_d 0.89  ?    ? ? 'X-RAY DIFFRACTION' ? 
c_mcbond_it        1.48  1.50 ? ? 'X-RAY DIFFRACTION' ? 
c_mcangle_it       2.59  2.00 ? ? 'X-RAY DIFFRACTION' ? 
c_scbond_it        1.67  2.00 ? ? 'X-RAY DIFFRACTION' ? 
c_scangle_it       2.69  2.50 ? ? 'X-RAY DIFFRACTION' ? 
# 
_refine_ls_shell.pdbx_total_number_of_bins_used   6 
_refine_ls_shell.d_res_high                       2.80 
_refine_ls_shell.d_res_low                        2.98 
_refine_ls_shell.number_reflns_R_work             2028 
_refine_ls_shell.R_factor_R_work                  0.476 
_refine_ls_shell.percent_reflns_obs               99.9 
_refine_ls_shell.R_factor_R_free                  0.473 
_refine_ls_shell.R_factor_R_free_error            0.045 
_refine_ls_shell.percent_reflns_R_free            5.2 
_refine_ls_shell.number_reflns_R_free             112 
_refine_ls_shell.number_reflns_all                ? 
_refine_ls_shell.R_factor_all                     ? 
_refine_ls_shell.number_reflns_obs                ? 
_refine_ls_shell.redundancy_reflns_obs            ? 
_refine_ls_shell.pdbx_refine_id                   'X-RAY DIFFRACTION' 
# 
_pdbx_xplor_file.serial_no        1 
_pdbx_xplor_file.param_file       protein_rep.param 
_pdbx_xplor_file.topol_file       protein.top 
_pdbx_xplor_file.pdbx_refine_id   'X-RAY DIFFRACTION' 
# 
_struct.entry_id                  3H4R 
_struct.title                     'Crystal structure of E. coli RecE exonuclease' 
_struct.pdbx_model_details        ? 
_struct.pdbx_CASP_flag            N 
_struct.pdbx_model_type_details   ? 
# 
_struct_keywords.entry_id        3H4R 
_struct_keywords.pdbx_keywords   HYDROLASE 
_struct_keywords.text            'Exonuclease, Recombination, Hydrolase, Nuclease' 
# 
_struct_asym.id                            A 
_struct_asym.pdbx_blank_PDB_chainid_flag   N 
_struct_asym.pdbx_modified                 N 
_struct_asym.entity_id                     1 
_struct_asym.details                       ? 
# 
_struct_ref.id                         1 
_struct_ref.db_name                    UNP 
_struct_ref.db_code                    RECE_ECOLI 
_struct_ref.pdbx_db_accession          P15032 
_struct_ref.entity_id                  1 
_struct_ref.pdbx_seq_one_letter_code   
;ENYHAGPGISKSQLDDIADTPALYLWRKNAPVDTTKTKTLDLGTAFHCRVLEPEEFSNRFIVAPEFNRRTNAGKEEEKAF
LMECASTGKTVITAEEGRKIELMYQSVMALPLGQWLVESAGHAESSIYWEDPETGILCRCRPDKIIPEFHWIMDVKTTAD
IQRFKTAYYDYRYHVQDAFYSDGYEAQFGVQPTFVFLVASTTIECGRYPVEIFMMGEEAKLAGQQEYHRNLRTLSDCLNT
DEWPAIKTLSLPRWAKEYAND
;
_struct_ref.pdbx_align_begin           606 
_struct_ref.pdbx_db_isoform            ? 
# 
_struct_ref_seq.align_id                      1 
_struct_ref_seq.ref_id                        1 
_struct_ref_seq.pdbx_PDB_id_code              3H4R 
_struct_ref_seq.pdbx_strand_id                A 
_struct_ref_seq.seq_align_beg                 5 
_struct_ref_seq.pdbx_seq_align_beg_ins_code   ? 
_struct_ref_seq.seq_align_end                 265 
_struct_ref_seq.pdbx_seq_align_end_ins_code   ? 
_struct_ref_seq.pdbx_db_accession             P15032 
_struct_ref_seq.db_align_beg                  606 
_struct_ref_seq.pdbx_db_align_beg_ins_code    ? 
_struct_ref_seq.db_align_end                  866 
_struct_ref_seq.pdbx_db_align_end_ins_code    ? 
_struct_ref_seq.pdbx_auth_seq_align_beg       606 
_struct_ref_seq.pdbx_auth_seq_align_end       866 
# 
loop_
_struct_ref_seq_dif.align_id 
_struct_ref_seq_dif.pdbx_pdb_id_code 
_struct_ref_seq_dif.mon_id 
_struct_ref_seq_dif.pdbx_pdb_strand_id 
_struct_ref_seq_dif.seq_num 
_struct_ref_seq_dif.pdbx_pdb_ins_code 
_struct_ref_seq_dif.pdbx_seq_db_name 
_struct_ref_seq_dif.pdbx_seq_db_accession_code 
_struct_ref_seq_dif.db_mon_id 
_struct_ref_seq_dif.pdbx_seq_db_seq_num 
_struct_ref_seq_dif.details 
_struct_ref_seq_dif.pdbx_auth_seq_num 
_struct_ref_seq_dif.pdbx_ordinal 
1 3H4R GLY A 1  ? UNP P15032 ?   ?   'expression tag'      -3  1 
1 3H4R SER A 2  ? UNP P15032 ?   ?   'expression tag'      -2  2 
1 3H4R HIS A 3  ? UNP P15032 ?   ?   'expression tag'      -1  3 
1 3H4R MET A 4  ? UNP P15032 ?   ?   'expression tag'      0   4 
1 3H4R LEU A 57 ? UNP P15032 PRO 658 'engineered mutation' 658 5 
# 
_pdbx_struct_assembly.id                   1 
_pdbx_struct_assembly.details              author_and_software_defined_assembly 
_pdbx_struct_assembly.method_details       PISA 
_pdbx_struct_assembly.oligomeric_details   tetrameric 
_pdbx_struct_assembly.oligomeric_count     4 
# 
loop_
_pdbx_struct_assembly_prop.biol_id 
_pdbx_struct_assembly_prop.type 
_pdbx_struct_assembly_prop.value 
_pdbx_struct_assembly_prop.details 
1 'ABSA (A^2)' 10840 ? 
1 MORE         -59.7 ? 
1 'SSA (A^2)'  41690 ? 
# 
_pdbx_struct_assembly_gen.assembly_id       1 
_pdbx_struct_assembly_gen.oper_expression   1,2,3,4 
_pdbx_struct_assembly_gen.asym_id_list      A 
# 
loop_
_pdbx_struct_oper_list.id 
_pdbx_struct_oper_list.type 
_pdbx_struct_oper_list.name 
_pdbx_struct_oper_list.symmetry_operation 
_pdbx_struct_oper_list.matrix[1][1] 
_pdbx_struct_oper_list.matrix[1][2] 
_pdbx_struct_oper_list.matrix[1][3] 
_pdbx_struct_oper_list.vector[1] 
_pdbx_struct_oper_list.matrix[2][1] 
_pdbx_struct_oper_list.matrix[2][2] 
_pdbx_struct_oper_list.matrix[2][3] 
_pdbx_struct_oper_list.vector[2] 
_pdbx_struct_oper_list.matrix[3][1] 
_pdbx_struct_oper_list.matrix[3][2] 
_pdbx_struct_oper_list.matrix[3][3] 
_pdbx_struct_oper_list.vector[3] 
1 'identity operation'         1_555 x,y,z          1.0000000000  0.0000000000  0.0000000000  0.0000000000   0.0000000000  1.0000000000 0.0000000000  0.0000000000   0.0000000000  0.0000000000  1.0000000000  0.0000000000  
2 'crystal symmetry operation' 2_545 -x,-y-1,z      -0.1137964576 -0.9906003253 0.0759036340  7.3427007069   -0.9906003253 0.1072952856 -0.0848452539 10.4633815177  0.0759036340  -0.0848452539 -0.9934988280 50.8263116556 
3 'crystal symmetry operation' 3_445 -y-1/2,x-1/2,z 0.4431017712  -0.4382862521 0.7820268420  -15.5362233531 -0.5523140733 0.5536476428 0.6232362731  -11.4754845552 -0.7061232080 -0.7080815270 0.0032505860  31.6274374497 
4 'crystal symmetry operation' 4_545 y+1/2,-x-1/2,z 0.4431017712  -0.5523140733 -0.7061232080 22.8789240601  -0.4382862521 0.5536476428 -0.7080815270 21.9388660729  0.7820268420  0.6232362731  0.0032505860  19.1988742060 
# 
_struct_biol.id        1 
_struct_biol.details   ? 
# 
loop_
_struct_conf.conf_type_id 
_struct_conf.id 
_struct_conf.pdbx_PDB_helix_id 
_struct_conf.beg_label_comp_id 
_struct_conf.beg_label_asym_id 
_struct_conf.beg_label_seq_id 
_struct_conf.pdbx_beg_PDB_ins_code 
_struct_conf.end_label_comp_id 
_struct_conf.end_label_asym_id 
_struct_conf.end_label_seq_id 
_struct_conf.pdbx_end_PDB_ins_code 
_struct_conf.beg_auth_comp_id 
_struct_conf.beg_auth_asym_id 
_struct_conf.beg_auth_seq_id 
_struct_conf.end_auth_comp_id 
_struct_conf.end_auth_asym_id 
_struct_conf.end_auth_seq_id 
_struct_conf.pdbx_PDB_helix_class 
_struct_conf.details 
_struct_conf.pdbx_PDB_helix_length 
HELX_P HELX_P1  1  SER A 14  ? THR A 24  ? SER A 615 THR A 625 1 ? 11 
HELX_P HELX_P2  2  THR A 24  ? LYS A 32  ? THR A 625 LYS A 633 1 ? 9  
HELX_P HELX_P3  3  ASP A 45  ? LEU A 55  ? ASP A 646 LEU A 656 1 ? 11 
HELX_P HELX_P4  4  GLU A 56  ? SER A 61  ? GLU A 657 SER A 662 1 ? 6  
HELX_P HELX_P5  5  ARG A 102 ? MET A 112 ? ARG A 703 MET A 713 1 ? 11 
HELX_P HELX_P6  6  LEU A 114 ? GLU A 122 ? LEU A 715 GLU A 723 1 ? 9  
HELX_P HELX_P7  7  PRO A 151 ? PHE A 153 ? PRO A 752 PHE A 754 5 ? 3  
HELX_P HELX_P8  8  ASP A 164 ? TYR A 172 ? ASP A 765 TYR A 773 1 ? 9  
HELX_P HELX_P9  9  TYR A 173 ? TYR A 175 ? TYR A 774 TYR A 776 5 ? 3  
HELX_P HELX_P10 10 HIS A 178 ? GLY A 193 ? HIS A 779 GLY A 794 1 ? 16 
HELX_P HELX_P11 11 GLY A 220 ? THR A 244 ? GLY A 821 THR A 845 1 ? 25 
# 
_struct_conf_type.id          HELX_P 
_struct_conf_type.criteria    ? 
_struct_conf_type.reference   ? 
# 
loop_
_struct_sheet.id 
_struct_sheet.type 
_struct_sheet.number_strands 
_struct_sheet.details 
A ? 2 ? 
B ? 4 ? 
# 
loop_
_struct_sheet_order.sheet_id 
_struct_sheet_order.range_id_1 
_struct_sheet_order.range_id_2 
_struct_sheet_order.offset 
_struct_sheet_order.sense 
A 1 2 ? anti-parallel 
B 1 2 ? anti-parallel 
B 2 3 ? parallel      
B 3 4 ? anti-parallel 
# 
loop_
_struct_sheet_range.sheet_id 
_struct_sheet_range.id 
_struct_sheet_range.beg_label_comp_id 
_struct_sheet_range.beg_label_asym_id 
_struct_sheet_range.beg_label_seq_id 
_struct_sheet_range.pdbx_beg_PDB_ins_code 
_struct_sheet_range.end_label_comp_id 
_struct_sheet_range.end_label_asym_id 
_struct_sheet_range.end_label_seq_id 
_struct_sheet_range.pdbx_end_PDB_ins_code 
_struct_sheet_range.beg_auth_comp_id 
_struct_sheet_range.beg_auth_asym_id 
_struct_sheet_range.beg_auth_seq_id 
_struct_sheet_range.end_auth_comp_id 
_struct_sheet_range.end_auth_asym_id 
_struct_sheet_range.end_auth_seq_id 
A 1 ILE A 131 ? GLU A 134 ? ILE A 732 GLU A 735 
A 2 LEU A 141 ? CYS A 144 ? LEU A 742 CYS A 745 
B 1 LYS A 148 ? ILE A 150 ? LYS A 749 ILE A 751 
B 2 TRP A 155 ? THR A 162 ? TRP A 756 THR A 763 
B 3 THR A 197 ? SER A 204 ? THR A 798 SER A 805 
B 4 VAL A 214 ? MET A 218 ? VAL A 815 MET A 819 
# 
loop_
_pdbx_struct_sheet_hbond.sheet_id 
_pdbx_struct_sheet_hbond.range_id_1 
_pdbx_struct_sheet_hbond.range_id_2 
_pdbx_struct_sheet_hbond.range_1_label_atom_id 
_pdbx_struct_sheet_hbond.range_1_label_comp_id 
_pdbx_struct_sheet_hbond.range_1_label_asym_id 
_pdbx_struct_sheet_hbond.range_1_label_seq_id 
_pdbx_struct_sheet_hbond.range_1_PDB_ins_code 
_pdbx_struct_sheet_hbond.range_1_auth_atom_id 
_pdbx_struct_sheet_hbond.range_1_auth_comp_id 
_pdbx_struct_sheet_hbond.range_1_auth_asym_id 
_pdbx_struct_sheet_hbond.range_1_auth_seq_id 
_pdbx_struct_sheet_hbond.range_2_label_atom_id 
_pdbx_struct_sheet_hbond.range_2_label_comp_id 
_pdbx_struct_sheet_hbond.range_2_label_asym_id 
_pdbx_struct_sheet_hbond.range_2_label_seq_id 
_pdbx_struct_sheet_hbond.range_2_PDB_ins_code 
_pdbx_struct_sheet_hbond.range_2_auth_atom_id 
_pdbx_struct_sheet_hbond.range_2_auth_comp_id 
_pdbx_struct_sheet_hbond.range_2_auth_asym_id 
_pdbx_struct_sheet_hbond.range_2_auth_seq_id 
A 1 2 N TRP A 133 ? N TRP A 734 O CYS A 142 ? O CYS A 743 
B 1 2 N ILE A 150 ? N ILE A 751 O TRP A 155 ? O TRP A 756 
B 2 3 N ILE A 156 ? N ILE A 757 O THR A 197 ? O THR A 798 
B 3 4 N PHE A 200 ? N PHE A 801 O PHE A 217 ? O PHE A 818 
# 
loop_
_pdbx_validate_torsion.id 
_pdbx_validate_torsion.PDB_model_num 
_pdbx_validate_torsion.auth_comp_id 
_pdbx_validate_torsion.auth_asym_id 
_pdbx_validate_torsion.auth_seq_id 
_pdbx_validate_torsion.PDB_ins_code 
_pdbx_validate_torsion.label_alt_id 
_pdbx_validate_torsion.phi 
_pdbx_validate_torsion.psi 
1  1 PRO A 626 ? ? -37.52  -38.35  
2  1 LEU A 628 ? ? -49.67  -13.42  
3  1 LYS A 633 ? ? -78.27  49.80   
4  1 ASN A 634 ? ? -173.78 -46.68  
5  1 THR A 639 ? ? -48.08  87.49   
6  1 THR A 640 ? ? -163.49 54.07   
7  1 LYS A 641 ? ? -54.89  86.77   
8  1 LYS A 643 ? ? 177.50  -30.44  
9  1 ASP A 646 ? ? -67.49  34.42   
10 1 LEU A 656 ? ? -89.44  -75.72  
11 1 ASN A 663 ? ? -91.25  -152.24 
12 1 GLU A 723 ? ? -83.72  -115.32 
13 1 SER A 724 ? ? 46.03   -169.62 
14 1 ALA A 728 ? ? -101.49 -107.76 
15 1 GLU A 729 ? ? -60.42  7.25    
16 1 LYS A 770 ? ? -34.09  -10.92  
17 1 ALA A 791 ? ? -64.71  50.41   
18 1 GLN A 792 ? ? 175.27  -19.89  
19 1 THR A 806 ? ? -104.55 51.32   
20 1 THR A 807 ? ? -164.75 79.60   
21 1 ILE A 808 ? ? -35.90  143.06  
22 1 GLU A 822 ? ? -29.89  -49.20  
23 1 ASP A 846 ? ? 13.72   27.07   
24 1 LEU A 856 ? ? -37.54  143.27  
25 1 GLU A 862 ? ? -58.63  8.58    
26 1 TYR A 863 ? ? 176.15  96.42   
# 
_pdbx_validate_planes.id              1 
_pdbx_validate_planes.PDB_model_num   1 
_pdbx_validate_planes.auth_comp_id    TYR 
_pdbx_validate_planes.auth_asym_id    A 
_pdbx_validate_planes.auth_seq_id     863 
_pdbx_validate_planes.PDB_ins_code    ? 
_pdbx_validate_planes.label_alt_id    ? 
_pdbx_validate_planes.rmsd            0.069 
_pdbx_validate_planes.type            'SIDE CHAIN' 
# 
loop_
_pdbx_unobs_or_zero_occ_residues.id 
_pdbx_unobs_or_zero_occ_residues.PDB_model_num 
_pdbx_unobs_or_zero_occ_residues.polymer_flag 
_pdbx_unobs_or_zero_occ_residues.occupancy_flag 
_pdbx_unobs_or_zero_occ_residues.auth_asym_id 
_pdbx_unobs_or_zero_occ_residues.auth_comp_id 
_pdbx_unobs_or_zero_occ_residues.auth_seq_id 
_pdbx_unobs_or_zero_occ_residues.PDB_ins_code 
_pdbx_unobs_or_zero_occ_residues.label_asym_id 
_pdbx_unobs_or_zero_occ_residues.label_comp_id 
_pdbx_unobs_or_zero_occ_residues.label_seq_id 
1  1 Y 1 A GLY -3  ? A GLY 1   
2  1 Y 1 A SER -2  ? A SER 2   
3  1 Y 1 A HIS -1  ? A HIS 3   
4  1 Y 1 A MET 0   ? A MET 4   
5  1 Y 1 A GLU 606 ? A GLU 5   
6  1 Y 1 A ASN 607 ? A ASN 6   
7  1 Y 1 A TYR 608 ? A TYR 7   
8  1 Y 1 A HIS 609 ? A HIS 8   
9  1 Y 1 A ALA 610 ? A ALA 9   
10 1 Y 1 A GLY 611 ? A GLY 10  
11 1 Y 1 A PHE 665 ? A PHE 64  
12 1 Y 1 A ILE 666 ? A ILE 65  
13 1 Y 1 A VAL 667 ? A VAL 66  
14 1 Y 1 A ALA 668 ? A ALA 67  
15 1 Y 1 A PRO 669 ? A PRO 68  
16 1 Y 1 A GLU 670 ? A GLU 69  
17 1 Y 1 A PHE 671 ? A PHE 70  
18 1 Y 1 A ASN 672 ? A ASN 71  
19 1 Y 1 A ARG 673 ? A ARG 72  
20 1 Y 1 A ARG 674 ? A ARG 73  
21 1 Y 1 A THR 675 ? A THR 74  
22 1 Y 1 A ASN 676 ? A ASN 75  
23 1 Y 1 A ALA 677 ? A ALA 76  
24 1 Y 1 A GLY 678 ? A GLY 77  
25 1 Y 1 A LYS 679 ? A LYS 78  
26 1 Y 1 A GLU 680 ? A GLU 79  
27 1 Y 1 A GLU 681 ? A GLU 80  
28 1 Y 1 A GLU 682 ? A GLU 81  
29 1 Y 1 A LYS 683 ? A LYS 82  
30 1 Y 1 A ALA 684 ? A ALA 83  
31 1 Y 1 A PHE 685 ? A PHE 84  
32 1 Y 1 A LEU 686 ? A LEU 85  
33 1 Y 1 A MET 687 ? A MET 86  
34 1 Y 1 A GLU 688 ? A GLU 87  
35 1 Y 1 A CYS 689 ? A CYS 88  
36 1 Y 1 A ALA 690 ? A ALA 89  
37 1 Y 1 A SER 691 ? A SER 90  
38 1 Y 1 A THR 692 ? A THR 91  
39 1 Y 1 A GLY 693 ? A GLY 92  
40 1 Y 1 A LYS 694 ? A LYS 93  
41 1 Y 1 A THR 695 ? A THR 94  
42 1 Y 1 A VAL 696 ? A VAL 95  
43 1 Y 1 A ILE 697 ? A ILE 96  
44 1 Y 1 A THR 698 ? A THR 97  
45 1 Y 1 A ASN 865 ? A ASN 264 
46 1 Y 1 A ASP 866 ? A ASP 265 
# 
loop_
_chem_comp_atom.comp_id 
_chem_comp_atom.atom_id 
_chem_comp_atom.type_symbol 
_chem_comp_atom.pdbx_aromatic_flag 
_chem_comp_atom.pdbx_stereo_config 
_chem_comp_atom.pdbx_ordinal 
ALA N    N N N 1   
ALA CA   C N S 2   
ALA C    C N N 3   
ALA O    O N N 4   
ALA CB   C N N 5   
ALA OXT  O N N 6   
ALA H    H N N 7   
ALA H2   H N N 8   
ALA HA   H N N 9   
ALA HB1  H N N 10  
ALA HB2  H N N 11  
ALA HB3  H N N 12  
ALA HXT  H N N 13  
ARG N    N N N 14  
ARG CA   C N S 15  
ARG C    C N N 16  
ARG O    O N N 17  
ARG CB   C N N 18  
ARG CG   C N N 19  
ARG CD   C N N 20  
ARG NE   N N N 21  
ARG CZ   C N N 22  
ARG NH1  N N N 23  
ARG NH2  N N N 24  
ARG OXT  O N N 25  
ARG H    H N N 26  
ARG H2   H N N 27  
ARG HA   H N N 28  
ARG HB2  H N N 29  
ARG HB3  H N N 30  
ARG HG2  H N N 31  
ARG HG3  H N N 32  
ARG HD2  H N N 33  
ARG HD3  H N N 34  
ARG HE   H N N 35  
ARG HH11 H N N 36  
ARG HH12 H N N 37  
ARG HH21 H N N 38  
ARG HH22 H N N 39  
ARG HXT  H N N 40  
ASN N    N N N 41  
ASN CA   C N S 42  
ASN C    C N N 43  
ASN O    O N N 44  
ASN CB   C N N 45  
ASN CG   C N N 46  
ASN OD1  O N N 47  
ASN ND2  N N N 48  
ASN OXT  O N N 49  
ASN H    H N N 50  
ASN H2   H N N 51  
ASN HA   H N N 52  
ASN HB2  H N N 53  
ASN HB3  H N N 54  
ASN HD21 H N N 55  
ASN HD22 H N N 56  
ASN HXT  H N N 57  
ASP N    N N N 58  
ASP CA   C N S 59  
ASP C    C N N 60  
ASP O    O N N 61  
ASP CB   C N N 62  
ASP CG   C N N 63  
ASP OD1  O N N 64  
ASP OD2  O N N 65  
ASP OXT  O N N 66  
ASP H    H N N 67  
ASP H2   H N N 68  
ASP HA   H N N 69  
ASP HB2  H N N 70  
ASP HB3  H N N 71  
ASP HD2  H N N 72  
ASP HXT  H N N 73  
CYS N    N N N 74  
CYS CA   C N R 75  
CYS C    C N N 76  
CYS O    O N N 77  
CYS CB   C N N 78  
CYS SG   S N N 79  
CYS OXT  O N N 80  
CYS H    H N N 81  
CYS H2   H N N 82  
CYS HA   H N N 83  
CYS HB2  H N N 84  
CYS HB3  H N N 85  
CYS HG   H N N 86  
CYS HXT  H N N 87  
GLN N    N N N 88  
GLN CA   C N S 89  
GLN C    C N N 90  
GLN O    O N N 91  
GLN CB   C N N 92  
GLN CG   C N N 93  
GLN CD   C N N 94  
GLN OE1  O N N 95  
GLN NE2  N N N 96  
GLN OXT  O N N 97  
GLN H    H N N 98  
GLN H2   H N N 99  
GLN HA   H N N 100 
GLN HB2  H N N 101 
GLN HB3  H N N 102 
GLN HG2  H N N 103 
GLN HG3  H N N 104 
GLN HE21 H N N 105 
GLN HE22 H N N 106 
GLN HXT  H N N 107 
GLU N    N N N 108 
GLU CA   C N S 109 
GLU C    C N N 110 
GLU O    O N N 111 
GLU CB   C N N 112 
GLU CG   C N N 113 
GLU CD   C N N 114 
GLU OE1  O N N 115 
GLU OE2  O N N 116 
GLU OXT  O N N 117 
GLU H    H N N 118 
GLU H2   H N N 119 
GLU HA   H N N 120 
GLU HB2  H N N 121 
GLU HB3  H N N 122 
GLU HG2  H N N 123 
GLU HG3  H N N 124 
GLU HE2  H N N 125 
GLU HXT  H N N 126 
GLY N    N N N 127 
GLY CA   C N N 128 
GLY C    C N N 129 
GLY O    O N N 130 
GLY OXT  O N N 131 
GLY H    H N N 132 
GLY H2   H N N 133 
GLY HA2  H N N 134 
GLY HA3  H N N 135 
GLY HXT  H N N 136 
HIS N    N N N 137 
HIS CA   C N S 138 
HIS C    C N N 139 
HIS O    O N N 140 
HIS CB   C N N 141 
HIS CG   C Y N 142 
HIS ND1  N Y N 143 
HIS CD2  C Y N 144 
HIS CE1  C Y N 145 
HIS NE2  N Y N 146 
HIS OXT  O N N 147 
HIS H    H N N 148 
HIS H2   H N N 149 
HIS HA   H N N 150 
HIS HB2  H N N 151 
HIS HB3  H N N 152 
HIS HD1  H N N 153 
HIS HD2  H N N 154 
HIS HE1  H N N 155 
HIS HE2  H N N 156 
HIS HXT  H N N 157 
ILE N    N N N 158 
ILE CA   C N S 159 
ILE C    C N N 160 
ILE O    O N N 161 
ILE CB   C N S 162 
ILE CG1  C N N 163 
ILE CG2  C N N 164 
ILE CD1  C N N 165 
ILE OXT  O N N 166 
ILE H    H N N 167 
ILE H2   H N N 168 
ILE HA   H N N 169 
ILE HB   H N N 170 
ILE HG12 H N N 171 
ILE HG13 H N N 172 
ILE HG21 H N N 173 
ILE HG22 H N N 174 
ILE HG23 H N N 175 
ILE HD11 H N N 176 
ILE HD12 H N N 177 
ILE HD13 H N N 178 
ILE HXT  H N N 179 
LEU N    N N N 180 
LEU CA   C N S 181 
LEU C    C N N 182 
LEU O    O N N 183 
LEU CB   C N N 184 
LEU CG   C N N 185 
LEU CD1  C N N 186 
LEU CD2  C N N 187 
LEU OXT  O N N 188 
LEU H    H N N 189 
LEU H2   H N N 190 
LEU HA   H N N 191 
LEU HB2  H N N 192 
LEU HB3  H N N 193 
LEU HG   H N N 194 
LEU HD11 H N N 195 
LEU HD12 H N N 196 
LEU HD13 H N N 197 
LEU HD21 H N N 198 
LEU HD22 H N N 199 
LEU HD23 H N N 200 
LEU HXT  H N N 201 
LYS N    N N N 202 
LYS CA   C N S 203 
LYS C    C N N 204 
LYS O    O N N 205 
LYS CB   C N N 206 
LYS CG   C N N 207 
LYS CD   C N N 208 
LYS CE   C N N 209 
LYS NZ   N N N 210 
LYS OXT  O N N 211 
LYS H    H N N 212 
LYS H2   H N N 213 
LYS HA   H N N 214 
LYS HB2  H N N 215 
LYS HB3  H N N 216 
LYS HG2  H N N 217 
LYS HG3  H N N 218 
LYS HD2  H N N 219 
LYS HD3  H N N 220 
LYS HE2  H N N 221 
LYS HE3  H N N 222 
LYS HZ1  H N N 223 
LYS HZ2  H N N 224 
LYS HZ3  H N N 225 
LYS HXT  H N N 226 
MET N    N N N 227 
MET CA   C N S 228 
MET C    C N N 229 
MET O    O N N 230 
MET CB   C N N 231 
MET CG   C N N 232 
MET SD   S N N 233 
MET CE   C N N 234 
MET OXT  O N N 235 
MET H    H N N 236 
MET H2   H N N 237 
MET HA   H N N 238 
MET HB2  H N N 239 
MET HB3  H N N 240 
MET HG2  H N N 241 
MET HG3  H N N 242 
MET HE1  H N N 243 
MET HE2  H N N 244 
MET HE3  H N N 245 
MET HXT  H N N 246 
PHE N    N N N 247 
PHE CA   C N S 248 
PHE C    C N N 249 
PHE O    O N N 250 
PHE CB   C N N 251 
PHE CG   C Y N 252 
PHE CD1  C Y N 253 
PHE CD2  C Y N 254 
PHE CE1  C Y N 255 
PHE CE2  C Y N 256 
PHE CZ   C Y N 257 
PHE OXT  O N N 258 
PHE H    H N N 259 
PHE H2   H N N 260 
PHE HA   H N N 261 
PHE HB2  H N N 262 
PHE HB3  H N N 263 
PHE HD1  H N N 264 
PHE HD2  H N N 265 
PHE HE1  H N N 266 
PHE HE2  H N N 267 
PHE HZ   H N N 268 
PHE HXT  H N N 269 
PRO N    N N N 270 
PRO CA   C N S 271 
PRO C    C N N 272 
PRO O    O N N 273 
PRO CB   C N N 274 
PRO CG   C N N 275 
PRO CD   C N N 276 
PRO OXT  O N N 277 
PRO H    H N N 278 
PRO HA   H N N 279 
PRO HB2  H N N 280 
PRO HB3  H N N 281 
PRO HG2  H N N 282 
PRO HG3  H N N 283 
PRO HD2  H N N 284 
PRO HD3  H N N 285 
PRO HXT  H N N 286 
SER N    N N N 287 
SER CA   C N S 288 
SER C    C N N 289 
SER O    O N N 290 
SER CB   C N N 291 
SER OG   O N N 292 
SER OXT  O N N 293 
SER H    H N N 294 
SER H2   H N N 295 
SER HA   H N N 296 
SER HB2  H N N 297 
SER HB3  H N N 298 
SER HG   H N N 299 
SER HXT  H N N 300 
THR N    N N N 301 
THR CA   C N S 302 
THR C    C N N 303 
THR O    O N N 304 
THR CB   C N R 305 
THR OG1  O N N 306 
THR CG2  C N N 307 
THR OXT  O N N 308 
THR H    H N N 309 
THR H2   H N N 310 
THR HA   H N N 311 
THR HB   H N N 312 
THR HG1  H N N 313 
THR HG21 H N N 314 
THR HG22 H N N 315 
THR HG23 H N N 316 
THR HXT  H N N 317 
TRP N    N N N 318 
TRP CA   C N S 319 
TRP C    C N N 320 
TRP O    O N N 321 
TRP CB   C N N 322 
TRP CG   C Y N 323 
TRP CD1  C Y N 324 
TRP CD2  C Y N 325 
TRP NE1  N Y N 326 
TRP CE2  C Y N 327 
TRP CE3  C Y N 328 
TRP CZ2  C Y N 329 
TRP CZ3  C Y N 330 
TRP CH2  C Y N 331 
TRP OXT  O N N 332 
TRP H    H N N 333 
TRP H2   H N N 334 
TRP HA   H N N 335 
TRP HB2  H N N 336 
TRP HB3  H N N 337 
TRP HD1  H N N 338 
TRP HE1  H N N 339 
TRP HE3  H N N 340 
TRP HZ2  H N N 341 
TRP HZ3  H N N 342 
TRP HH2  H N N 343 
TRP HXT  H N N 344 
TYR N    N N N 345 
TYR CA   C N S 346 
TYR C    C N N 347 
TYR O    O N N 348 
TYR CB   C N N 349 
TYR CG   C Y N 350 
TYR CD1  C Y N 351 
TYR CD2  C Y N 352 
TYR CE1  C Y N 353 
TYR CE2  C Y N 354 
TYR CZ   C Y N 355 
TYR OH   O N N 356 
TYR OXT  O N N 357 
TYR H    H N N 358 
TYR H2   H N N 359 
TYR HA   H N N 360 
TYR HB2  H N N 361 
TYR HB3  H N N 362 
TYR HD1  H N N 363 
TYR HD2  H N N 364 
TYR HE1  H N N 365 
TYR HE2  H N N 366 
TYR HH   H N N 367 
TYR HXT  H N N 368 
VAL N    N N N 369 
VAL CA   C N S 370 
VAL C    C N N 371 
VAL O    O N N 372 
VAL CB   C N N 373 
VAL CG1  C N N 374 
VAL CG2  C N N 375 
VAL OXT  O N N 376 
VAL H    H N N 377 
VAL H2   H N N 378 
VAL HA   H N N 379 
VAL HB   H N N 380 
VAL HG11 H N N 381 
VAL HG12 H N N 382 
VAL HG13 H N N 383 
VAL HG21 H N N 384 
VAL HG22 H N N 385 
VAL HG23 H N N 386 
VAL HXT  H N N 387 
# 
loop_
_chem_comp_bond.comp_id 
_chem_comp_bond.atom_id_1 
_chem_comp_bond.atom_id_2 
_chem_comp_bond.value_order 
_chem_comp_bond.pdbx_aromatic_flag 
_chem_comp_bond.pdbx_stereo_config 
_chem_comp_bond.pdbx_ordinal 
ALA N   CA   sing N N 1   
ALA N   H    sing N N 2   
ALA N   H2   sing N N 3   
ALA CA  C    sing N N 4   
ALA CA  CB   sing N N 5   
ALA CA  HA   sing N N 6   
ALA C   O    doub N N 7   
ALA C   OXT  sing N N 8   
ALA CB  HB1  sing N N 9   
ALA CB  HB2  sing N N 10  
ALA CB  HB3  sing N N 11  
ALA OXT HXT  sing N N 12  
ARG N   CA   sing N N 13  
ARG N   H    sing N N 14  
ARG N   H2   sing N N 15  
ARG CA  C    sing N N 16  
ARG CA  CB   sing N N 17  
ARG CA  HA   sing N N 18  
ARG C   O    doub N N 19  
ARG C   OXT  sing N N 20  
ARG CB  CG   sing N N 21  
ARG CB  HB2  sing N N 22  
ARG CB  HB3  sing N N 23  
ARG CG  CD   sing N N 24  
ARG CG  HG2  sing N N 25  
ARG CG  HG3  sing N N 26  
ARG CD  NE   sing N N 27  
ARG CD  HD2  sing N N 28  
ARG CD  HD3  sing N N 29  
ARG NE  CZ   sing N N 30  
ARG NE  HE   sing N N 31  
ARG CZ  NH1  sing N N 32  
ARG CZ  NH2  doub N N 33  
ARG NH1 HH11 sing N N 34  
ARG NH1 HH12 sing N N 35  
ARG NH2 HH21 sing N N 36  
ARG NH2 HH22 sing N N 37  
ARG OXT HXT  sing N N 38  
ASN N   CA   sing N N 39  
ASN N   H    sing N N 40  
ASN N   H2   sing N N 41  
ASN CA  C    sing N N 42  
ASN CA  CB   sing N N 43  
ASN CA  HA   sing N N 44  
ASN C   O    doub N N 45  
ASN C   OXT  sing N N 46  
ASN CB  CG   sing N N 47  
ASN CB  HB2  sing N N 48  
ASN CB  HB3  sing N N 49  
ASN CG  OD1  doub N N 50  
ASN CG  ND2  sing N N 51  
ASN ND2 HD21 sing N N 52  
ASN ND2 HD22 sing N N 53  
ASN OXT HXT  sing N N 54  
ASP N   CA   sing N N 55  
ASP N   H    sing N N 56  
ASP N   H2   sing N N 57  
ASP CA  C    sing N N 58  
ASP CA  CB   sing N N 59  
ASP CA  HA   sing N N 60  
ASP C   O    doub N N 61  
ASP C   OXT  sing N N 62  
ASP CB  CG   sing N N 63  
ASP CB  HB2  sing N N 64  
ASP CB  HB3  sing N N 65  
ASP CG  OD1  doub N N 66  
ASP CG  OD2  sing N N 67  
ASP OD2 HD2  sing N N 68  
ASP OXT HXT  sing N N 69  
CYS N   CA   sing N N 70  
CYS N   H    sing N N 71  
CYS N   H2   sing N N 72  
CYS CA  C    sing N N 73  
CYS CA  CB   sing N N 74  
CYS CA  HA   sing N N 75  
CYS C   O    doub N N 76  
CYS C   OXT  sing N N 77  
CYS CB  SG   sing N N 78  
CYS CB  HB2  sing N N 79  
CYS CB  HB3  sing N N 80  
CYS SG  HG   sing N N 81  
CYS OXT HXT  sing N N 82  
GLN N   CA   sing N N 83  
GLN N   H    sing N N 84  
GLN N   H2   sing N N 85  
GLN CA  C    sing N N 86  
GLN CA  CB   sing N N 87  
GLN CA  HA   sing N N 88  
GLN C   O    doub N N 89  
GLN C   OXT  sing N N 90  
GLN CB  CG   sing N N 91  
GLN CB  HB2  sing N N 92  
GLN CB  HB3  sing N N 93  
GLN CG  CD   sing N N 94  
GLN CG  HG2  sing N N 95  
GLN CG  HG3  sing N N 96  
GLN CD  OE1  doub N N 97  
GLN CD  NE2  sing N N 98  
GLN NE2 HE21 sing N N 99  
GLN NE2 HE22 sing N N 100 
GLN OXT HXT  sing N N 101 
GLU N   CA   sing N N 102 
GLU N   H    sing N N 103 
GLU N   H2   sing N N 104 
GLU CA  C    sing N N 105 
GLU CA  CB   sing N N 106 
GLU CA  HA   sing N N 107 
GLU C   O    doub N N 108 
GLU C   OXT  sing N N 109 
GLU CB  CG   sing N N 110 
GLU CB  HB2  sing N N 111 
GLU CB  HB3  sing N N 112 
GLU CG  CD   sing N N 113 
GLU CG  HG2  sing N N 114 
GLU CG  HG3  sing N N 115 
GLU CD  OE1  doub N N 116 
GLU CD  OE2  sing N N 117 
GLU OE2 HE2  sing N N 118 
GLU OXT HXT  sing N N 119 
GLY N   CA   sing N N 120 
GLY N   H    sing N N 121 
GLY N   H2   sing N N 122 
GLY CA  C    sing N N 123 
GLY CA  HA2  sing N N 124 
GLY CA  HA3  sing N N 125 
GLY C   O    doub N N 126 
GLY C   OXT  sing N N 127 
GLY OXT HXT  sing N N 128 
HIS N   CA   sing N N 129 
HIS N   H    sing N N 130 
HIS N   H2   sing N N 131 
HIS CA  C    sing N N 132 
HIS CA  CB   sing N N 133 
HIS CA  HA   sing N N 134 
HIS C   O    doub N N 135 
HIS C   OXT  sing N N 136 
HIS CB  CG   sing N N 137 
HIS CB  HB2  sing N N 138 
HIS CB  HB3  sing N N 139 
HIS CG  ND1  sing Y N 140 
HIS CG  CD2  doub Y N 141 
HIS ND1 CE1  doub Y N 142 
HIS ND1 HD1  sing N N 143 
HIS CD2 NE2  sing Y N 144 
HIS CD2 HD2  sing N N 145 
HIS CE1 NE2  sing Y N 146 
HIS CE1 HE1  sing N N 147 
HIS NE2 HE2  sing N N 148 
HIS OXT HXT  sing N N 149 
ILE N   CA   sing N N 150 
ILE N   H    sing N N 151 
ILE N   H2   sing N N 152 
ILE CA  C    sing N N 153 
ILE CA  CB   sing N N 154 
ILE CA  HA   sing N N 155 
ILE C   O    doub N N 156 
ILE C   OXT  sing N N 157 
ILE CB  CG1  sing N N 158 
ILE CB  CG2  sing N N 159 
ILE CB  HB   sing N N 160 
ILE CG1 CD1  sing N N 161 
ILE CG1 HG12 sing N N 162 
ILE CG1 HG13 sing N N 163 
ILE CG2 HG21 sing N N 164 
ILE CG2 HG22 sing N N 165 
ILE CG2 HG23 sing N N 166 
ILE CD1 HD11 sing N N 167 
ILE CD1 HD12 sing N N 168 
ILE CD1 HD13 sing N N 169 
ILE OXT HXT  sing N N 170 
LEU N   CA   sing N N 171 
LEU N   H    sing N N 172 
LEU N   H2   sing N N 173 
LEU CA  C    sing N N 174 
LEU CA  CB   sing N N 175 
LEU CA  HA   sing N N 176 
LEU C   O    doub N N 177 
LEU C   OXT  sing N N 178 
LEU CB  CG   sing N N 179 
LEU CB  HB2  sing N N 180 
LEU CB  HB3  sing N N 181 
LEU CG  CD1  sing N N 182 
LEU CG  CD2  sing N N 183 
LEU CG  HG   sing N N 184 
LEU CD1 HD11 sing N N 185 
LEU CD1 HD12 sing N N 186 
LEU CD1 HD13 sing N N 187 
LEU CD2 HD21 sing N N 188 
LEU CD2 HD22 sing N N 189 
LEU CD2 HD23 sing N N 190 
LEU OXT HXT  sing N N 191 
LYS N   CA   sing N N 192 
LYS N   H    sing N N 193 
LYS N   H2   sing N N 194 
LYS CA  C    sing N N 195 
LYS CA  CB   sing N N 196 
LYS CA  HA   sing N N 197 
LYS C   O    doub N N 198 
LYS C   OXT  sing N N 199 
LYS CB  CG   sing N N 200 
LYS CB  HB2  sing N N 201 
LYS CB  HB3  sing N N 202 
LYS CG  CD   sing N N 203 
LYS CG  HG2  sing N N 204 
LYS CG  HG3  sing N N 205 
LYS CD  CE   sing N N 206 
LYS CD  HD2  sing N N 207 
LYS CD  HD3  sing N N 208 
LYS CE  NZ   sing N N 209 
LYS CE  HE2  sing N N 210 
LYS CE  HE3  sing N N 211 
LYS NZ  HZ1  sing N N 212 
LYS NZ  HZ2  sing N N 213 
LYS NZ  HZ3  sing N N 214 
LYS OXT HXT  sing N N 215 
MET N   CA   sing N N 216 
MET N   H    sing N N 217 
MET N   H2   sing N N 218 
MET CA  C    sing N N 219 
MET CA  CB   sing N N 220 
MET CA  HA   sing N N 221 
MET C   O    doub N N 222 
MET C   OXT  sing N N 223 
MET CB  CG   sing N N 224 
MET CB  HB2  sing N N 225 
MET CB  HB3  sing N N 226 
MET CG  SD   sing N N 227 
MET CG  HG2  sing N N 228 
MET CG  HG3  sing N N 229 
MET SD  CE   sing N N 230 
MET CE  HE1  sing N N 231 
MET CE  HE2  sing N N 232 
MET CE  HE3  sing N N 233 
MET OXT HXT  sing N N 234 
PHE N   CA   sing N N 235 
PHE N   H    sing N N 236 
PHE N   H2   sing N N 237 
PHE CA  C    sing N N 238 
PHE CA  CB   sing N N 239 
PHE CA  HA   sing N N 240 
PHE C   O    doub N N 241 
PHE C   OXT  sing N N 242 
PHE CB  CG   sing N N 243 
PHE CB  HB2  sing N N 244 
PHE CB  HB3  sing N N 245 
PHE CG  CD1  doub Y N 246 
PHE CG  CD2  sing Y N 247 
PHE CD1 CE1  sing Y N 248 
PHE CD1 HD1  sing N N 249 
PHE CD2 CE2  doub Y N 250 
PHE CD2 HD2  sing N N 251 
PHE CE1 CZ   doub Y N 252 
PHE CE1 HE1  sing N N 253 
PHE CE2 CZ   sing Y N 254 
PHE CE2 HE2  sing N N 255 
PHE CZ  HZ   sing N N 256 
PHE OXT HXT  sing N N 257 
PRO N   CA   sing N N 258 
PRO N   CD   sing N N 259 
PRO N   H    sing N N 260 
PRO CA  C    sing N N 261 
PRO CA  CB   sing N N 262 
PRO CA  HA   sing N N 263 
PRO C   O    doub N N 264 
PRO C   OXT  sing N N 265 
PRO CB  CG   sing N N 266 
PRO CB  HB2  sing N N 267 
PRO CB  HB3  sing N N 268 
PRO CG  CD   sing N N 269 
PRO CG  HG2  sing N N 270 
PRO CG  HG3  sing N N 271 
PRO CD  HD2  sing N N 272 
PRO CD  HD3  sing N N 273 
PRO OXT HXT  sing N N 274 
SER N   CA   sing N N 275 
SER N   H    sing N N 276 
SER N   H2   sing N N 277 
SER CA  C    sing N N 278 
SER CA  CB   sing N N 279 
SER CA  HA   sing N N 280 
SER C   O    doub N N 281 
SER C   OXT  sing N N 282 
SER CB  OG   sing N N 283 
SER CB  HB2  sing N N 284 
SER CB  HB3  sing N N 285 
SER OG  HG   sing N N 286 
SER OXT HXT  sing N N 287 
THR N   CA   sing N N 288 
THR N   H    sing N N 289 
THR N   H2   sing N N 290 
THR CA  C    sing N N 291 
THR CA  CB   sing N N 292 
THR CA  HA   sing N N 293 
THR C   O    doub N N 294 
THR C   OXT  sing N N 295 
THR CB  OG1  sing N N 296 
THR CB  CG2  sing N N 297 
THR CB  HB   sing N N 298 
THR OG1 HG1  sing N N 299 
THR CG2 HG21 sing N N 300 
THR CG2 HG22 sing N N 301 
THR CG2 HG23 sing N N 302 
THR OXT HXT  sing N N 303 
TRP N   CA   sing N N 304 
TRP N   H    sing N N 305 
TRP N   H2   sing N N 306 
TRP CA  C    sing N N 307 
TRP CA  CB   sing N N 308 
TRP CA  HA   sing N N 309 
TRP C   O    doub N N 310 
TRP C   OXT  sing N N 311 
TRP CB  CG   sing N N 312 
TRP CB  HB2  sing N N 313 
TRP CB  HB3  sing N N 314 
TRP CG  CD1  doub Y N 315 
TRP CG  CD2  sing Y N 316 
TRP CD1 NE1  sing Y N 317 
TRP CD1 HD1  sing N N 318 
TRP CD2 CE2  doub Y N 319 
TRP CD2 CE3  sing Y N 320 
TRP NE1 CE2  sing Y N 321 
TRP NE1 HE1  sing N N 322 
TRP CE2 CZ2  sing Y N 323 
TRP CE3 CZ3  doub Y N 324 
TRP CE3 HE3  sing N N 325 
TRP CZ2 CH2  doub Y N 326 
TRP CZ2 HZ2  sing N N 327 
TRP CZ3 CH2  sing Y N 328 
TRP CZ3 HZ3  sing N N 329 
TRP CH2 HH2  sing N N 330 
TRP OXT HXT  sing N N 331 
TYR N   CA   sing N N 332 
TYR N   H    sing N N 333 
TYR N   H2   sing N N 334 
TYR CA  C    sing N N 335 
TYR CA  CB   sing N N 336 
TYR CA  HA   sing N N 337 
TYR C   O    doub N N 338 
TYR C   OXT  sing N N 339 
TYR CB  CG   sing N N 340 
TYR CB  HB2  sing N N 341 
TYR CB  HB3  sing N N 342 
TYR CG  CD1  doub Y N 343 
TYR CG  CD2  sing Y N 344 
TYR CD1 CE1  sing Y N 345 
TYR CD1 HD1  sing N N 346 
TYR CD2 CE2  doub Y N 347 
TYR CD2 HD2  sing N N 348 
TYR CE1 CZ   doub Y N 349 
TYR CE1 HE1  sing N N 350 
TYR CE2 CZ   sing Y N 351 
TYR CE2 HE2  sing N N 352 
TYR CZ  OH   sing N N 353 
TYR OH  HH   sing N N 354 
TYR OXT HXT  sing N N 355 
VAL N   CA   sing N N 356 
VAL N   H    sing N N 357 
VAL N   H2   sing N N 358 
VAL CA  C    sing N N 359 
VAL CA  CB   sing N N 360 
VAL CA  HA   sing N N 361 
VAL C   O    doub N N 362 
VAL C   OXT  sing N N 363 
VAL CB  CG1  sing N N 364 
VAL CB  CG2  sing N N 365 
VAL CB  HB   sing N N 366 
VAL CG1 HG11 sing N N 367 
VAL CG1 HG12 sing N N 368 
VAL CG1 HG13 sing N N 369 
VAL CG2 HG21 sing N N 370 
VAL CG2 HG22 sing N N 371 
VAL CG2 HG23 sing N N 372 
VAL OXT HXT  sing N N 373 
# 
_atom_sites.entry_id                    3H4R 
_atom_sites.fract_transf_matrix[1][1]   0.00587269 
_atom_sites.fract_transf_matrix[1][2]   0.00537508 
_atom_sites.fract_transf_matrix[1][3]   0.00158294 
_atom_sites.fract_transf_matrix[2][1]   0.00148428 
_atom_sites.fract_transf_matrix[2][2]   0.00071887 
_atom_sites.fract_transf_matrix[2][3]   -0.00794769 
_atom_sites.fract_transf_matrix[3][1]   -0.00989702 
_atom_sites.fract_transf_matrix[3][2]   0.01106291 
_atom_sites.fract_transf_matrix[3][3]   -0.00084768 
_atom_sites.fract_transf_vector[1]      -0.089909 
_atom_sites.fract_transf_vector[2]      -0.307241 
_atom_sites.fract_transf_vector[3]      0.010261 
# 
loop_
_atom_type.symbol 
C 
N 
O 
S 
# 
loop_
_atom_site.group_PDB 
_atom_site.id 
_atom_site.type_symbol 
_atom_site.label_atom_id 
_atom_site.label_alt_id 
_atom_site.label_comp_id 
_atom_site.label_asym_id 
_atom_site.label_entity_id 
_atom_site.label_seq_id 
_atom_site.pdbx_PDB_ins_code 
_atom_site.Cartn_x 
_atom_site.Cartn_y 
_atom_site.Cartn_z 
_atom_site.occupancy 
_atom_site.B_iso_or_equiv 
_atom_site.pdbx_formal_charge 
_atom_site.auth_seq_id 
_atom_site.auth_comp_id 
_atom_site.auth_asym_id 
_atom_site.auth_atom_id 
_atom_site.pdbx_PDB_model_num 
ATOM 1    N N   . PRO A 1 11  ? -14.273 -8.931  -9.137  1.00 78.99  ? 612 PRO A N   1 
ATOM 2    C CA  . PRO A 1 11  ? -12.919 -8.394  -9.420  1.00 80.74  ? 612 PRO A CA  1 
ATOM 3    C C   . PRO A 1 11  ? -11.869 -9.425  -8.967  1.00 81.27  ? 612 PRO A C   1 
ATOM 4    O O   . PRO A 1 11  ? -12.191 -10.608 -8.767  1.00 81.52  ? 612 PRO A O   1 
ATOM 5    C CB  . PRO A 1 11  ? -12.797 -7.107  -8.623  1.00 78.62  ? 612 PRO A CB  1 
ATOM 6    C CG  . PRO A 1 11  ? -13.594 -7.470  -7.376  1.00 76.88  ? 612 PRO A CG  1 
ATOM 7    C CD  . PRO A 1 11  ? -14.790 -8.334  -7.889  1.00 79.81  ? 612 PRO A CD  1 
ATOM 8    N N   . GLY A 1 12  ? -10.626 -8.994  -8.797  1.00 79.92  ? 613 GLY A N   1 
ATOM 9    C CA  . GLY A 1 12  ? -9.611  -9.941  -8.368  1.00 81.54  ? 613 GLY A CA  1 
ATOM 10   C C   . GLY A 1 12  ? -9.307  -9.798  -6.889  1.00 82.82  ? 613 GLY A C   1 
ATOM 11   O O   . GLY A 1 12  ? -10.040 -9.113  -6.165  1.00 83.15  ? 613 GLY A O   1 
ATOM 12   N N   . ILE A 1 13  ? -8.235  -10.446 -6.431  1.00 82.22  ? 614 ILE A N   1 
ATOM 13   C CA  . ILE A 1 13  ? -7.828  -10.349 -5.029  1.00 79.91  ? 614 ILE A CA  1 
ATOM 14   C C   . ILE A 1 13  ? -6.740  -9.278  -4.889  1.00 79.87  ? 614 ILE A C   1 
ATOM 15   O O   . ILE A 1 13  ? -5.618  -9.448  -5.353  1.00 77.64  ? 614 ILE A O   1 
ATOM 16   C CB  . ILE A 1 13  ? -7.280  -11.679 -4.514  1.00 78.72  ? 614 ILE A CB  1 
ATOM 17   C CG1 . ILE A 1 13  ? -8.257  -12.800 -4.837  1.00 77.96  ? 614 ILE A CG1 1 
ATOM 18   C CG2 . ILE A 1 13  ? -7.092  -11.607 -3.016  1.00 77.29  ? 614 ILE A CG2 1 
ATOM 19   C CD1 . ILE A 1 13  ? -9.590  -12.658 -4.151  1.00 78.11  ? 614 ILE A CD1 1 
ATOM 20   N N   . SER A 1 14  ? -7.081  -8.161  -4.261  1.00 81.54  ? 615 SER A N   1 
ATOM 21   C CA  . SER A 1 14  ? -6.119  -7.078  -4.088  1.00 83.39  ? 615 SER A CA  1 
ATOM 22   C C   . SER A 1 14  ? -5.235  -7.352  -2.870  1.00 84.25  ? 615 SER A C   1 
ATOM 23   O O   . SER A 1 14  ? -5.405  -8.371  -2.209  1.00 85.97  ? 615 SER A O   1 
ATOM 24   C CB  . SER A 1 14  ? -6.861  -5.756  -3.900  1.00 82.28  ? 615 SER A CB  1 
ATOM 25   O OG  . SER A 1 14  ? -7.673  -5.793  -2.744  1.00 81.17  ? 615 SER A OG  1 
ATOM 26   N N   . LYS A 1 15  ? -4.291  -6.459  -2.578  1.00 83.37  ? 616 LYS A N   1 
ATOM 27   C CA  . LYS A 1 15  ? -3.426  -6.638  -1.414  1.00 81.22  ? 616 LYS A CA  1 
ATOM 28   C C   . LYS A 1 15  ? -4.302  -6.434  -0.186  1.00 81.73  ? 616 LYS A C   1 
ATOM 29   O O   . LYS A 1 15  ? -4.188  -7.153  0.815   1.00 80.68  ? 616 LYS A O   1 
ATOM 30   C CB  . LYS A 1 15  ? -2.294  -5.616  -1.448  1.00 80.10  ? 616 LYS A CB  1 
ATOM 31   C CG  . LYS A 1 15  ? -1.375  -5.634  -0.256  1.00 78.66  ? 616 LYS A CG  1 
ATOM 32   C CD  . LYS A 1 15  ? -1.888  -4.718  0.825   1.00 79.01  ? 616 LYS A CD  1 
ATOM 33   C CE  . LYS A 1 15  ? -0.918  -4.678  1.986   1.00 80.55  ? 616 LYS A CE  1 
ATOM 34   N NZ  . LYS A 1 15  ? -1.387  -3.880  3.147   1.00 75.95  ? 616 LYS A NZ  1 
ATOM 35   N N   . SER A 1 16  ? -5.200  -5.456  -0.296  1.00 80.96  ? 617 SER A N   1 
ATOM 36   C CA  . SER A 1 16  ? -6.142  -5.105  0.758   1.00 78.85  ? 617 SER A CA  1 
ATOM 37   C C   . SER A 1 16  ? -6.983  -6.295  1.196   1.00 77.39  ? 617 SER A C   1 
ATOM 38   O O   . SER A 1 16  ? -7.539  -6.301  2.285   1.00 76.79  ? 617 SER A O   1 
ATOM 39   C CB  . SER A 1 16  ? -7.050  -3.986  0.256   1.00 82.11  ? 617 SER A CB  1 
ATOM 40   O OG  . SER A 1 16  ? -8.133  -3.750  1.139   1.00 86.41  ? 617 SER A OG  1 
ATOM 41   N N   . GLN A 1 17  ? -7.072  -7.298  0.334   1.00 77.63  ? 618 GLN A N   1 
ATOM 42   C CA  . GLN A 1 17  ? -7.828  -8.524  0.600   1.00 78.14  ? 618 GLN A CA  1 
ATOM 43   C C   . GLN A 1 17  ? -6.955  -9.516  1.372   1.00 78.60  ? 618 GLN A C   1 
ATOM 44   O O   . GLN A 1 17  ? -7.349  -10.000 2.431   1.00 78.08  ? 618 GLN A O   1 
ATOM 45   C CB  . GLN A 1 17  ? -8.274  -9.159  -0.724  1.00 78.47  ? 618 GLN A CB  1 
ATOM 46   C CG  . GLN A 1 17  ? -9.757  -9.139  -0.984  1.00 79.52  ? 618 GLN A CG  1 
ATOM 47   C CD  . GLN A 1 17  ? -10.072 -8.838  -2.429  1.00 82.45  ? 618 GLN A CD  1 
ATOM 48   O OE1 . GLN A 1 17  ? -9.919  -7.706  -2.883  1.00 83.66  ? 618 GLN A OE1 1 
ATOM 49   N NE2 . GLN A 1 17  ? -10.507 -9.854  -3.170  1.00 84.45  ? 618 GLN A NE2 1 
ATOM 50   N N   . LEU A 1 18  ? -5.776  -9.825  0.832   1.00 79.15  ? 619 LEU A N   1 
ATOM 51   C CA  . LEU A 1 18  ? -4.840  -10.751 1.485   1.00 79.75  ? 619 LEU A CA  1 
ATOM 52   C C   . LEU A 1 18  ? -4.521  -10.264 2.902   1.00 79.73  ? 619 LEU A C   1 
ATOM 53   O O   . LEU A 1 18  ? -3.932  -11.001 3.714   1.00 73.34  ? 619 LEU A O   1 
ATOM 54   C CB  . LEU A 1 18  ? -3.533  -10.845 0.704   1.00 79.30  ? 619 LEU A CB  1 
ATOM 55   C CG  . LEU A 1 18  ? -3.558  -11.318 -0.739  1.00 77.40  ? 619 LEU A CG  1 
ATOM 56   C CD1 . LEU A 1 18  ? -2.147  -11.234 -1.268  1.00 78.27  ? 619 LEU A CD1 1 
ATOM 57   C CD2 . LEU A 1 18  ? -4.079  -12.734 -0.831  1.00 75.77  ? 619 LEU A CD2 1 
ATOM 58   N N   . ASP A 1 19  ? -4.896  -9.004  3.176   1.00 79.10  ? 620 ASP A N   1 
ATOM 59   C CA  . ASP A 1 19  ? -4.680  -8.412  4.493   1.00 77.82  ? 620 ASP A CA  1 
ATOM 60   C C   . ASP A 1 19  ? -5.782  -8.920  5.405   1.00 76.46  ? 620 ASP A C   1 
ATOM 61   O O   . ASP A 1 19  ? -5.597  -9.069  6.612   1.00 75.43  ? 620 ASP A O   1 
ATOM 62   C CB  . ASP A 1 19  ? -4.713  -6.883  4.424   1.00 78.63  ? 620 ASP A CB  1 
ATOM 63   C CG  . ASP A 1 19  ? -3.331  -6.261  4.225   1.00 80.36  ? 620 ASP A CG  1 
ATOM 64   O OD1 . ASP A 1 19  ? -2.345  -6.994  4.021   1.00 84.21  ? 620 ASP A OD1 1 
ATOM 65   O OD2 . ASP A 1 19  ? -3.226  -5.019  4.268   1.00 80.15  ? 620 ASP A OD2 1 
ATOM 66   N N   . ASP A 1 20  ? -6.930  -9.212  4.817   1.00 76.31  ? 621 ASP A N   1 
ATOM 67   C CA  . ASP A 1 20  ? -8.035  -9.697  5.610   1.00 78.86  ? 621 ASP A CA  1 
ATOM 68   C C   . ASP A 1 20  ? -7.858  -11.155 5.925   1.00 79.50  ? 621 ASP A C   1 
ATOM 69   O O   . ASP A 1 20  ? -8.005  -11.555 7.076   1.00 81.92  ? 621 ASP A O   1 
ATOM 70   C CB  . ASP A 1 20  ? -9.369  -9.446  4.904   1.00 79.24  ? 621 ASP A CB  1 
ATOM 71   C CG  . ASP A 1 20  ? -9.723  -7.962  4.839   1.00 80.50  ? 621 ASP A CG  1 
ATOM 72   O OD1 . ASP A 1 20  ? -9.115  -7.161  5.597   1.00 77.74  ? 621 ASP A OD1 1 
ATOM 73   O OD2 . ASP A 1 20  ? -10.615 -7.614  4.032   1.00 80.93  ? 621 ASP A OD2 1 
ATOM 74   N N   . ILE A 1 21  ? -7.533  -11.958 4.915   1.00 80.41  ? 622 ILE A N   1 
ATOM 75   C CA  . ILE A 1 21  ? -7.314  -13.379 5.149   1.00 79.31  ? 622 ILE A CA  1 
ATOM 76   C C   . ILE A 1 21  ? -6.160  -13.527 6.136   1.00 79.72  ? 622 ILE A C   1 
ATOM 77   O O   . ILE A 1 21  ? -6.176  -14.413 6.976   1.00 79.28  ? 622 ILE A O   1 
ATOM 78   C CB  . ILE A 1 21  ? -6.985  -14.123 3.840   1.00 79.02  ? 622 ILE A CB  1 
ATOM 79   C CG1 . ILE A 1 21  ? -8.219  -14.144 2.933   1.00 75.88  ? 622 ILE A CG1 1 
ATOM 80   C CG2 . ILE A 1 21  ? -6.510  -15.542 4.142   1.00 77.31  ? 622 ILE A CG2 1 
ATOM 81   C CD1 . ILE A 1 21  ? -8.107  -13.219 1.762   1.00 74.30  ? 622 ILE A CD1 1 
ATOM 82   N N   . ALA A 1 22  ? -5.171  -12.636 6.038   1.00 80.93  ? 623 ALA A N   1 
ATOM 83   C CA  . ALA A 1 22  ? -4.011  -12.645 6.939   1.00 83.44  ? 623 ALA A CA  1 
ATOM 84   C C   . ALA A 1 22  ? -4.475  -12.650 8.394   1.00 85.78  ? 623 ALA A C   1 
ATOM 85   O O   . ALA A 1 22  ? -3.987  -13.429 9.215   1.00 87.05  ? 623 ALA A O   1 
ATOM 86   C CB  . ALA A 1 22  ? -3.132  -11.419 6.676   1.00 80.59  ? 623 ALA A CB  1 
ATOM 87   N N   . ASP A 1 23  ? -5.420  -11.765 8.702   1.00 88.05  ? 624 ASP A N   1 
ATOM 88   C CA  . ASP A 1 23  ? -5.984  -11.650 10.035  1.00 88.08  ? 624 ASP A CA  1 
ATOM 89   C C   . ASP A 1 23  ? -6.704  -12.954 10.331  1.00 88.18  ? 624 ASP A C   1 
ATOM 90   O O   . ASP A 1 23  ? -6.259  -13.747 11.165  1.00 88.84  ? 624 ASP A O   1 
ATOM 91   C CB  . ASP A 1 23  ? -6.977  -10.502 10.064  1.00 89.30  ? 624 ASP A CB  1 
ATOM 92   C CG  . ASP A 1 23  ? -7.098  -9.887  11.431  1.00 93.04  ? 624 ASP A CG  1 
ATOM 93   O OD1 . ASP A 1 23  ? -7.327  -10.640 12.408  1.00 93.89  ? 624 ASP A OD1 1 
ATOM 94   O OD2 . ASP A 1 23  ? -6.958  -8.647  11.527  1.00 95.14  ? 624 ASP A OD2 1 
ATOM 95   N N   . THR A 1 24  ? -7.816  -13.157 9.629   1.00 87.61  ? 625 THR A N   1 
ATOM 96   C CA  . THR A 1 24  ? -8.634  -14.361 9.743   1.00 88.04  ? 625 THR A CA  1 
ATOM 97   C C   . THR A 1 24  ? -9.457  -14.557 8.467   1.00 88.17  ? 625 THR A C   1 
ATOM 98   O O   . THR A 1 24  ? -10.208 -13.668 8.051   1.00 87.88  ? 625 THR A O   1 
ATOM 99   C CB  . THR A 1 24  ? -9.603  -14.286 10.922  1.00 88.71  ? 625 THR A CB  1 
ATOM 100  O OG1 . THR A 1 24  ? -8.868  -14.312 12.149  1.00 92.22  ? 625 THR A OG1 1 
ATOM 101  C CG2 . THR A 1 24  ? -10.548 -15.463 10.896  1.00 88.49  ? 625 THR A CG2 1 
ATOM 102  N N   . PRO A 1 25  ? -9.338  -15.739 7.841   1.00 87.64  ? 626 PRO A N   1 
ATOM 103  C CA  . PRO A 1 25  ? -10.050 -16.089 6.607   1.00 86.67  ? 626 PRO A CA  1 
ATOM 104  C C   . PRO A 1 25  ? -11.469 -15.548 6.546   1.00 85.65  ? 626 PRO A C   1 
ATOM 105  O O   . PRO A 1 25  ? -11.925 -15.129 5.497   1.00 85.44  ? 626 PRO A O   1 
ATOM 106  C CB  . PRO A 1 25  ? -10.038 -17.614 6.621   1.00 85.71  ? 626 PRO A CB  1 
ATOM 107  C CG  . PRO A 1 25  ? -8.769  -17.929 7.299   1.00 87.29  ? 626 PRO A CG  1 
ATOM 108  C CD  . PRO A 1 25  ? -8.703  -16.930 8.433   1.00 87.33  ? 626 PRO A CD  1 
ATOM 109  N N   . ALA A 1 26  ? -12.161 -15.563 7.676   1.00 86.57  ? 627 ALA A N   1 
ATOM 110  C CA  . ALA A 1 26  ? -13.545 -15.097 7.737   1.00 87.86  ? 627 ALA A CA  1 
ATOM 111  C C   . ALA A 1 26  ? -13.686 -13.601 7.477   1.00 87.61  ? 627 ALA A C   1 
ATOM 112  O O   . ALA A 1 26  ? -14.482 -13.188 6.637   1.00 87.86  ? 627 ALA A O   1 
ATOM 113  C CB  . ALA A 1 26  ? -14.161 -15.456 9.097   1.00 85.60  ? 627 ALA A CB  1 
ATOM 114  N N   . LEU A 1 27  ? -12.908 -12.803 8.199   1.00 87.58  ? 628 LEU A N   1 
ATOM 115  C CA  . LEU A 1 27  ? -12.941 -11.357 8.070   1.00 87.37  ? 628 LEU A CA  1 
ATOM 116  C C   . LEU A 1 27  ? -12.841 -10.934 6.612   1.00 88.13  ? 628 LEU A C   1 
ATOM 117  O O   . LEU A 1 27  ? -13.088 -9.775  6.280   1.00 89.00  ? 628 LEU A O   1 
ATOM 118  C CB  . LEU A 1 27  ? -11.784 -10.729 8.843   1.00 88.10  ? 628 LEU A CB  1 
ATOM 119  C CG  . LEU A 1 27  ? -11.892 -9.213  8.999   1.00 89.59  ? 628 LEU A CG  1 
ATOM 120  C CD1 . LEU A 1 27  ? -12.372 -8.903  10.427  1.00 91.00  ? 628 LEU A CD1 1 
ATOM 121  C CD2 . LEU A 1 27  ? -10.546 -8.546  8.716   1.00 89.19  ? 628 LEU A CD2 1 
ATOM 122  N N   . TYR A 1 28  ? -12.470 -11.868 5.740   1.00 87.14  ? 629 TYR A N   1 
ATOM 123  C CA  . TYR A 1 28  ? -12.336 -11.563 4.321   1.00 85.79  ? 629 TYR A CA  1 
ATOM 124  C C   . TYR A 1 28  ? -13.695 -11.380 3.679   1.00 87.34  ? 629 TYR A C   1 
ATOM 125  O O   . TYR A 1 28  ? -13.918 -10.398 2.975   1.00 88.11  ? 629 TYR A O   1 
ATOM 126  C CB  . TYR A 1 28  ? -11.517 -12.659 3.618   1.00 80.78  ? 629 TYR A CB  1 
ATOM 127  C CG  . TYR A 1 28  ? -11.812 -12.872 2.151   1.00 76.82  ? 629 TYR A CG  1 
ATOM 128  C CD1 . TYR A 1 28  ? -12.808 -13.756 1.756   1.00 76.70  ? 629 TYR A CD1 1 
ATOM 129  C CD2 . TYR A 1 28  ? -11.073 -12.231 1.155   1.00 75.22  ? 629 TYR A CD2 1 
ATOM 130  C CE1 . TYR A 1 28  ? -13.069 -14.014 0.412   1.00 73.98  ? 629 TYR A CE1 1 
ATOM 131  C CE2 . TYR A 1 28  ? -11.326 -12.486 -0.207  1.00 73.80  ? 629 TYR A CE2 1 
ATOM 132  C CZ  . TYR A 1 28  ? -12.333 -13.385 -0.563  1.00 72.86  ? 629 TYR A CZ  1 
ATOM 133  O OH  . TYR A 1 28  ? -12.621 -13.681 -1.874  1.00 69.67  ? 629 TYR A OH  1 
ATOM 134  N N   . LEU A 1 29  ? -14.607 -12.314 3.926   1.00 89.36  ? 630 LEU A N   1 
ATOM 135  C CA  . LEU A 1 29  ? -15.939 -12.202 3.356   1.00 92.25  ? 630 LEU A CA  1 
ATOM 136  C C   . LEU A 1 29  ? -16.830 -11.342 4.251   1.00 94.34  ? 630 LEU A C   1 
ATOM 137  O O   . LEU A 1 29  ? -17.954 -11.004 3.888   1.00 94.22  ? 630 LEU A O   1 
ATOM 138  C CB  . LEU A 1 29  ? -16.531 -13.589 3.114   1.00 90.14  ? 630 LEU A CB  1 
ATOM 139  C CG  . LEU A 1 29  ? -16.380 -14.607 4.225   1.00 90.91  ? 630 LEU A CG  1 
ATOM 140  C CD1 . LEU A 1 29  ? -17.464 -14.319 5.242   1.00 91.34  ? 630 LEU A CD1 1 
ATOM 141  C CD2 . LEU A 1 29  ? -16.503 -16.038 3.678   1.00 88.37  ? 630 LEU A CD2 1 
ATOM 142  N N   . TRP A 1 30  ? -16.307 -10.978 5.418   1.00 97.02  ? 631 TRP A N   1 
ATOM 143  C CA  . TRP A 1 30  ? -17.014 -10.106 6.355   1.00 100.75 ? 631 TRP A CA  1 
ATOM 144  C C   . TRP A 1 30  ? -17.081 -8.755  5.643   1.00 104.00 ? 631 TRP A C   1 
ATOM 145  O O   . TRP A 1 30  ? -18.162 -8.198  5.408   1.00 103.86 ? 631 TRP A O   1 
ATOM 146  C CB  . TRP A 1 30  ? -16.205 -9.954  7.656   1.00 99.94  ? 631 TRP A CB  1 
ATOM 147  C CG  . TRP A 1 30  ? -16.627 -8.795  8.530   1.00 100.11 ? 631 TRP A CG  1 
ATOM 148  C CD1 . TRP A 1 30  ? -17.740 -8.724  9.319   1.00 100.52 ? 631 TRP A CD1 1 
ATOM 149  C CD2 . TRP A 1 30  ? -15.948 -7.538  8.686   1.00 100.24 ? 631 TRP A CD2 1 
ATOM 150  N NE1 . TRP A 1 30  ? -17.799 -7.505  9.958   1.00 99.60  ? 631 TRP A NE1 1 
ATOM 151  C CE2 . TRP A 1 30  ? -16.714 -6.758  9.589   1.00 99.52  ? 631 TRP A CE2 1 
ATOM 152  C CE3 . TRP A 1 30  ? -14.770 -6.996  8.151   1.00 100.00 ? 631 TRP A CE3 1 
ATOM 153  C CZ2 . TRP A 1 30  ? -16.339 -5.462  9.972   1.00 98.97  ? 631 TRP A CZ2 1 
ATOM 154  C CZ3 . TRP A 1 30  ? -14.398 -5.701  8.532   1.00 100.76 ? 631 TRP A CZ3 1 
ATOM 155  C CH2 . TRP A 1 30  ? -15.184 -4.950  9.435   1.00 99.62  ? 631 TRP A CH2 1 
ATOM 156  N N   . ARG A 1 31  ? -15.889 -8.257  5.312   1.00 107.46 ? 632 ARG A N   1 
ATOM 157  C CA  . ARG A 1 31  ? -15.656 -6.989  4.614   1.00 109.83 ? 632 ARG A CA  1 
ATOM 158  C C   . ARG A 1 31  ? -16.731 -6.760  3.564   1.00 111.60 ? 632 ARG A C   1 
ATOM 159  O O   . ARG A 1 31  ? -17.369 -5.697  3.497   1.00 111.21 ? 632 ARG A O   1 
ATOM 160  C CB  . ARG A 1 31  ? -14.289 -7.059  3.931   1.00 109.69 ? 632 ARG A CB  1 
ATOM 161  C CG  . ARG A 1 31  ? -13.780 -5.773  3.338   1.00 109.57 ? 632 ARG A CG  1 
ATOM 162  C CD  . ARG A 1 31  ? -12.518 -5.346  4.056   1.00 109.56 ? 632 ARG A CD  1 
ATOM 163  N NE  . ARG A 1 31  ? -12.811 -4.556  5.246   1.00 110.28 ? 632 ARG A NE  1 
ATOM 164  C CZ  . ARG A 1 31  ? -11.948 -4.361  6.236   1.00 111.05 ? 632 ARG A CZ  1 
ATOM 165  N NH1 . ARG A 1 31  ? -10.742 -4.916  6.173   1.00 110.47 ? 632 ARG A NH1 1 
ATOM 166  N NH2 . ARG A 1 31  ? -12.286 -3.602  7.277   1.00 110.80 ? 632 ARG A NH2 1 
ATOM 167  N N   . LYS A 1 32  ? -16.911 -7.786  2.744   1.00 112.54 ? 633 LYS A N   1 
ATOM 168  C CA  . LYS A 1 32  ? -17.891 -7.761  1.685   1.00 113.99 ? 633 LYS A CA  1 
ATOM 169  C C   . LYS A 1 32  ? -19.310 -8.011  2.214   1.00 115.16 ? 633 LYS A C   1 
ATOM 170  O O   . LYS A 1 32  ? -20.037 -8.855  1.686   1.00 115.64 ? 633 LYS A O   1 
ATOM 171  C CB  . LYS A 1 32  ? -17.504 -8.801  0.630   1.00 113.27 ? 633 LYS A CB  1 
ATOM 172  C CG  . LYS A 1 32  ? -16.175 -8.494  -0.052  1.00 112.12 ? 633 LYS A CG  1 
ATOM 173  C CD  . LYS A 1 32  ? -15.855 -9.514  -1.129  1.00 111.22 ? 633 LYS A CD  1 
ATOM 174  C CE  . LYS A 1 32  ? -15.669 -10.888 -0.522  1.00 110.33 ? 633 LYS A CE  1 
ATOM 175  N NZ  . LYS A 1 32  ? -15.509 -11.917 -1.562  1.00 108.94 ? 633 LYS A NZ  1 
ATOM 176  N N   . ASN A 1 33  ? -19.690 -7.275  3.260   1.00 115.78 ? 634 ASN A N   1 
ATOM 177  C CA  . ASN A 1 33  ? -21.022 -7.391  3.862   1.00 117.22 ? 634 ASN A CA  1 
ATOM 178  C C   . ASN A 1 33  ? -21.271 -6.343  4.944   1.00 118.53 ? 634 ASN A C   1 
ATOM 179  O O   . ASN A 1 33  ? -22.329 -5.705  4.976   1.00 118.28 ? 634 ASN A O   1 
ATOM 180  C CB  . ASN A 1 33  ? -21.242 -8.782  4.471   1.00 116.13 ? 634 ASN A CB  1 
ATOM 181  C CG  . ASN A 1 33  ? -21.814 -9.767  3.478   1.00 115.61 ? 634 ASN A CG  1 
ATOM 182  O OD1 . ASN A 1 33  ? -22.764 -9.455  2.762   1.00 114.61 ? 634 ASN A OD1 1 
ATOM 183  N ND2 . ASN A 1 33  ? -21.246 -10.969 3.435   1.00 115.27 ? 634 ASN A ND2 1 
ATOM 184  N N   . ALA A 1 34  ? -20.303 -6.176  5.837   1.00 119.76 ? 635 ALA A N   1 
ATOM 185  C CA  . ALA A 1 34  ? -20.445 -5.212  6.918   1.00 120.66 ? 635 ALA A CA  1 
ATOM 186  C C   . ALA A 1 34  ? -20.766 -3.838  6.354   1.00 121.30 ? 635 ALA A C   1 
ATOM 187  O O   . ALA A 1 34  ? -19.993 -3.267  5.586   1.00 120.70 ? 635 ALA A O   1 
ATOM 188  C CB  . ALA A 1 34  ? -19.176 -5.156  7.746   1.00 120.51 ? 635 ALA A CB  1 
ATOM 189  N N   . PRO A 1 35  ? -21.928 -3.295  6.721   1.00 122.30 ? 636 PRO A N   1 
ATOM 190  C CA  . PRO A 1 35  ? -22.337 -1.977  6.241   1.00 123.75 ? 636 PRO A CA  1 
ATOM 191  C C   . PRO A 1 35  ? -21.440 -0.867  6.793   1.00 125.04 ? 636 PRO A C   1 
ATOM 192  O O   . PRO A 1 35  ? -20.995 -0.937  7.938   1.00 124.96 ? 636 PRO A O   1 
ATOM 193  C CB  . PRO A 1 35  ? -23.776 -1.874  6.741   1.00 123.88 ? 636 PRO A CB  1 
ATOM 194  C CG  . PRO A 1 35  ? -23.732 -2.655  8.029   1.00 122.68 ? 636 PRO A CG  1 
ATOM 195  C CD  . PRO A 1 35  ? -22.945 -3.870  7.620   1.00 122.52 ? 636 PRO A CD  1 
ATOM 196  N N   . VAL A 1 36  ? -21.169 0.143   5.969   1.00 126.26 ? 637 VAL A N   1 
ATOM 197  C CA  . VAL A 1 36  ? -20.342 1.278   6.373   1.00 127.26 ? 637 VAL A CA  1 
ATOM 198  C C   . VAL A 1 36  ? -21.270 2.420   6.814   1.00 128.81 ? 637 VAL A C   1 
ATOM 199  O O   . VAL A 1 36  ? -22.463 2.419   6.483   1.00 128.92 ? 637 VAL A O   1 
ATOM 200  C CB  . VAL A 1 36  ? -19.461 1.727   5.203   1.00 125.35 ? 637 VAL A CB  1 
ATOM 201  N N   . ASP A 1 37  ? -20.733 3.379   7.571   1.00 130.03 ? 638 ASP A N   1 
ATOM 202  C CA  . ASP A 1 37  ? -21.521 4.526   8.035   1.00 131.03 ? 638 ASP A CA  1 
ATOM 203  C C   . ASP A 1 37  ? -21.256 5.732   7.132   1.00 131.84 ? 638 ASP A C   1 
ATOM 204  O O   . ASP A 1 37  ? -20.556 6.670   7.530   1.00 131.89 ? 638 ASP A O   1 
ATOM 205  C CB  . ASP A 1 37  ? -21.168 4.871   9.483   1.00 129.80 ? 638 ASP A CB  1 
ATOM 206  N N   . THR A 1 38  ? -21.818 5.687   5.919   1.00 132.64 ? 639 THR A N   1 
ATOM 207  C CA  . THR A 1 38  ? -21.667 6.745   4.914   1.00 132.91 ? 639 THR A CA  1 
ATOM 208  C C   . THR A 1 38  ? -21.923 8.134   5.500   1.00 133.43 ? 639 THR A C   1 
ATOM 209  O O   . THR A 1 38  ? -23.045 8.647   5.457   1.00 132.94 ? 639 THR A O   1 
ATOM 210  C CB  . THR A 1 38  ? -22.612 6.484   3.734   1.00 131.39 ? 639 THR A CB  1 
ATOM 211  N N   . THR A 1 39  ? -20.861 8.730   6.044   1.00 134.17 ? 640 THR A N   1 
ATOM 212  C CA  . THR A 1 39  ? -20.916 10.052  6.661   1.00 134.94 ? 640 THR A CA  1 
ATOM 213  C C   . THR A 1 39  ? -19.506 10.635  6.822   1.00 135.50 ? 640 THR A C   1 
ATOM 214  O O   . THR A 1 39  ? -19.116 11.027  7.924   1.00 135.72 ? 640 THR A O   1 
ATOM 215  C CB  . THR A 1 39  ? -21.612 9.965   8.030   1.00 134.21 ? 640 THR A CB  1 
ATOM 216  N N   . LYS A 1 40  ? -18.754 10.688  5.717   1.00 135.97 ? 641 LYS A N   1 
ATOM 217  C CA  . LYS A 1 40  ? -17.380 11.216  5.702   1.00 135.89 ? 641 LYS A CA  1 
ATOM 218  C C   . LYS A 1 40  ? -17.289 12.642  6.267   1.00 136.21 ? 641 LYS A C   1 
ATOM 219  O O   . LYS A 1 40  ? -17.341 13.626  5.522   1.00 136.31 ? 641 LYS A O   1 
ATOM 220  C CB  . LYS A 1 40  ? -16.820 11.183  4.264   1.00 134.36 ? 641 LYS A CB  1 
ATOM 221  N N   . THR A 1 41  ? -17.137 12.743  7.587   1.00 136.07 ? 642 THR A N   1 
ATOM 222  C CA  . THR A 1 41  ? -17.054 14.036  8.260   1.00 135.81 ? 642 THR A CA  1 
ATOM 223  C C   . THR A 1 41  ? -15.705 14.274  8.938   1.00 135.71 ? 642 THR A C   1 
ATOM 224  O O   . THR A 1 41  ? -15.528 13.945  10.117  1.00 135.67 ? 642 THR A O   1 
ATOM 225  C CB  . THR A 1 41  ? -18.183 14.153  9.291   1.00 135.22 ? 642 THR A CB  1 
ATOM 226  N N   . LYS A 1 42  ? -14.762 14.849  8.190   1.00 134.57 ? 643 LYS A N   1 
ATOM 227  C CA  . LYS A 1 42  ? -13.430 15.145  8.716   1.00 134.02 ? 643 LYS A CA  1 
ATOM 228  C C   . LYS A 1 42  ? -12.489 15.749  7.668   1.00 133.31 ? 643 LYS A C   1 
ATOM 229  O O   . LYS A 1 42  ? -11.598 16.540  8.011   1.00 133.40 ? 643 LYS A O   1 
ATOM 230  C CB  . LYS A 1 42  ? -12.803 13.880  9.305   1.00 133.83 ? 643 LYS A CB  1 
ATOM 231  N N   . THR A 1 43  ? -12.687 15.377  6.400   1.00 132.20 ? 644 THR A N   1 
ATOM 232  C CA  . THR A 1 43  ? -11.847 15.858  5.294   1.00 130.50 ? 644 THR A CA  1 
ATOM 233  C C   . THR A 1 43  ? -10.391 15.433  5.534   1.00 128.81 ? 644 THR A C   1 
ATOM 234  O O   . THR A 1 43  ? -9.482  15.848  4.809   1.00 127.91 ? 644 THR A O   1 
ATOM 235  C CB  . THR A 1 43  ? -11.942 17.394  5.173   1.00 129.61 ? 644 THR A CB  1 
ATOM 236  N N   . LEU A 1 44  ? -10.207 14.597  6.561   1.00 127.51 ? 645 LEU A N   1 
ATOM 237  C CA  . LEU A 1 44  ? -8.910  14.065  7.000   1.00 125.12 ? 645 LEU A CA  1 
ATOM 238  C C   . LEU A 1 44  ? -8.140  13.318  5.917   1.00 123.48 ? 645 LEU A C   1 
ATOM 239  O O   . LEU A 1 44  ? -6.915  13.206  5.985   1.00 123.04 ? 645 LEU A O   1 
ATOM 240  C CB  . LEU A 1 44  ? -9.109  13.144  8.222   1.00 124.80 ? 645 LEU A CB  1 
ATOM 241  N N   . ASP A 1 45  ? -8.863  12.798  4.930   1.00 121.51 ? 646 ASP A N   1 
ATOM 242  C CA  . ASP A 1 45  ? -8.249  12.071  3.825   1.00 119.64 ? 646 ASP A CA  1 
ATOM 243  C C   . ASP A 1 45  ? -7.413  13.026  2.963   1.00 118.56 ? 646 ASP A C   1 
ATOM 244  O O   . ASP A 1 45  ? -7.335  12.870  1.740   1.00 118.43 ? 646 ASP A O   1 
ATOM 245  C CB  . ASP A 1 45  ? -9.333  11.390  2.977   1.00 118.28 ? 646 ASP A CB  1 
ATOM 246  N N   . LEU A 1 46  ? -6.794  14.018  3.607   1.00 116.97 ? 647 LEU A N   1 
ATOM 247  C CA  . LEU A 1 46  ? -5.958  14.983  2.899   1.00 115.88 ? 647 LEU A CA  1 
ATOM 248  C C   . LEU A 1 46  ? -4.911  14.240  2.082   1.00 115.46 ? 647 LEU A C   1 
ATOM 249  O O   . LEU A 1 46  ? -4.450  14.734  1.053   1.00 115.59 ? 647 LEU A O   1 
ATOM 250  C CB  . LEU A 1 46  ? -5.294  15.963  3.882   1.00 115.77 ? 647 LEU A CB  1 
ATOM 251  C CG  . LEU A 1 46  ? -5.037  15.551  5.335   1.00 115.66 ? 647 LEU A CG  1 
ATOM 252  C CD1 . LEU A 1 46  ? -4.116  14.340  5.384   1.00 116.60 ? 647 LEU A CD1 1 
ATOM 253  C CD2 . LEU A 1 46  ? -4.428  16.726  6.086   1.00 114.32 ? 647 LEU A CD2 1 
ATOM 254  N N   . GLY A 1 47  ? -4.543  13.048  2.547   1.00 114.32 ? 648 GLY A N   1 
ATOM 255  C CA  . GLY A 1 47  ? -3.586  12.233  1.823   1.00 112.58 ? 648 GLY A CA  1 
ATOM 256  C C   . GLY A 1 47  ? -4.247  11.756  0.539   1.00 111.19 ? 648 GLY A C   1 
ATOM 257  O O   . GLY A 1 47  ? -3.608  11.685  -0.513  1.00 110.07 ? 648 GLY A O   1 
ATOM 258  N N   . THR A 1 48  ? -5.536  11.431  0.633   1.00 110.09 ? 649 THR A N   1 
ATOM 259  C CA  . THR A 1 48  ? -6.309  10.982  -0.522  1.00 109.29 ? 649 THR A CA  1 
ATOM 260  C C   . THR A 1 48  ? -6.260  12.120  -1.524  1.00 109.35 ? 649 THR A C   1 
ATOM 261  O O   . THR A 1 48  ? -6.203  11.906  -2.743  1.00 109.37 ? 649 THR A O   1 
ATOM 262  C CB  . THR A 1 48  ? -7.783  10.727  -0.164  1.00 108.62 ? 649 THR A CB  1 
ATOM 263  O OG1 . THR A 1 48  ? -7.859  9.958   1.043   1.00 110.00 ? 649 THR A OG1 1 
ATOM 264  C CG2 . THR A 1 48  ? -8.470  9.968   -1.287  1.00 106.85 ? 649 THR A CG2 1 
ATOM 265  N N   . ALA A 1 49  ? -6.281  13.334  -0.984  1.00 108.09 ? 650 ALA A N   1 
ATOM 266  C CA  . ALA A 1 49  ? -6.216  14.542  -1.788  1.00 108.08 ? 650 ALA A CA  1 
ATOM 267  C C   . ALA A 1 49  ? -4.804  14.658  -2.355  1.00 108.07 ? 650 ALA A C   1 
ATOM 268  O O   . ALA A 1 49  ? -4.606  14.737  -3.572  1.00 107.56 ? 650 ALA A O   1 
ATOM 269  C CB  . ALA A 1 49  ? -6.536  15.746  -0.927  1.00 108.60 ? 650 ALA A CB  1 
ATOM 270  N N   . PHE A 1 50  ? -3.824  14.667  -1.457  1.00 108.03 ? 651 PHE A N   1 
ATOM 271  C CA  . PHE A 1 50  ? -2.429  14.758  -1.850  1.00 107.86 ? 651 PHE A CA  1 
ATOM 272  C C   . PHE A 1 50  ? -2.173  13.718  -2.931  1.00 108.45 ? 651 PHE A C   1 
ATOM 273  O O   . PHE A 1 50  ? -1.602  14.011  -3.984  1.00 107.79 ? 651 PHE A O   1 
ATOM 274  C CB  . PHE A 1 50  ? -1.531  14.479  -0.649  1.00 106.64 ? 651 PHE A CB  1 
ATOM 275  C CG  . PHE A 1 50  ? -0.074  14.618  -0.949  1.00 106.20 ? 651 PHE A CG  1 
ATOM 276  C CD1 . PHE A 1 50  ? 0.456   15.845  -1.316  1.00 105.77 ? 651 PHE A CD1 1 
ATOM 277  C CD2 . PHE A 1 50  ? 0.768   13.520  -0.897  1.00 105.33 ? 651 PHE A CD2 1 
ATOM 278  C CE1 . PHE A 1 50  ? 1.802   15.971  -1.627  1.00 104.84 ? 651 PHE A CE1 1 
ATOM 279  C CE2 . PHE A 1 50  ? 2.113   13.642  -1.206  1.00 104.41 ? 651 PHE A CE2 1 
ATOM 280  C CZ  . PHE A 1 50  ? 2.629   14.867  -1.572  1.00 103.81 ? 651 PHE A CZ  1 
ATOM 281  N N   . HIS A 1 51  ? -2.619  12.497  -2.651  1.00 109.19 ? 652 HIS A N   1 
ATOM 282  C CA  . HIS A 1 51  ? -2.472  11.370  -3.561  1.00 110.69 ? 652 HIS A CA  1 
ATOM 283  C C   . HIS A 1 51  ? -2.947  11.713  -4.967  1.00 111.04 ? 652 HIS A C   1 
ATOM 284  O O   . HIS A 1 51  ? -2.391  11.241  -5.967  1.00 108.95 ? 652 HIS A O   1 
ATOM 285  C CB  . HIS A 1 51  ? -3.254  10.169  -3.022  1.00 111.97 ? 652 HIS A CB  1 
ATOM 286  C CG  . HIS A 1 51  ? -3.259  8.993   -3.945  1.00 114.57 ? 652 HIS A CG  1 
ATOM 287  N ND1 . HIS A 1 51  ? -4.259  8.777   -4.871  1.00 115.82 ? 652 HIS A ND1 1 
ATOM 288  C CD2 . HIS A 1 51  ? -2.359  7.997   -4.124  1.00 114.18 ? 652 HIS A CD2 1 
ATOM 289  C CE1 . HIS A 1 51  ? -3.975  7.699   -5.580  1.00 115.12 ? 652 HIS A CE1 1 
ATOM 290  N NE2 . HIS A 1 51  ? -2.828  7.208   -5.147  1.00 115.40 ? 652 HIS A NE2 1 
ATOM 291  N N   . CYS A 1 52  ? -3.983  12.543  -5.040  1.00 112.48 ? 653 CYS A N   1 
ATOM 292  C CA  . CYS A 1 52  ? -4.520  12.944  -6.330  1.00 113.27 ? 653 CYS A CA  1 
ATOM 293  C C   . CYS A 1 52  ? -3.734  14.122  -6.895  1.00 112.39 ? 653 CYS A C   1 
ATOM 294  O O   . CYS A 1 52  ? -3.502  14.198  -8.107  1.00 112.08 ? 653 CYS A O   1 
ATOM 295  C CB  . CYS A 1 52  ? -6.000  13.311  -6.201  1.00 114.17 ? 653 CYS A CB  1 
ATOM 296  S SG  . CYS A 1 52  ? -6.819  13.494  -7.802  1.00 117.41 ? 653 CYS A SG  1 
ATOM 297  N N   . ARG A 1 53  ? -3.316  15.031  -6.015  1.00 111.05 ? 654 ARG A N   1 
ATOM 298  C CA  . ARG A 1 53  ? -2.555  16.202  -6.443  1.00 109.88 ? 654 ARG A CA  1 
ATOM 299  C C   . ARG A 1 53  ? -1.318  15.704  -7.173  1.00 109.90 ? 654 ARG A C   1 
ATOM 300  O O   . ARG A 1 53  ? -1.103  16.010  -8.339  1.00 109.71 ? 654 ARG A O   1 
ATOM 301  C CB  . ARG A 1 53  ? -2.132  17.052  -5.232  1.00 108.11 ? 654 ARG A CB  1 
ATOM 302  C CG  . ARG A 1 53  ? -1.778  18.525  -5.530  1.00 104.70 ? 654 ARG A CG  1 
ATOM 303  C CD  . ARG A 1 53  ? -0.976  18.686  -6.812  1.00 101.95 ? 654 ARG A CD  1 
ATOM 304  N NE  . ARG A 1 53  ? -0.410  20.023  -6.969  1.00 100.38 ? 654 ARG A NE  1 
ATOM 305  C CZ  . ARG A 1 53  ? 0.293   20.417  -8.031  1.00 99.97  ? 654 ARG A CZ  1 
ATOM 306  N NH1 . ARG A 1 53  ? 0.514   19.581  -9.039  1.00 98.86  ? 654 ARG A NH1 1 
ATOM 307  N NH2 . ARG A 1 53  ? 0.800   21.641  -8.082  1.00 99.19  ? 654 ARG A NH2 1 
ATOM 308  N N   . VAL A 1 54  ? -0.517  14.917  -6.472  1.00 110.47 ? 655 VAL A N   1 
ATOM 309  C CA  . VAL A 1 54  ? 0.710   14.378  -7.025  1.00 112.12 ? 655 VAL A CA  1 
ATOM 310  C C   . VAL A 1 54  ? 0.529   13.581  -8.315  1.00 113.96 ? 655 VAL A C   1 
ATOM 311  O O   . VAL A 1 54  ? 1.314   13.719  -9.248  1.00 113.75 ? 655 VAL A O   1 
ATOM 312  C CB  . VAL A 1 54  ? 1.401   13.475  -5.990  1.00 112.22 ? 655 VAL A CB  1 
ATOM 313  C CG1 . VAL A 1 54  ? 2.743   12.992  -6.519  1.00 111.74 ? 655 VAL A CG1 1 
ATOM 314  C CG2 . VAL A 1 54  ? 1.563   14.231  -4.683  1.00 112.07 ? 655 VAL A CG2 1 
ATOM 315  N N   . LEU A 1 55  ? -0.513  12.761  -8.371  1.00 116.65 ? 656 LEU A N   1 
ATOM 316  C CA  . LEU A 1 55  ? -0.753  11.914  -9.532  1.00 119.32 ? 656 LEU A CA  1 
ATOM 317  C C   . LEU A 1 55  ? -1.603  12.520  -10.641 1.00 122.05 ? 656 LEU A C   1 
ATOM 318  O O   . LEU A 1 55  ? -1.084  12.893  -11.693 1.00 122.01 ? 656 LEU A O   1 
ATOM 319  C CB  . LEU A 1 55  ? -1.370  10.604  -9.063  1.00 118.33 ? 656 LEU A CB  1 
ATOM 320  C CG  . LEU A 1 55  ? -0.497  9.895   -8.031  1.00 117.85 ? 656 LEU A CG  1 
ATOM 321  C CD1 . LEU A 1 55  ? -1.186  8.624   -7.575  1.00 118.26 ? 656 LEU A CD1 1 
ATOM 322  C CD2 . LEU A 1 55  ? 0.870   9.594   -8.631  1.00 115.59 ? 656 LEU A CD2 1 
ATOM 323  N N   . GLU A 1 56  ? -2.912  12.587  -10.418 1.00 125.66 ? 657 GLU A N   1 
ATOM 324  C CA  . GLU A 1 56  ? -3.825  13.160  -11.401 1.00 129.21 ? 657 GLU A CA  1 
ATOM 325  C C   . GLU A 1 56  ? -3.845  14.668  -11.147 1.00 131.10 ? 657 GLU A C   1 
ATOM 326  O O   . GLU A 1 56  ? -4.665  15.170  -10.373 1.00 130.33 ? 657 GLU A O   1 
ATOM 327  C CB  . GLU A 1 56  ? -5.225  12.560  -11.233 1.00 130.14 ? 657 GLU A CB  1 
ATOM 328  C CG  . GLU A 1 56  ? -5.811  11.931  -12.506 1.00 131.63 ? 657 GLU A CG  1 
ATOM 329  C CD  . GLU A 1 56  ? -5.001  10.744  -13.022 1.00 132.01 ? 657 GLU A CD  1 
ATOM 330  O OE1 . GLU A 1 56  ? -3.833  10.947  -13.420 1.00 132.41 ? 657 GLU A OE1 1 
ATOM 331  O OE2 . GLU A 1 56  ? -5.533  9.609   -13.030 1.00 130.95 ? 657 GLU A OE2 1 
ATOM 332  N N   . LEU A 1 57  ? -2.922  15.370  -11.809 1.00 133.85 ? 658 LEU A N   1 
ATOM 333  C CA  . LEU A 1 57  ? -2.736  16.820  -11.670 1.00 136.36 ? 658 LEU A CA  1 
ATOM 334  C C   . LEU A 1 57  ? -3.923  17.710  -12.049 1.00 138.43 ? 658 LEU A C   1 
ATOM 335  O O   . LEU A 1 57  ? -4.195  18.712  -11.375 1.00 137.82 ? 658 LEU A O   1 
ATOM 336  C CB  . LEU A 1 57  ? -1.499  17.259  -12.467 1.00 135.34 ? 658 LEU A CB  1 
ATOM 337  C CG  . LEU A 1 57  ? -0.293  16.317  -12.427 1.00 134.35 ? 658 LEU A CG  1 
ATOM 338  C CD1 . LEU A 1 57  ? -0.402  15.331  -13.586 1.00 133.31 ? 658 LEU A CD1 1 
ATOM 339  C CD2 . LEU A 1 57  ? 1.004   17.110  -12.524 1.00 133.65 ? 658 LEU A CD2 1 
ATOM 340  N N   . GLU A 1 58  ? -4.614  17.355  -13.131 1.00 141.03 ? 659 GLU A N   1 
ATOM 341  C CA  . GLU A 1 58  ? -5.770  18.124  -13.595 1.00 143.15 ? 659 GLU A CA  1 
ATOM 342  C C   . GLU A 1 58  ? -7.017  17.712  -12.813 1.00 144.08 ? 659 GLU A C   1 
ATOM 343  O O   . GLU A 1 58  ? -7.685  18.556  -12.204 1.00 144.20 ? 659 GLU A O   1 
ATOM 344  C CB  . GLU A 1 58  ? -6.003  17.891  -15.094 1.00 143.60 ? 659 GLU A CB  1 
ATOM 345  C CG  . GLU A 1 58  ? -4.725  17.836  -15.913 1.00 145.12 ? 659 GLU A CG  1 
ATOM 346  C CD  . GLU A 1 58  ? -4.050  16.475  -15.846 1.00 146.02 ? 659 GLU A CD  1 
ATOM 347  O OE1 . GLU A 1 58  ? -2.834  16.397  -16.123 1.00 146.14 ? 659 GLU A OE1 1 
ATOM 348  O OE2 . GLU A 1 58  ? -4.741  15.481  -15.526 1.00 146.45 ? 659 GLU A OE2 1 
ATOM 349  N N   . GLU A 1 59  ? -7.317  16.413  -12.837 1.00 144.77 ? 660 GLU A N   1 
ATOM 350  C CA  . GLU A 1 59  ? -8.470  15.857  -12.131 1.00 145.50 ? 660 GLU A CA  1 
ATOM 351  C C   . GLU A 1 59  ? -8.488  16.402  -10.699 1.00 145.91 ? 660 GLU A C   1 
ATOM 352  O O   . GLU A 1 59  ? -9.544  16.508  -10.076 1.00 145.86 ? 660 GLU A O   1 
ATOM 353  C CB  . GLU A 1 59  ? -8.373  14.324  -12.121 1.00 145.78 ? 660 GLU A CB  1 
ATOM 354  C CG  . GLU A 1 59  ? -9.696  13.563  -11.945 1.00 146.52 ? 660 GLU A CG  1 
ATOM 355  C CD  . GLU A 1 59  ? -10.217 13.540  -10.509 1.00 146.92 ? 660 GLU A CD  1 
ATOM 356  O OE1 . GLU A 1 59  ? -10.800 14.548  -10.057 1.00 147.66 ? 660 GLU A OE1 1 
ATOM 357  O OE2 . GLU A 1 59  ? -10.047 12.505  -9.827  1.00 146.58 ? 660 GLU A OE2 1 
ATOM 358  N N   . PHE A 1 60  ? -7.310  16.763  -10.192 1.00 146.31 ? 661 PHE A N   1 
ATOM 359  C CA  . PHE A 1 60  ? -7.173  17.301  -8.839  1.00 146.06 ? 661 PHE A CA  1 
ATOM 360  C C   . PHE A 1 60  ? -8.037  18.539  -8.599  1.00 145.69 ? 661 PHE A C   1 
ATOM 361  O O   . PHE A 1 60  ? -8.787  18.598  -7.619  1.00 145.55 ? 661 PHE A O   1 
ATOM 362  C CB  . PHE A 1 60  ? -5.699  17.633  -8.546  1.00 145.79 ? 661 PHE A CB  1 
ATOM 363  C CG  . PHE A 1 60  ? -5.482  18.355  -7.238  1.00 145.06 ? 661 PHE A CG  1 
ATOM 364  C CD1 . PHE A 1 60  ? -4.986  19.654  -7.221  1.00 144.51 ? 661 PHE A CD1 1 
ATOM 365  C CD2 . PHE A 1 60  ? -5.795  17.744  -6.027  1.00 144.83 ? 661 PHE A CD2 1 
ATOM 366  C CE1 . PHE A 1 60  ? -4.807  20.337  -6.019  1.00 144.24 ? 661 PHE A CE1 1 
ATOM 367  C CE2 . PHE A 1 60  ? -5.618  18.422  -4.818  1.00 144.51 ? 661 PHE A CE2 1 
ATOM 368  C CZ  . PHE A 1 60  ? -5.123  19.720  -4.816  1.00 144.02 ? 661 PHE A CZ  1 
ATOM 369  N N   . SER A 1 61  ? -7.932  19.525  -9.487  1.00 145.21 ? 662 SER A N   1 
ATOM 370  C CA  . SER A 1 61  ? -8.704  20.759  -9.351  1.00 144.66 ? 662 SER A CA  1 
ATOM 371  C C   . SER A 1 61  ? -10.173 20.478  -9.048  1.00 144.19 ? 662 SER A C   1 
ATOM 372  O O   . SER A 1 61  ? -10.887 21.341  -8.530  1.00 144.27 ? 662 SER A O   1 
ATOM 373  C CB  . SER A 1 61  ? -8.588  21.601  -10.624 1.00 144.46 ? 662 SER A CB  1 
ATOM 374  O OG  . SER A 1 61  ? -7.267  22.081  -10.794 1.00 143.92 ? 662 SER A OG  1 
ATOM 375  N N   . ASN A 1 62  ? -10.611 19.262  -9.365  1.00 143.27 ? 663 ASN A N   1 
ATOM 376  C CA  . ASN A 1 62  ? -11.991 18.846  -9.137  1.00 141.87 ? 663 ASN A CA  1 
ATOM 377  C C   . ASN A 1 62  ? -12.143 18.191  -7.755  1.00 141.14 ? 663 ASN A C   1 
ATOM 378  O O   . ASN A 1 62  ? -11.394 18.500  -6.821  1.00 140.56 ? 663 ASN A O   1 
ATOM 379  C CB  . ASN A 1 62  ? -12.431 17.863  -10.235 1.00 141.04 ? 663 ASN A CB  1 
ATOM 380  C CG  . ASN A 1 62  ? -12.066 18.338  -11.645 1.00 140.14 ? 663 ASN A CG  1 
ATOM 381  O OD1 . ASN A 1 62  ? -12.441 17.710  -12.639 1.00 139.13 ? 663 ASN A OD1 1 
ATOM 382  N ND2 . ASN A 1 62  ? -11.328 19.441  -11.734 1.00 139.19 ? 663 ASN A ND2 1 
ATOM 383  N N   . ARG A 1 63  ? -13.117 17.294  -7.635  1.00 140.23 ? 664 ARG A N   1 
ATOM 384  C CA  . ARG A 1 63  ? -13.378 16.589  -6.385  1.00 139.42 ? 664 ARG A CA  1 
ATOM 385  C C   . ARG A 1 63  ? -13.096 17.456  -5.155  1.00 138.45 ? 664 ARG A C   1 
ATOM 386  O O   . ARG A 1 63  ? -13.890 17.502  -4.210  1.00 137.14 ? 664 ARG A O   1 
ATOM 387  C CB  . ARG A 1 63  ? -12.548 15.310  -6.335  1.00 139.03 ? 664 ARG A CB  1 
ATOM 388  N N   . ALA A 1 98  ? -10.621 24.094  2.084   1.00 114.86 ? 699 ALA A N   1 
ATOM 389  C CA  . ALA A 1 98  ? -10.558 24.950  3.260   1.00 117.03 ? 699 ALA A CA  1 
ATOM 390  C C   . ALA A 1 98  ? -9.293  25.817  3.256   1.00 119.30 ? 699 ALA A C   1 
ATOM 391  O O   . ALA A 1 98  ? -8.805  26.216  2.191   1.00 118.61 ? 699 ALA A O   1 
ATOM 392  C CB  . ALA A 1 98  ? -10.605 24.100  4.519   1.00 114.99 ? 699 ALA A CB  1 
ATOM 393  N N   . GLU A 1 99  ? -8.784  26.119  4.456   1.00 122.13 ? 700 GLU A N   1 
ATOM 394  C CA  . GLU A 1 99  ? -7.564  26.921  4.634   1.00 124.35 ? 700 GLU A CA  1 
ATOM 395  C C   . GLU A 1 99  ? -6.395  25.936  4.714   1.00 126.16 ? 700 GLU A C   1 
ATOM 396  O O   . GLU A 1 99  ? -5.283  26.275  5.141   1.00 126.22 ? 700 GLU A O   1 
ATOM 397  C CB  . GLU A 1 99  ? -7.653  27.746  5.923   1.00 123.11 ? 700 GLU A CB  1 
ATOM 398  N N   . GLU A 1 100 ? -6.693  24.705  4.297   1.00 127.72 ? 701 GLU A N   1 
ATOM 399  C CA  . GLU A 1 100 ? -5.755  23.591  4.280   1.00 127.72 ? 701 GLU A CA  1 
ATOM 400  C C   . GLU A 1 100 ? -5.290  23.347  2.845   1.00 128.26 ? 701 GLU A C   1 
ATOM 401  O O   . GLU A 1 100 ? -4.225  22.772  2.618   1.00 128.59 ? 701 GLU A O   1 
ATOM 402  C CB  . GLU A 1 100 ? -6.438  22.337  4.829   1.00 126.59 ? 701 GLU A CB  1 
ATOM 403  N N   . GLY A 1 101 ? -6.099  23.787  1.882   1.00 128.57 ? 702 GLY A N   1 
ATOM 404  C CA  . GLY A 1 101 ? -5.761  23.620  0.477   1.00 128.54 ? 702 GLY A CA  1 
ATOM 405  C C   . GLY A 1 101 ? -4.420  24.239  0.140   1.00 128.94 ? 702 GLY A C   1 
ATOM 406  O O   . GLY A 1 101 ? -3.925  24.108  -0.986  1.00 128.39 ? 702 GLY A O   1 
ATOM 407  N N   . ARG A 1 102 ? -3.839  24.929  1.120   1.00 129.13 ? 703 ARG A N   1 
ATOM 408  C CA  . ARG A 1 102 ? -2.539  25.566  0.955   1.00 128.91 ? 703 ARG A CA  1 
ATOM 409  C C   . ARG A 1 102 ? -1.437  24.567  1.318   1.00 127.84 ? 703 ARG A C   1 
ATOM 410  O O   . ARG A 1 102 ? -0.375  24.546  0.683   1.00 127.98 ? 703 ARG A O   1 
ATOM 411  C CB  . ARG A 1 102 ? -2.426  26.816  1.842   1.00 130.31 ? 703 ARG A CB  1 
ATOM 412  C CG  . ARG A 1 102 ? -2.364  26.554  3.349   1.00 131.65 ? 703 ARG A CG  1 
ATOM 413  C CD  . ARG A 1 102 ? -1.924  27.818  4.080   1.00 132.68 ? 703 ARG A CD  1 
ATOM 414  N NE  . ARG A 1 102 ? -0.595  28.254  3.649   1.00 133.45 ? 703 ARG A NE  1 
ATOM 415  C CZ  . ARG A 1 102 ? -0.123  29.490  3.786   1.00 133.87 ? 703 ARG A CZ  1 
ATOM 416  N NH1 . ARG A 1 102 ? -0.873  30.434  4.344   1.00 133.72 ? 703 ARG A NH1 1 
ATOM 417  N NH2 . ARG A 1 102 ? 1.102   29.782  3.363   1.00 133.66 ? 703 ARG A NH2 1 
ATOM 418  N N   . LYS A 1 103 ? -1.691  23.745  2.340   1.00 125.37 ? 704 LYS A N   1 
ATOM 419  C CA  . LYS A 1 103 ? -0.725  22.732  2.761   1.00 122.69 ? 704 LYS A CA  1 
ATOM 420  C C   . LYS A 1 103 ? -0.471  21.830  1.559   1.00 121.08 ? 704 LYS A C   1 
ATOM 421  O O   . LYS A 1 103 ? 0.668   21.686  1.118   1.00 120.98 ? 704 LYS A O   1 
ATOM 422  C CB  . LYS A 1 103 ? -1.275  21.912  3.924   1.00 121.32 ? 704 LYS A CB  1 
ATOM 423  N N   . ILE A 1 104 ? -1.542  21.247  1.021   1.00 118.58 ? 705 ILE A N   1 
ATOM 424  C CA  . ILE A 1 104 ? -1.452  20.359  -0.135  1.00 115.71 ? 705 ILE A CA  1 
ATOM 425  C C   . ILE A 1 104 ? -0.602  20.940  -1.258  1.00 115.91 ? 705 ILE A C   1 
ATOM 426  O O   . ILE A 1 104 ? 0.086   20.210  -1.978  1.00 115.69 ? 705 ILE A O   1 
ATOM 427  C CB  . ILE A 1 104 ? -2.854  20.027  -0.690  1.00 113.33 ? 705 ILE A CB  1 
ATOM 428  C CG1 . ILE A 1 104 ? -3.601  19.139  0.309   1.00 111.69 ? 705 ILE A CG1 1 
ATOM 429  C CG2 . ILE A 1 104 ? -2.734  19.362  -2.053  1.00 111.96 ? 705 ILE A CG2 1 
ATOM 430  C CD1 . ILE A 1 104 ? -4.876  18.518  -0.219  1.00 109.01 ? 705 ILE A CD1 1 
ATOM 431  N N   . GLU A 1 105 ? -0.646  22.255  -1.414  1.00 116.38 ? 706 GLU A N   1 
ATOM 432  C CA  . GLU A 1 105 ? 0.139   22.888  -2.455  1.00 116.61 ? 706 GLU A CA  1 
ATOM 433  C C   . GLU A 1 105 ? 1.583   23.021  -1.983  1.00 116.27 ? 706 GLU A C   1 
ATOM 434  O O   . GLU A 1 105 ? 2.522   22.932  -2.781  1.00 116.44 ? 706 GLU A O   1 
ATOM 435  C CB  . GLU A 1 105 ? -0.452  24.253  -2.808  1.00 117.36 ? 706 GLU A CB  1 
ATOM 436  C CG  . GLU A 1 105 ? 0.220   24.903  -4.002  1.00 119.23 ? 706 GLU A CG  1 
ATOM 437  C CD  . GLU A 1 105 ? 0.613   23.888  -5.060  1.00 120.56 ? 706 GLU A CD  1 
ATOM 438  O OE1 . GLU A 1 105 ? -0.256  23.062  -5.432  1.00 120.06 ? 706 GLU A OE1 1 
ATOM 439  O OE2 . GLU A 1 105 ? 1.787   23.921  -5.515  1.00 120.77 ? 706 GLU A OE2 1 
ATOM 440  N N   . LEU A 1 106 ? 1.754   23.227  -0.680  1.00 115.40 ? 707 LEU A N   1 
ATOM 441  C CA  . LEU A 1 106 ? 3.082   23.348  -0.089  1.00 115.05 ? 707 LEU A CA  1 
ATOM 442  C C   . LEU A 1 106 ? 3.788   21.985  -0.058  1.00 115.48 ? 707 LEU A C   1 
ATOM 443  O O   . LEU A 1 106 ? 4.967   21.875  -0.419  1.00 115.76 ? 707 LEU A O   1 
ATOM 444  C CB  . LEU A 1 106 ? 2.975   23.921  1.323   1.00 114.59 ? 707 LEU A CB  1 
ATOM 445  C CG  . LEU A 1 106 ? 3.051   25.446  1.378   1.00 114.87 ? 707 LEU A CG  1 
ATOM 446  C CD1 . LEU A 1 106 ? 2.732   25.957  2.776   1.00 114.87 ? 707 LEU A CD1 1 
ATOM 447  C CD2 . LEU A 1 106 ? 4.449   25.866  0.957   1.00 113.57 ? 707 LEU A CD2 1 
ATOM 448  N N   . MET A 1 107 ? 3.066   20.950  0.378   1.00 114.59 ? 708 MET A N   1 
ATOM 449  C CA  . MET A 1 107 ? 3.610   19.594  0.428   1.00 111.59 ? 708 MET A CA  1 
ATOM 450  C C   . MET A 1 107 ? 4.089   19.247  -0.969  1.00 110.85 ? 708 MET A C   1 
ATOM 451  O O   . MET A 1 107 ? 5.274   19.020  -1.177  1.00 110.41 ? 708 MET A O   1 
ATOM 452  C CB  . MET A 1 107 ? 2.543   18.582  0.854   1.00 109.92 ? 708 MET A CB  1 
ATOM 453  C CG  . MET A 1 107 ? 2.189   18.606  2.322   1.00 108.39 ? 708 MET A CG  1 
ATOM 454  S SD  . MET A 1 107 ? 0.807   17.503  2.689   1.00 107.70 ? 708 MET A SD  1 
ATOM 455  C CE  . MET A 1 107 ? 1.672   16.048  3.170   1.00 108.38 ? 708 MET A CE  1 
ATOM 456  N N   . TYR A 1 108 ? 3.166   19.223  -1.926  1.00 110.37 ? 709 TYR A N   1 
ATOM 457  C CA  . TYR A 1 108 ? 3.528   18.901  -3.297  1.00 110.80 ? 709 TYR A CA  1 
ATOM 458  C C   . TYR A 1 108 ? 4.772   19.644  -3.753  1.00 111.77 ? 709 TYR A C   1 
ATOM 459  O O   . TYR A 1 108 ? 5.567   19.116  -4.531  1.00 112.19 ? 709 TYR A O   1 
ATOM 460  C CB  . TYR A 1 108 ? 2.389   19.216  -4.264  1.00 109.33 ? 709 TYR A CB  1 
ATOM 461  C CG  . TYR A 1 108 ? 2.775   18.981  -5.710  1.00 108.85 ? 709 TYR A CG  1 
ATOM 462  C CD1 . TYR A 1 108 ? 3.588   19.888  -6.395  1.00 108.45 ? 709 TYR A CD1 1 
ATOM 463  C CD2 . TYR A 1 108 ? 2.335   17.850  -6.393  1.00 109.34 ? 709 TYR A CD2 1 
ATOM 464  C CE1 . TYR A 1 108 ? 3.950   19.676  -7.726  1.00 108.93 ? 709 TYR A CE1 1 
ATOM 465  C CE2 . TYR A 1 108 ? 2.688   17.626  -7.728  1.00 109.88 ? 709 TYR A CE2 1 
ATOM 466  C CZ  . TYR A 1 108 ? 3.493   18.546  -8.387  1.00 110.23 ? 709 TYR A CZ  1 
ATOM 467  O OH  . TYR A 1 108 ? 3.813   18.348  -9.712  1.00 110.76 ? 709 TYR A OH  1 
ATOM 468  N N   . GLN A 1 109 ? 4.944   20.872  -3.282  1.00 112.79 ? 710 GLN A N   1 
ATOM 469  C CA  . GLN A 1 109 ? 6.108   21.646  -3.684  1.00 113.54 ? 710 GLN A CA  1 
ATOM 470  C C   . GLN A 1 109 ? 7.354   21.162  -2.942  1.00 113.52 ? 710 GLN A C   1 
ATOM 471  O O   . GLN A 1 109 ? 8.487   21.434  -3.350  1.00 113.39 ? 710 GLN A O   1 
ATOM 472  C CB  . GLN A 1 109 ? 5.861   23.139  -3.433  1.00 114.03 ? 710 GLN A CB  1 
ATOM 473  C CG  . GLN A 1 109 ? 6.857   24.035  -4.151  1.00 115.20 ? 710 GLN A CG  1 
ATOM 474  C CD  . GLN A 1 109 ? 7.105   23.589  -5.588  1.00 115.85 ? 710 GLN A CD  1 
ATOM 475  O OE1 . GLN A 1 109 ? 6.179   23.522  -6.405  1.00 116.29 ? 710 GLN A OE1 1 
ATOM 476  N NE2 . GLN A 1 109 ? 8.359   23.281  -5.901  1.00 115.39 ? 710 GLN A NE2 1 
ATOM 477  N N   . SER A 1 110 ? 7.132   20.421  -1.863  1.00 113.33 ? 711 SER A N   1 
ATOM 478  C CA  . SER A 1 110 ? 8.224   19.886  -1.061  1.00 113.33 ? 711 SER A CA  1 
ATOM 479  C C   . SER A 1 110 ? 8.858   18.650  -1.692  1.00 112.74 ? 711 SER A C   1 
ATOM 480  O O   . SER A 1 110 ? 10.077  18.485  -1.639  1.00 112.31 ? 711 SER A O   1 
ATOM 481  C CB  . SER A 1 110 ? 7.729   19.542  0.343   1.00 113.68 ? 711 SER A CB  1 
ATOM 482  O OG  . SER A 1 110 ? 8.780   18.995  1.114   1.00 114.76 ? 711 SER A OG  1 
ATOM 483  N N   . VAL A 1 111 ? 8.037   17.780  -2.283  1.00 112.31 ? 712 VAL A N   1 
ATOM 484  C CA  . VAL A 1 111 ? 8.561   16.575  -2.922  1.00 111.72 ? 712 VAL A CA  1 
ATOM 485  C C   . VAL A 1 111 ? 9.240   16.947  -4.243  1.00 111.91 ? 712 VAL A C   1 
ATOM 486  O O   . VAL A 1 111 ? 10.056  16.191  -4.761  1.00 112.24 ? 712 VAL A O   1 
ATOM 487  C CB  . VAL A 1 111 ? 7.446   15.497  -3.193  1.00 110.60 ? 712 VAL A CB  1 
ATOM 488  C CG1 . VAL A 1 111 ? 6.418   15.511  -2.081  1.00 108.12 ? 712 VAL A CG1 1 
ATOM 489  C CG2 . VAL A 1 111 ? 6.807   15.705  -4.547  1.00 108.96 ? 712 VAL A CG2 1 
ATOM 490  N N   . MET A 1 112 ? 8.901   18.112  -4.785  1.00 112.13 ? 713 MET A N   1 
ATOM 491  C CA  . MET A 1 112 ? 9.509   18.563  -6.034  1.00 112.08 ? 713 MET A CA  1 
ATOM 492  C C   . MET A 1 112 ? 10.927  19.036  -5.731  1.00 111.97 ? 713 MET A C   1 
ATOM 493  O O   . MET A 1 112 ? 11.755  19.194  -6.630  1.00 111.72 ? 713 MET A O   1 
ATOM 494  C CB  . MET A 1 112 ? 8.704   19.714  -6.643  1.00 111.48 ? 713 MET A CB  1 
ATOM 495  C CG  . MET A 1 112 ? 7.254   19.383  -6.975  1.00 111.00 ? 713 MET A CG  1 
ATOM 496  S SD  . MET A 1 112 ? 7.038   17.944  -8.048  1.00 110.97 ? 713 MET A SD  1 
ATOM 497  C CE  . MET A 1 112 ? 8.211   18.276  -9.351  1.00 110.10 ? 713 MET A CE  1 
ATOM 498  N N   . ALA A 1 113 ? 11.194  19.257  -4.449  1.00 112.00 ? 714 ALA A N   1 
ATOM 499  C CA  . ALA A 1 113 ? 12.497  19.717  -4.006  1.00 112.27 ? 714 ALA A CA  1 
ATOM 500  C C   . ALA A 1 113 ? 13.568  18.644  -4.172  1.00 112.79 ? 714 ALA A C   1 
ATOM 501  O O   . ALA A 1 113 ? 14.446  18.783  -5.027  1.00 113.54 ? 714 ALA A O   1 
ATOM 502  C CB  . ALA A 1 113 ? 12.419  20.160  -2.566  1.00 112.46 ? 714 ALA A CB  1 
ATOM 503  N N   . LEU A 1 114 ? 13.509  17.575  -3.375  1.00 111.84 ? 715 LEU A N   1 
ATOM 504  C CA  . LEU A 1 114 ? 14.521  16.526  -3.502  1.00 110.93 ? 715 LEU A CA  1 
ATOM 505  C C   . LEU A 1 114 ? 14.419  15.948  -4.899  1.00 110.07 ? 715 LEU A C   1 
ATOM 506  O O   . LEU A 1 114 ? 13.370  15.467  -5.307  1.00 108.89 ? 715 LEU A O   1 
ATOM 507  C CB  . LEU A 1 114 ? 14.349  15.422  -2.445  1.00 110.40 ? 715 LEU A CB  1 
ATOM 508  C CG  . LEU A 1 114 ? 13.210  14.418  -2.539  1.00 110.26 ? 715 LEU A CG  1 
ATOM 509  C CD1 . LEU A 1 114 ? 13.257  13.489  -1.334  1.00 109.35 ? 715 LEU A CD1 1 
ATOM 510  C CD2 . LEU A 1 114 ? 11.891  15.160  -2.595  1.00 110.70 ? 715 LEU A CD2 1 
ATOM 511  N N   . PRO A 1 115 ? 15.526  15.993  -5.649  1.00 110.21 ? 716 PRO A N   1 
ATOM 512  C CA  . PRO A 1 115 ? 15.625  15.495  -7.022  1.00 110.68 ? 716 PRO A CA  1 
ATOM 513  C C   . PRO A 1 115 ? 14.945  14.152  -7.362  1.00 111.02 ? 716 PRO A C   1 
ATOM 514  O O   . PRO A 1 115 ? 14.097  14.094  -8.272  1.00 111.32 ? 716 PRO A O   1 
ATOM 515  C CB  . PRO A 1 115 ? 17.140  15.485  -7.272  1.00 110.39 ? 716 PRO A CB  1 
ATOM 516  C CG  . PRO A 1 115 ? 17.724  15.368  -5.896  1.00 109.76 ? 716 PRO A CG  1 
ATOM 517  C CD  . PRO A 1 115 ? 16.864  16.302  -5.118  1.00 109.36 ? 716 PRO A CD  1 
ATOM 518  N N   . LEU A 1 116 ? 15.304  13.085  -6.646  1.00 109.74 ? 717 LEU A N   1 
ATOM 519  C CA  . LEU A 1 116 ? 14.726  11.765  -6.917  1.00 108.08 ? 717 LEU A CA  1 
ATOM 520  C C   . LEU A 1 116 ? 13.206  11.793  -6.945  1.00 106.61 ? 717 LEU A C   1 
ATOM 521  O O   . LEU A 1 116 ? 12.582  11.123  -7.759  1.00 105.34 ? 717 LEU A O   1 
ATOM 522  C CB  . LEU A 1 116 ? 15.205  10.745  -5.881  1.00 108.04 ? 717 LEU A CB  1 
ATOM 523  C CG  . LEU A 1 116 ? 14.864  9.269   -6.131  1.00 106.53 ? 717 LEU A CG  1 
ATOM 524  C CD1 . LEU A 1 116 ? 13.528  8.900   -5.517  1.00 107.04 ? 717 LEU A CD1 1 
ATOM 525  C CD2 . LEU A 1 116 ? 14.878  9.013   -7.617  1.00 105.16 ? 717 LEU A CD2 1 
ATOM 526  N N   . GLY A 1 117 ? 12.619  12.577  -6.049  1.00 106.19 ? 718 GLY A N   1 
ATOM 527  C CA  . GLY A 1 117 ? 11.177  12.685  -5.994  1.00 105.66 ? 718 GLY A CA  1 
ATOM 528  C C   . GLY A 1 117 ? 10.645  13.490  -7.162  1.00 105.24 ? 718 GLY A C   1 
ATOM 529  O O   . GLY A 1 117 ? 9.657   13.111  -7.779  1.00 105.04 ? 718 GLY A O   1 
ATOM 530  N N   . GLN A 1 118 ? 11.295  14.603  -7.471  1.00 106.09 ? 719 GLN A N   1 
ATOM 531  C CA  . GLN A 1 118 ? 10.849  15.431  -8.577  1.00 107.11 ? 719 GLN A CA  1 
ATOM 532  C C   . GLN A 1 118 ? 10.883  14.588  -9.834  1.00 107.07 ? 719 GLN A C   1 
ATOM 533  O O   . GLN A 1 118 ? 10.010  14.716  -10.690 1.00 107.85 ? 719 GLN A O   1 
ATOM 534  C CB  . GLN A 1 118 ? 11.756  16.647  -8.771  1.00 108.35 ? 719 GLN A CB  1 
ATOM 535  C CG  . GLN A 1 118 ? 11.308  17.553  -9.917  1.00 109.32 ? 719 GLN A CG  1 
ATOM 536  C CD  . GLN A 1 118 ? 12.384  18.528  -10.369 1.00 109.94 ? 719 GLN A CD  1 
ATOM 537  O OE1 . GLN A 1 118 ? 13.435  18.125  -10.870 1.00 110.91 ? 719 GLN A OE1 1 
ATOM 538  N NE2 . GLN A 1 118 ? 12.125  19.816  -10.197 1.00 109.93 ? 719 GLN A NE2 1 
ATOM 539  N N   . TRP A 1 119 ? 11.893  13.729  -9.948  1.00 105.92 ? 720 TRP A N   1 
ATOM 540  C CA  . TRP A 1 119 ? 11.997  12.879  -11.122 1.00 105.77 ? 720 TRP A CA  1 
ATOM 541  C C   . TRP A 1 119 ? 10.781  11.974  -11.223 1.00 105.42 ? 720 TRP A C   1 
ATOM 542  O O   . TRP A 1 119 ? 10.183  11.836  -12.290 1.00 105.27 ? 720 TRP A O   1 
ATOM 543  C CB  . TRP A 1 119 ? 13.248  12.009  -11.067 1.00 106.81 ? 720 TRP A CB  1 
ATOM 544  C CG  . TRP A 1 119 ? 13.291  11.054  -12.220 1.00 108.52 ? 720 TRP A CG  1 
ATOM 545  C CD1 . TRP A 1 119 ? 13.287  11.381  -13.541 1.00 109.40 ? 720 TRP A CD1 1 
ATOM 546  C CD2 . TRP A 1 119 ? 13.286  9.620   -12.163 1.00 108.95 ? 720 TRP A CD2 1 
ATOM 547  N NE1 . TRP A 1 119 ? 13.275  10.245  -14.314 1.00 110.49 ? 720 TRP A NE1 1 
ATOM 548  C CE2 . TRP A 1 119 ? 13.275  9.150   -13.494 1.00 109.50 ? 720 TRP A CE2 1 
ATOM 549  C CE3 . TRP A 1 119 ? 13.287  8.689   -11.119 1.00 108.72 ? 720 TRP A CE3 1 
ATOM 550  C CZ2 . TRP A 1 119 ? 13.265  7.790   -13.811 1.00 109.22 ? 720 TRP A CZ2 1 
ATOM 551  C CZ3 . TRP A 1 119 ? 13.277  7.338   -11.432 1.00 109.69 ? 720 TRP A CZ3 1 
ATOM 552  C CH2 . TRP A 1 119 ? 13.267  6.901   -12.770 1.00 110.51 ? 720 TRP A CH2 1 
ATOM 553  N N   . LEU A 1 120 ? 10.436  11.356  -10.097 1.00 104.96 ? 721 LEU A N   1 
ATOM 554  C CA  . LEU A 1 120 ? 9.301   10.451  -10.000 1.00 103.89 ? 721 LEU A CA  1 
ATOM 555  C C   . LEU A 1 120 ? 8.010   11.102  -10.476 1.00 104.65 ? 721 LEU A C   1 
ATOM 556  O O   . LEU A 1 120 ? 7.374   10.599  -11.396 1.00 104.45 ? 721 LEU A O   1 
ATOM 557  C CB  . LEU A 1 120 ? 9.147   9.977   -8.554  1.00 102.32 ? 721 LEU A CB  1 
ATOM 558  C CG  . LEU A 1 120 ? 9.638   8.586   -8.145  1.00 101.16 ? 721 LEU A CG  1 
ATOM 559  C CD1 . LEU A 1 120 ? 10.604  8.028   -9.161  1.00 100.69 ? 721 LEU A CD1 1 
ATOM 560  C CD2 . LEU A 1 120 ? 10.271  8.676   -6.767  1.00 99.25  ? 721 LEU A CD2 1 
ATOM 561  N N   . VAL A 1 121 ? 7.625   12.217  -9.859  1.00 105.75 ? 722 VAL A N   1 
ATOM 562  C CA  . VAL A 1 121 ? 6.395   12.910  -10.240 1.00 107.39 ? 722 VAL A CA  1 
ATOM 563  C C   . VAL A 1 121 ? 6.393   13.282  -11.718 1.00 108.91 ? 722 VAL A C   1 
ATOM 564  O O   . VAL A 1 121 ? 5.343   13.265  -12.369 1.00 109.20 ? 722 VAL A O   1 
ATOM 565  C CB  . VAL A 1 121 ? 6.171   14.193  -9.416  1.00 106.88 ? 722 VAL A CB  1 
ATOM 566  C CG1 . VAL A 1 121 ? 4.859   14.847  -9.829  1.00 106.51 ? 722 VAL A CG1 1 
ATOM 567  C CG2 . VAL A 1 121 ? 6.136   13.864  -7.938  1.00 106.14 ? 722 VAL A CG2 1 
ATOM 568  N N   . GLU A 1 122 ? 7.566   13.625  -12.243 1.00 110.40 ? 723 GLU A N   1 
ATOM 569  C CA  . GLU A 1 122 ? 7.693   13.977  -13.656 1.00 112.31 ? 723 GLU A CA  1 
ATOM 570  C C   . GLU A 1 122 ? 7.842   12.715  -14.507 1.00 112.82 ? 723 GLU A C   1 
ATOM 571  O O   . GLU A 1 122 ? 6.921   11.897  -14.574 1.00 113.91 ? 723 GLU A O   1 
ATOM 572  C CB  . GLU A 1 122 ? 8.890   14.912  -13.876 1.00 113.09 ? 723 GLU A CB  1 
ATOM 573  C CG  . GLU A 1 122 ? 8.523   16.401  -13.899 1.00 112.96 ? 723 GLU A CG  1 
ATOM 574  C CD  . GLU A 1 122 ? 9.741   17.319  -13.845 1.00 113.26 ? 723 GLU A CD  1 
ATOM 575  O OE1 . GLU A 1 122 ? 10.730  17.060  -14.577 1.00 111.77 ? 723 GLU A OE1 1 
ATOM 576  O OE2 . GLU A 1 122 ? 9.699   18.305  -13.073 1.00 112.11 ? 723 GLU A OE2 1 
ATOM 577  N N   . SER A 1 123 ? 8.993   12.553  -15.153 1.00 112.75 ? 724 SER A N   1 
ATOM 578  C CA  . SER A 1 123 ? 9.228   11.379  -15.991 1.00 113.34 ? 724 SER A CA  1 
ATOM 579  C C   . SER A 1 123 ? 8.035   11.096  -16.897 1.00 113.60 ? 724 SER A C   1 
ATOM 580  O O   . SER A 1 123 ? 7.117   11.906  -17.006 1.00 114.10 ? 724 SER A O   1 
ATOM 581  C CB  . SER A 1 123 ? 9.494   10.146  -15.125 1.00 112.61 ? 724 SER A CB  1 
ATOM 582  O OG  . SER A 1 123 ? 10.654  10.318  -14.335 1.00 112.58 ? 724 SER A OG  1 
ATOM 583  N N   . ALA A 1 124 ? 8.055   9.934   -17.542 1.00 113.78 ? 725 ALA A N   1 
ATOM 584  C CA  . ALA A 1 124 ? 6.980   9.526   -18.442 1.00 113.14 ? 725 ALA A CA  1 
ATOM 585  C C   . ALA A 1 124 ? 6.395   8.192   -17.984 1.00 112.79 ? 725 ALA A C   1 
ATOM 586  O O   . ALA A 1 124 ? 7.120   7.194   -17.874 1.00 112.91 ? 725 ALA A O   1 
ATOM 587  C CB  . ALA A 1 124 ? 7.517   9.401   -19.862 1.00 112.68 ? 725 ALA A CB  1 
ATOM 588  N N   . GLY A 1 125 ? 5.089   8.174   -17.719 1.00 112.07 ? 726 GLY A N   1 
ATOM 589  C CA  . GLY A 1 125 ? 4.452   6.949   -17.266 1.00 111.44 ? 726 GLY A CA  1 
ATOM 590  C C   . GLY A 1 125 ? 2.944   7.003   -17.077 1.00 111.69 ? 726 GLY A C   1 
ATOM 591  O O   . GLY A 1 125 ? 2.307   8.044   -17.280 1.00 111.80 ? 726 GLY A O   1 
ATOM 592  N N   . HIS A 1 126 ? 2.379   5.864   -16.674 1.00 111.16 ? 727 HIS A N   1 
ATOM 593  C CA  . HIS A 1 126 ? 0.940   5.719   -16.463 1.00 110.67 ? 727 HIS A CA  1 
ATOM 594  C C   . HIS A 1 126 ? 0.634   5.774   -14.966 1.00 110.05 ? 727 HIS A C   1 
ATOM 595  O O   . HIS A 1 126 ? 1.515   5.519   -14.144 1.00 111.28 ? 727 HIS A O   1 
ATOM 596  C CB  . HIS A 1 126 ? 0.459   4.376   -17.025 1.00 111.95 ? 727 HIS A CB  1 
ATOM 597  C CG  . HIS A 1 126 ? 1.064   4.006   -18.350 1.00 112.77 ? 727 HIS A CG  1 
ATOM 598  N ND1 . HIS A 1 126 ? 0.586   2.963   -19.115 1.00 112.79 ? 727 HIS A ND1 1 
ATOM 599  C CD2 . HIS A 1 126 ? 2.114   4.522   -19.036 1.00 112.76 ? 727 HIS A CD2 1 
ATOM 600  C CE1 . HIS A 1 126 ? 1.314   2.855   -20.212 1.00 112.63 ? 727 HIS A CE1 1 
ATOM 601  N NE2 . HIS A 1 126 ? 2.248   3.788   -20.189 1.00 111.73 ? 727 HIS A NE2 1 
ATOM 602  N N   . ALA A 1 127 ? -0.609  6.085   -14.605 1.00 108.23 ? 728 ALA A N   1 
ATOM 603  C CA  . ALA A 1 127 ? -0.975  6.173   -13.191 1.00 107.06 ? 728 ALA A CA  1 
ATOM 604  C C   . ALA A 1 127 ? -1.731  4.959   -12.623 1.00 106.65 ? 728 ALA A C   1 
ATOM 605  O O   . ALA A 1 127 ? -1.157  3.880   -12.425 1.00 107.87 ? 728 ALA A O   1 
ATOM 606  C CB  . ALA A 1 127 ? -1.779  7.447   -12.946 1.00 105.62 ? 728 ALA A CB  1 
ATOM 607  N N   . GLU A 1 128 ? -3.021  5.144   -12.368 1.00 104.39 ? 729 GLU A N   1 
ATOM 608  C CA  . GLU A 1 128 ? -3.876  4.109   -11.788 1.00 102.35 ? 729 GLU A CA  1 
ATOM 609  C C   . GLU A 1 128 ? -4.037  2.803   -12.573 1.00 98.63  ? 729 GLU A C   1 
ATOM 610  O O   . GLU A 1 128 ? -4.851  1.963   -12.202 1.00 97.03  ? 729 GLU A O   1 
ATOM 611  C CB  . GLU A 1 128 ? -5.272  4.689   -11.536 1.00 105.84 ? 729 GLU A CB  1 
ATOM 612  C CG  . GLU A 1 128 ? -5.281  6.193   -11.283 1.00 108.30 ? 729 GLU A CG  1 
ATOM 613  C CD  . GLU A 1 128 ? -4.589  6.562   -10.003 1.00 108.79 ? 729 GLU A CD  1 
ATOM 614  O OE1 . GLU A 1 128 ? -5.277  6.690   -8.966  1.00 109.36 ? 729 GLU A OE1 1 
ATOM 615  O OE2 . GLU A 1 128 ? -3.352  6.709   -10.042 1.00 110.35 ? 729 GLU A OE2 1 
ATOM 616  N N   . SER A 1 129 ? -3.283  2.631   -13.648 1.00 95.31  ? 730 SER A N   1 
ATOM 617  C CA  . SER A 1 129 ? -3.381  1.411   -14.448 1.00 93.81  ? 730 SER A CA  1 
ATOM 618  C C   . SER A 1 129 ? -3.410  0.132   -13.586 1.00 92.09  ? 730 SER A C   1 
ATOM 619  O O   . SER A 1 129 ? -2.499  -0.104  -12.786 1.00 92.08  ? 730 SER A O   1 
ATOM 620  C CB  . SER A 1 129 ? -2.197  1.319   -15.426 1.00 93.93  ? 730 SER A CB  1 
ATOM 621  O OG  . SER A 1 129 ? -0.980  1.059   -14.736 1.00 93.79  ? 730 SER A OG  1 
ATOM 622  N N   . SER A 1 130 ? -4.450  -0.689  -13.753 1.00 88.45  ? 731 SER A N   1 
ATOM 623  C CA  . SER A 1 130 ? -4.568  -1.944  -13.015 1.00 84.25  ? 731 SER A CA  1 
ATOM 624  C C   . SER A 1 130 ? -3.669  -2.991  -13.637 1.00 82.52  ? 731 SER A C   1 
ATOM 625  O O   . SER A 1 130 ? -3.200  -2.834  -14.758 1.00 82.83  ? 731 SER A O   1 
ATOM 626  C CB  . SER A 1 130 ? -5.994  -2.462  -13.052 1.00 82.56  ? 731 SER A CB  1 
ATOM 627  O OG  . SER A 1 130 ? -6.822  -1.694  -12.209 1.00 83.13  ? 731 SER A OG  1 
ATOM 628  N N   . ILE A 1 131 ? -3.410  -4.057  -12.903 1.00 79.93  ? 732 ILE A N   1 
ATOM 629  C CA  . ILE A 1 131 ? -2.592  -5.132  -13.420 1.00 78.90  ? 732 ILE A CA  1 
ATOM 630  C C   . ILE A 1 131 ? -3.250  -6.386  -12.891 1.00 80.01  ? 732 ILE A C   1 
ATOM 631  O O   . ILE A 1 131 ? -3.636  -6.431  -11.718 1.00 81.03  ? 732 ILE A O   1 
ATOM 632  C CB  . ILE A 1 131 ? -1.151  -5.073  -12.900 1.00 78.73  ? 732 ILE A CB  1 
ATOM 633  C CG1 . ILE A 1 131 ? -0.440  -3.848  -13.455 1.00 79.65  ? 732 ILE A CG1 1 
ATOM 634  C CG2 . ILE A 1 131 ? -0.386  -6.312  -13.310 1.00 76.61  ? 732 ILE A CG2 1 
ATOM 635  C CD1 . ILE A 1 131 ? 1.036   -3.803  -13.080 1.00 82.23  ? 732 ILE A CD1 1 
ATOM 636  N N   . TYR A 1 132 ? -3.393  -7.387  -13.761 1.00 79.27  ? 733 TYR A N   1 
ATOM 637  C CA  . TYR A 1 132 ? -4.004  -8.669  -13.416 1.00 77.41  ? 733 TYR A CA  1 
ATOM 638  C C   . TYR A 1 132 ? -3.099  -9.865  -13.754 1.00 78.24  ? 733 TYR A C   1 
ATOM 639  O O   . TYR A 1 132 ? -2.365  -9.842  -14.736 1.00 78.87  ? 733 TYR A O   1 
ATOM 640  C CB  . TYR A 1 132 ? -5.320  -8.808  -14.165 1.00 73.89  ? 733 TYR A CB  1 
ATOM 641  C CG  . TYR A 1 132 ? -6.430  -7.899  -13.687 1.00 71.62  ? 733 TYR A CG  1 
ATOM 642  C CD1 . TYR A 1 132 ? -7.387  -8.349  -12.790 1.00 70.91  ? 733 TYR A CD1 1 
ATOM 643  C CD2 . TYR A 1 132 ? -6.564  -6.613  -14.185 1.00 72.71  ? 733 TYR A CD2 1 
ATOM 644  C CE1 . TYR A 1 132 ? -8.459  -7.540  -12.412 1.00 71.83  ? 733 TYR A CE1 1 
ATOM 645  C CE2 . TYR A 1 132 ? -7.640  -5.790  -13.810 1.00 71.11  ? 733 TYR A CE2 1 
ATOM 646  C CZ  . TYR A 1 132 ? -8.576  -6.262  -12.931 1.00 69.67  ? 733 TYR A CZ  1 
ATOM 647  O OH  . TYR A 1 132 ? -9.638  -5.472  -12.592 1.00 67.33  ? 733 TYR A OH  1 
ATOM 648  N N   . TRP A 1 133 ? -3.141  -10.902 -12.931 1.00 80.42  ? 734 TRP A N   1 
ATOM 649  C CA  . TRP A 1 133 ? -2.350  -12.106 -13.191 1.00 83.70  ? 734 TRP A CA  1 
ATOM 650  C C   . TRP A 1 133 ? -2.764  -13.280 -12.306 1.00 86.60  ? 734 TRP A C   1 
ATOM 651  O O   . TRP A 1 133 ? -3.272  -13.095 -11.197 1.00 87.79  ? 734 TRP A O   1 
ATOM 652  C CB  . TRP A 1 133 ? -0.854  -11.838 -13.013 1.00 83.25  ? 734 TRP A CB  1 
ATOM 653  C CG  . TRP A 1 133 ? -0.389  -11.655 -11.590 1.00 85.12  ? 734 TRP A CG  1 
ATOM 654  C CD1 . TRP A 1 133 ? 0.433   -12.489 -10.884 1.00 85.05  ? 734 TRP A CD1 1 
ATOM 655  C CD2 . TRP A 1 133 ? -0.689  -10.558 -10.713 1.00 86.06  ? 734 TRP A CD2 1 
ATOM 656  N NE1 . TRP A 1 133 ? 0.662   -11.983 -9.627  1.00 85.30  ? 734 TRP A NE1 1 
ATOM 657  C CE2 . TRP A 1 133 ? -0.016  -10.799 -9.494  1.00 85.54  ? 734 TRP A CE2 1 
ATOM 658  C CE3 . TRP A 1 133 ? -1.462  -9.396  -10.837 1.00 85.09  ? 734 TRP A CE3 1 
ATOM 659  C CZ2 . TRP A 1 133 ? -0.093  -9.924  -8.410  1.00 84.24  ? 734 TRP A CZ2 1 
ATOM 660  C CZ3 . TRP A 1 133 ? -1.537  -8.525  -9.751  1.00 84.83  ? 734 TRP A CZ3 1 
ATOM 661  C CH2 . TRP A 1 133 ? -0.857  -8.797  -8.558  1.00 83.54  ? 734 TRP A CH2 1 
ATOM 662  N N   . GLU A 1 134 ? -2.570  -14.493 -12.808 1.00 88.05  ? 735 GLU A N   1 
ATOM 663  C CA  . GLU A 1 134 ? -2.905  -15.671 -12.035 1.00 88.89  ? 735 GLU A CA  1 
ATOM 664  C C   . GLU A 1 134 ? -1.673  -16.026 -11.227 1.00 88.72  ? 735 GLU A C   1 
ATOM 665  O O   . GLU A 1 134 ? -0.566  -16.005 -11.745 1.00 87.51  ? 735 GLU A O   1 
ATOM 666  C CB  . GLU A 1 134 ? -3.262  -16.847 -12.949 1.00 90.99  ? 735 GLU A CB  1 
ATOM 667  C CG  . GLU A 1 134 ? -4.538  -16.690 -13.773 1.00 95.04  ? 735 GLU A CG  1 
ATOM 668  C CD  . GLU A 1 134 ? -5.186  -18.041 -14.096 1.00 97.83  ? 735 GLU A CD  1 
ATOM 669  O OE1 . GLU A 1 134 ? -4.436  -19.006 -14.376 1.00 100.23 ? 735 GLU A OE1 1 
ATOM 670  O OE2 . GLU A 1 134 ? -6.439  -18.138 -14.074 1.00 99.24  ? 735 GLU A OE2 1 
ATOM 671  N N   . ASP A 1 135 ? -1.840  -16.329 -9.953  1.00 90.57  ? 736 ASP A N   1 
ATOM 672  C CA  . ASP A 1 135 ? -0.666  -16.708 -9.187  1.00 93.64  ? 736 ASP A CA  1 
ATOM 673  C C   . ASP A 1 135 ? -0.298  -18.124 -9.640  1.00 96.00  ? 736 ASP A C   1 
ATOM 674  O O   . ASP A 1 135 ? -1.064  -19.075 -9.447  1.00 96.49  ? 736 ASP A O   1 
ATOM 675  C CB  . ASP A 1 135 ? -0.947  -16.691 -7.677  1.00 92.74  ? 736 ASP A CB  1 
ATOM 676  C CG  . ASP A 1 135 ? 0.284   -17.043 -6.850  1.00 93.29  ? 736 ASP A CG  1 
ATOM 677  O OD1 . ASP A 1 135 ? 1.299   -16.319 -6.950  1.00 91.58  ? 736 ASP A OD1 1 
ATOM 678  O OD2 . ASP A 1 135 ? 0.235   -18.043 -6.098  1.00 93.74  ? 736 ASP A OD2 1 
ATOM 679  N N   . PRO A 1 136 ? 0.872   -18.277 -10.279 1.00 97.01  ? 737 PRO A N   1 
ATOM 680  C CA  . PRO A 1 136 ? 1.345   -19.573 -10.760 1.00 97.67  ? 737 PRO A CA  1 
ATOM 681  C C   . PRO A 1 136 ? 0.956   -20.751 -9.869  1.00 98.12  ? 737 PRO A C   1 
ATOM 682  O O   . PRO A 1 136 ? 0.370   -21.730 -10.340 1.00 98.04  ? 737 PRO A O   1 
ATOM 683  C CB  . PRO A 1 136 ? 2.852   -19.368 -10.813 1.00 97.92  ? 737 PRO A CB  1 
ATOM 684  C CG  . PRO A 1 136 ? 2.952   -17.976 -11.321 1.00 96.77  ? 737 PRO A CG  1 
ATOM 685  C CD  . PRO A 1 136 ? 1.893   -17.239 -10.514 1.00 97.65  ? 737 PRO A CD  1 
ATOM 686  N N   . GLU A 1 137 ? 1.269   -20.644 -8.581  1.00 98.38  ? 738 GLU A N   1 
ATOM 687  C CA  . GLU A 1 137 ? 0.984   -21.720 -7.632  1.00 98.46  ? 738 GLU A CA  1 
ATOM 688  C C   . GLU A 1 137 ? -0.489  -22.002 -7.361  1.00 97.00  ? 738 GLU A C   1 
ATOM 689  O O   . GLU A 1 137 ? -0.935  -23.138 -7.496  1.00 96.94  ? 738 GLU A O   1 
ATOM 690  C CB  . GLU A 1 137 ? 1.706   -21.447 -6.308  1.00 100.26 ? 738 GLU A CB  1 
ATOM 691  C CG  . GLU A 1 137 ? 1.440   -22.461 -5.203  1.00 102.55 ? 738 GLU A CG  1 
ATOM 692  C CD  . GLU A 1 137 ? 2.047   -22.030 -3.867  1.00 106.10 ? 738 GLU A CD  1 
ATOM 693  O OE1 . GLU A 1 137 ? 1.732   -20.911 -3.389  1.00 107.81 ? 738 GLU A OE1 1 
ATOM 694  O OE2 . GLU A 1 137 ? 2.841   -22.807 -3.293  1.00 106.29 ? 738 GLU A OE2 1 
ATOM 695  N N   . THR A 1 138 ? -1.247  -20.981 -6.988  1.00 95.11  ? 739 THR A N   1 
ATOM 696  C CA  . THR A 1 138 ? -2.655  -21.182 -6.676  1.00 94.05  ? 739 THR A CA  1 
ATOM 697  C C   . THR A 1 138 ? -3.605  -21.057 -7.859  1.00 92.56  ? 739 THR A C   1 
ATOM 698  O O   . THR A 1 138 ? -4.753  -21.502 -7.800  1.00 91.50  ? 739 THR A O   1 
ATOM 699  C CB  . THR A 1 138 ? -3.103  -20.207 -5.580  1.00 95.60  ? 739 THR A CB  1 
ATOM 700  O OG1 . THR A 1 138 ? -2.999  -18.853 -6.058  1.00 95.89  ? 739 THR A OG1 1 
ATOM 701  C CG2 . THR A 1 138 ? -2.236  -20.391 -4.342  1.00 95.30  ? 739 THR A CG2 1 
ATOM 702  N N   . GLY A 1 139 ? -3.126  -20.452 -8.935  1.00 91.64  ? 740 GLY A N   1 
ATOM 703  C CA  . GLY A 1 139 ? -3.973  -20.273 -10.095 1.00 91.51  ? 740 GLY A CA  1 
ATOM 704  C C   . GLY A 1 139 ? -5.011  -19.202 -9.832  1.00 89.85  ? 740 GLY A C   1 
ATOM 705  O O   . GLY A 1 139 ? -5.865  -18.947 -10.667 1.00 90.65  ? 740 GLY A O   1 
ATOM 706  N N   . ILE A 1 140 ? -4.931  -18.571 -8.666  1.00 89.37  ? 741 ILE A N   1 
ATOM 707  C CA  . ILE A 1 140 ? -5.868  -17.515 -8.289  1.00 88.51  ? 741 ILE A CA  1 
ATOM 708  C C   . ILE A 1 140 ? -5.575  -16.241 -9.068  1.00 87.29  ? 741 ILE A C   1 
ATOM 709  O O   . ILE A 1 140 ? -4.421  -15.979 -9.438  1.00 86.74  ? 741 ILE A O   1 
ATOM 710  C CB  . ILE A 1 140 ? -5.766  -17.169 -6.784  1.00 89.12  ? 741 ILE A CB  1 
ATOM 711  C CG1 . ILE A 1 140 ? -5.856  -18.448 -5.951  1.00 88.67  ? 741 ILE A CG1 1 
ATOM 712  C CG2 . ILE A 1 140 ? -6.884  -16.188 -6.400  1.00 87.25  ? 741 ILE A CG2 1 
ATOM 713  C CD1 . ILE A 1 140 ? -5.550  -18.256 -4.494  1.00 89.59  ? 741 ILE A CD1 1 
ATOM 714  N N   . LEU A 1 141 ? -6.616  -15.443 -9.294  1.00 84.10  ? 742 LEU A N   1 
ATOM 715  C CA  . LEU A 1 141 ? -6.466  -14.198 -10.026 1.00 81.93  ? 742 LEU A CA  1 
ATOM 716  C C   . LEU A 1 141 ? -6.096  -13.097 -9.060  1.00 82.09  ? 742 LEU A C   1 
ATOM 717  O O   . LEU A 1 141 ? -6.816  -12.855 -8.102  1.00 83.42  ? 742 LEU A O   1 
ATOM 718  C CB  . LEU A 1 141 ? -7.772  -13.837 -10.721 1.00 81.51  ? 742 LEU A CB  1 
ATOM 719  C CG  . LEU A 1 141 ? -7.693  -12.546 -11.527 1.00 82.03  ? 742 LEU A CG  1 
ATOM 720  C CD1 . LEU A 1 141 ? -6.735  -12.777 -12.679 1.00 80.57  ? 742 LEU A CD1 1 
ATOM 721  C CD2 . LEU A 1 141 ? -9.073  -12.115 -12.015 1.00 81.53  ? 742 LEU A CD2 1 
ATOM 722  N N   . CYS A 1 142 ? -4.975  -12.428 -9.313  1.00 82.46  ? 743 CYS A N   1 
ATOM 723  C CA  . CYS A 1 142 ? -4.506  -11.330 -8.458  1.00 82.68  ? 743 CYS A CA  1 
ATOM 724  C C   . CYS A 1 142 ? -4.651  -9.982  -9.160  1.00 82.58  ? 743 CYS A C   1 
ATOM 725  O O   . CYS A 1 142 ? -4.594  -9.901  -10.382 1.00 83.18  ? 743 CYS A O   1 
ATOM 726  C CB  . CYS A 1 142 ? -3.037  -11.528 -8.077  1.00 81.59  ? 743 CYS A CB  1 
ATOM 727  S SG  . CYS A 1 142 ? -2.713  -13.043 -7.189  1.00 86.20  ? 743 CYS A SG  1 
ATOM 728  N N   . ARG A 1 143 ? -4.814  -8.922  -8.381  1.00 81.72  ? 744 ARG A N   1 
ATOM 729  C CA  . ARG A 1 143 ? -4.979  -7.598  -8.935  1.00 80.47  ? 744 ARG A CA  1 
ATOM 730  C C   . ARG A 1 143 ? -4.295  -6.580  -8.038  1.00 80.98  ? 744 ARG A C   1 
ATOM 731  O O   . ARG A 1 143 ? -4.397  -6.650  -6.810  1.00 81.24  ? 744 ARG A O   1 
ATOM 732  C CB  . ARG A 1 143 ? -6.472  -7.287  -9.042  1.00 80.07  ? 744 ARG A CB  1 
ATOM 733  C CG  . ARG A 1 143 ? -6.808  -5.923  -9.623  1.00 81.88  ? 744 ARG A CG  1 
ATOM 734  C CD  . ARG A 1 143 ? -7.679  -5.111  -8.676  1.00 81.02  ? 744 ARG A CD  1 
ATOM 735  N NE  . ARG A 1 143 ? -8.802  -5.893  -8.164  1.00 81.22  ? 744 ARG A NE  1 
ATOM 736  C CZ  . ARG A 1 143 ? -9.543  -5.529  -7.121  1.00 82.21  ? 744 ARG A CZ  1 
ATOM 737  N NH1 . ARG A 1 143 ? -9.286  -4.393  -6.486  1.00 80.61  ? 744 ARG A NH1 1 
ATOM 738  N NH2 . ARG A 1 143 ? -10.524 -6.311  -6.687  1.00 82.72  ? 744 ARG A NH2 1 
ATOM 739  N N   . CYS A 1 144 ? -3.591  -5.637  -8.657  1.00 81.15  ? 745 CYS A N   1 
ATOM 740  C CA  . CYS A 1 144 ? -2.896  -4.577  -7.922  1.00 80.81  ? 745 CYS A CA  1 
ATOM 741  C C   . CYS A 1 144 ? -2.757  -3.401  -8.869  1.00 79.89  ? 745 CYS A C   1 
ATOM 742  O O   . CYS A 1 144 ? -2.341  -3.600  -9.996  1.00 80.83  ? 745 CYS A O   1 
ATOM 743  C CB  . CYS A 1 144 ? -1.507  -5.048  -7.487  1.00 80.81  ? 745 CYS A CB  1 
ATOM 744  S SG  . CYS A 1 144 ? -0.208  -4.824  -8.717  1.00 78.54  ? 745 CYS A SG  1 
ATOM 745  N N   . ARG A 1 145 ? -3.099  -2.189  -8.438  1.00 80.37  ? 746 ARG A N   1 
ATOM 746  C CA  . ARG A 1 145 ? -2.989  -1.030  -9.339  1.00 80.65  ? 746 ARG A CA  1 
ATOM 747  C C   . ARG A 1 145 ? -2.076  0.109   -8.879  1.00 78.95  ? 746 ARG A C   1 
ATOM 748  O O   . ARG A 1 145 ? -2.531  1.114   -8.318  1.00 76.83  ? 746 ARG A O   1 
ATOM 749  C CB  . ARG A 1 145 ? -4.377  -0.486  -9.675  1.00 82.86  ? 746 ARG A CB  1 
ATOM 750  C CG  . ARG A 1 145 ? -5.301  -0.423  -8.505  1.00 88.06  ? 746 ARG A CG  1 
ATOM 751  C CD  . ARG A 1 145 ? -5.681  1.005   -8.167  1.00 93.05  ? 746 ARG A CD  1 
ATOM 752  N NE  . ARG A 1 145 ? -6.518  1.649   -9.177  1.00 95.96  ? 746 ARG A NE  1 
ATOM 753  C CZ  . ARG A 1 145 ? -7.275  2.717   -8.927  1.00 98.55  ? 746 ARG A CZ  1 
ATOM 754  N NH1 . ARG A 1 145 ? -7.288  3.236   -7.703  1.00 97.92  ? 746 ARG A NH1 1 
ATOM 755  N NH2 . ARG A 1 145 ? -8.011  3.270   -9.893  1.00 99.13  ? 746 ARG A NH2 1 
ATOM 756  N N   . PRO A 1 146 ? -0.765  -0.037  -9.146  1.00 77.53  ? 747 PRO A N   1 
ATOM 757  C CA  . PRO A 1 146 ? 0.309   0.896   -8.812  1.00 78.79  ? 747 PRO A CA  1 
ATOM 758  C C   . PRO A 1 146 ? -0.010  2.370   -9.068  1.00 80.39  ? 747 PRO A C   1 
ATOM 759  O O   . PRO A 1 146 ? -0.411  2.743   -10.173 1.00 80.80  ? 747 PRO A O   1 
ATOM 760  C CB  . PRO A 1 146 ? 1.475   0.381   -9.655  1.00 76.13  ? 747 PRO A CB  1 
ATOM 761  C CG  . PRO A 1 146 ? 0.821   -0.313  -10.752 1.00 74.68  ? 747 PRO A CG  1 
ATOM 762  C CD  . PRO A 1 146 ? -0.246  -1.062  -10.054 1.00 74.29  ? 747 PRO A CD  1 
ATOM 763  N N   . ASP A 1 147 ? 0.196   3.195   -8.040  1.00 82.28  ? 748 ASP A N   1 
ATOM 764  C CA  . ASP A 1 147 ? -0.082  4.633   -8.112  1.00 84.24  ? 748 ASP A CA  1 
ATOM 765  C C   . ASP A 1 147 ? 0.572   5.342   -9.300  1.00 86.58  ? 748 ASP A C   1 
ATOM 766  O O   . ASP A 1 147 ? -0.007  6.256   -9.899  1.00 87.13  ? 748 ASP A O   1 
ATOM 767  C CB  . ASP A 1 147 ? 0.328   5.307   -6.795  1.00 80.03  ? 748 ASP A CB  1 
ATOM 768  C CG  . ASP A 1 147 ? -0.653  5.022   -5.673  1.00 79.98  ? 748 ASP A CG  1 
ATOM 769  O OD1 . ASP A 1 147 ? -0.370  5.391   -4.512  1.00 80.43  ? 748 ASP A OD1 1 
ATOM 770  O OD2 . ASP A 1 147 ? -1.719  4.427   -5.948  1.00 77.91  ? 748 ASP A OD2 1 
ATOM 771  N N   . LYS A 1 148 ? 1.781   4.917   -9.640  1.00 87.90  ? 749 LYS A N   1 
ATOM 772  C CA  . LYS A 1 148 ? 2.501   5.502   -10.754 1.00 89.51  ? 749 LYS A CA  1 
ATOM 773  C C   . LYS A 1 148 ? 3.493   4.426   -11.176 1.00 91.28  ? 749 LYS A C   1 
ATOM 774  O O   . LYS A 1 148 ? 4.119   3.760   -10.341 1.00 90.87  ? 749 LYS A O   1 
ATOM 775  C CB  . LYS A 1 148 ? 3.213   6.786   -10.321 1.00 89.03  ? 749 LYS A CB  1 
ATOM 776  C CG  . LYS A 1 148 ? 3.536   7.746   -11.453 1.00 89.11  ? 749 LYS A CG  1 
ATOM 777  C CD  . LYS A 1 148 ? 4.479   7.129   -12.466 1.00 91.82  ? 749 LYS A CD  1 
ATOM 778  C CE  . LYS A 1 148 ? 4.850   8.107   -13.576 1.00 94.02  ? 749 LYS A CE  1 
ATOM 779  N NZ  . LYS A 1 148 ? 5.610   9.300   -13.095 1.00 94.98  ? 749 LYS A NZ  1 
ATOM 780  N N   . ILE A 1 149 ? 3.616   4.257   -12.484 1.00 92.67  ? 750 ILE A N   1 
ATOM 781  C CA  . ILE A 1 149 ? 4.470   3.236   -13.052 1.00 94.06  ? 750 ILE A CA  1 
ATOM 782  C C   . ILE A 1 149 ? 5.253   3.853   -14.206 1.00 95.19  ? 750 ILE A C   1 
ATOM 783  O O   . ILE A 1 149 ? 4.684   4.195   -15.235 1.00 96.54  ? 750 ILE A O   1 
ATOM 784  C CB  . ILE A 1 149 ? 3.564   2.053   -13.517 1.00 94.66  ? 750 ILE A CB  1 
ATOM 785  C CG1 . ILE A 1 149 ? 4.395   0.867   -13.995 1.00 93.74  ? 750 ILE A CG1 1 
ATOM 786  C CG2 . ILE A 1 149 ? 2.588   2.533   -14.591 1.00 93.55  ? 750 ILE A CG2 1 
ATOM 787  C CD1 . ILE A 1 149 ? 3.537   -0.356  -14.241 1.00 92.11  ? 750 ILE A CD1 1 
ATOM 788  N N   . ILE A 1 150 ? 6.558   4.016   -14.011 1.00 95.68  ? 751 ILE A N   1 
ATOM 789  C CA  . ILE A 1 150 ? 7.439   4.598   -15.017 1.00 96.92  ? 751 ILE A CA  1 
ATOM 790  C C   . ILE A 1 150 ? 8.036   3.492   -15.906 1.00 98.79  ? 751 ILE A C   1 
ATOM 791  O O   . ILE A 1 150 ? 9.046   2.888   -15.554 1.00 98.34  ? 751 ILE A O   1 
ATOM 792  C CB  . ILE A 1 150 ? 8.584   5.374   -14.331 1.00 96.86  ? 751 ILE A CB  1 
ATOM 793  C CG1 . ILE A 1 150 ? 8.000   6.386   -13.342 1.00 94.30  ? 751 ILE A CG1 1 
ATOM 794  C CG2 . ILE A 1 150 ? 9.455   6.069   -15.376 1.00 98.50  ? 751 ILE A CG2 1 
ATOM 795  C CD1 . ILE A 1 150 ? 9.029   7.083   -12.503 1.00 91.70  ? 751 ILE A CD1 1 
ATOM 796  N N   . PRO A 1 151 ? 7.418   3.235   -17.079 1.00 100.43 ? 752 PRO A N   1 
ATOM 797  C CA  . PRO A 1 151 ? 7.775   2.234   -18.095 1.00 100.82 ? 752 PRO A CA  1 
ATOM 798  C C   . PRO A 1 151 ? 9.229   2.173   -18.505 1.00 102.32 ? 752 PRO A C   1 
ATOM 799  O O   . PRO A 1 151 ? 9.861   1.122   -18.434 1.00 102.30 ? 752 PRO A O   1 
ATOM 800  C CB  . PRO A 1 151 ? 6.890   2.613   -19.271 1.00 101.16 ? 752 PRO A CB  1 
ATOM 801  C CG  . PRO A 1 151 ? 5.682   3.171   -18.611 1.00 100.75 ? 752 PRO A CG  1 
ATOM 802  C CD  . PRO A 1 151 ? 6.305   4.064   -17.571 1.00 100.71 ? 752 PRO A CD  1 
ATOM 803  N N   . GLU A 1 152 ? 9.740   3.310   -18.957 1.00 104.53 ? 753 GLU A N   1 
ATOM 804  C CA  . GLU A 1 152 ? 11.120  3.432   -19.412 1.00 106.98 ? 753 GLU A CA  1 
ATOM 805  C C   . GLU A 1 152 ? 12.174  2.655   -18.591 1.00 106.50 ? 753 GLU A C   1 
ATOM 806  O O   . GLU A 1 152 ? 12.957  1.885   -19.157 1.00 105.08 ? 753 GLU A O   1 
ATOM 807  C CB  . GLU A 1 152 ? 11.475  4.928   -19.491 1.00 110.41 ? 753 GLU A CB  1 
ATOM 808  C CG  . GLU A 1 152 ? 12.955  5.262   -19.653 1.00 115.39 ? 753 GLU A CG  1 
ATOM 809  C CD  . GLU A 1 152 ? 13.600  4.664   -20.900 1.00 118.67 ? 753 GLU A CD  1 
ATOM 810  O OE1 . GLU A 1 152 ? 14.819  4.889   -21.091 1.00 120.13 ? 753 GLU A OE1 1 
ATOM 811  O OE2 . GLU A 1 152 ? 12.905  3.978   -21.685 1.00 120.25 ? 753 GLU A OE2 1 
ATOM 812  N N   . PHE A 1 153 ? 12.182  2.848   -17.270 1.00 106.06 ? 754 PHE A N   1 
ATOM 813  C CA  . PHE A 1 153 ? 13.144  2.184   -16.389 1.00 105.25 ? 754 PHE A CA  1 
ATOM 814  C C   . PHE A 1 153 ? 12.490  1.252   -15.374 1.00 104.32 ? 754 PHE A C   1 
ATOM 815  O O   . PHE A 1 153 ? 13.087  0.929   -14.347 1.00 105.17 ? 754 PHE A O   1 
ATOM 816  C CB  . PHE A 1 153 ? 13.974  3.220   -15.635 1.00 107.13 ? 754 PHE A CB  1 
ATOM 817  C CG  . PHE A 1 153 ? 14.533  4.300   -16.511 1.00 110.39 ? 754 PHE A CG  1 
ATOM 818  C CD1 . PHE A 1 153 ? 15.552  4.028   -17.416 1.00 110.89 ? 754 PHE A CD1 1 
ATOM 819  C CD2 . PHE A 1 153 ? 14.033  5.598   -16.432 1.00 112.55 ? 754 PHE A CD2 1 
ATOM 820  C CE1 . PHE A 1 153 ? 16.070  5.029   -18.235 1.00 111.79 ? 754 PHE A CE1 1 
ATOM 821  C CE2 . PHE A 1 153 ? 14.544  6.608   -17.246 1.00 113.76 ? 754 PHE A CE2 1 
ATOM 822  C CZ  . PHE A 1 153 ? 15.569  6.320   -18.151 1.00 113.08 ? 754 PHE A CZ  1 
ATOM 823  N N   . HIS A 1 154 ? 11.265  0.825   -15.657 1.00 102.47 ? 755 HIS A N   1 
ATOM 824  C CA  . HIS A 1 154 ? 10.553  -0.084  -14.768 1.00 100.78 ? 755 HIS A CA  1 
ATOM 825  C C   . HIS A 1 154 ? 10.554  0.365   -13.316 1.00 99.33  ? 755 HIS A C   1 
ATOM 826  O O   . HIS A 1 154 ? 11.026  -0.344  -12.427 1.00 99.34  ? 755 HIS A O   1 
ATOM 827  C CB  . HIS A 1 154 ? 11.157  -1.478  -14.878 1.00 101.82 ? 755 HIS A CB  1 
ATOM 828  C CG  . HIS A 1 154 ? 11.073  -2.056  -16.254 1.00 103.40 ? 755 HIS A CG  1 
ATOM 829  N ND1 . HIS A 1 154 ? 11.810  -3.150  -16.648 1.00 103.32 ? 755 HIS A ND1 1 
ATOM 830  C CD2 . HIS A 1 154 ? 10.346  -1.680  -17.333 1.00 103.94 ? 755 HIS A CD2 1 
ATOM 831  C CE1 . HIS A 1 154 ? 11.543  -3.421  -17.914 1.00 104.30 ? 755 HIS A CE1 1 
ATOM 832  N NE2 . HIS A 1 154 ? 10.658  -2.544  -18.353 1.00 103.63 ? 755 HIS A NE2 1 
ATOM 833  N N   . TRP A 1 155 ? 10.014  1.552   -13.080 1.00 97.16  ? 756 TRP A N   1 
ATOM 834  C CA  . TRP A 1 155 ? 9.934   2.079   -11.733 1.00 95.25  ? 756 TRP A CA  1 
ATOM 835  C C   . TRP A 1 155 ? 8.480   2.185   -11.263 1.00 92.28  ? 756 TRP A C   1 
ATOM 836  O O   . TRP A 1 155 ? 7.614   2.697   -11.967 1.00 91.31  ? 756 TRP A O   1 
ATOM 837  C CB  . TRP A 1 155 ? 10.622  3.451   -11.656 1.00 96.89  ? 756 TRP A CB  1 
ATOM 838  C CG  . TRP A 1 155 ? 12.060  3.401   -11.162 1.00 98.01  ? 756 TRP A CG  1 
ATOM 839  C CD1 . TRP A 1 155 ? 13.086  2.688   -11.704 1.00 97.95  ? 756 TRP A CD1 1 
ATOM 840  C CD2 . TRP A 1 155 ? 12.612  4.089   -10.021 1.00 98.32  ? 756 TRP A CD2 1 
ATOM 841  N NE1 . TRP A 1 155 ? 14.238  2.883   -10.979 1.00 97.52  ? 756 TRP A NE1 1 
ATOM 842  C CE2 . TRP A 1 155 ? 13.975  3.738   -9.942  1.00 97.25  ? 756 TRP A CE2 1 
ATOM 843  C CE3 . TRP A 1 155 ? 12.083  4.966   -9.060  1.00 98.87  ? 756 TRP A CE3 1 
ATOM 844  C CZ2 . TRP A 1 155 ? 14.819  4.232   -8.940  1.00 96.49  ? 756 TRP A CZ2 1 
ATOM 845  C CZ3 . TRP A 1 155 ? 12.928  5.455   -8.060  1.00 97.59  ? 756 TRP A CZ3 1 
ATOM 846  C CH2 . TRP A 1 155 ? 14.279  5.084   -8.012  1.00 95.94  ? 756 TRP A CH2 1 
ATOM 847  N N   . ILE A 1 156 ? 8.216   1.656   -10.080 1.00 88.98  ? 757 ILE A N   1 
ATOM 848  C CA  . ILE A 1 156 ? 6.890   1.732   -9.502  1.00 85.27  ? 757 ILE A CA  1 
ATOM 849  C C   . ILE A 1 156 ? 7.014   2.570   -8.244  1.00 83.10  ? 757 ILE A C   1 
ATOM 850  O O   . ILE A 1 156 ? 7.822   2.271   -7.361  1.00 79.87  ? 757 ILE A O   1 
ATOM 851  C CB  . ILE A 1 156 ? 6.326   0.343   -9.111  1.00 85.95  ? 757 ILE A CB  1 
ATOM 852  C CG1 . ILE A 1 156 ? 5.559   -0.260  -10.282 1.00 86.27  ? 757 ILE A CG1 1 
ATOM 853  C CG2 . ILE A 1 156 ? 5.398   0.469   -7.923  1.00 84.96  ? 757 ILE A CG2 1 
ATOM 854  C CD1 . ILE A 1 156 ? 4.647   -1.408  -9.891  1.00 84.77  ? 757 ILE A CD1 1 
ATOM 855  N N   . MET A 1 157 ? 6.213   3.630   -8.186  1.00 81.80  ? 758 MET A N   1 
ATOM 856  C CA  . MET A 1 157 ? 6.192   4.528   -7.049  1.00 79.23  ? 758 MET A CA  1 
ATOM 857  C C   . MET A 1 157 ? 4.839   4.346   -6.408  1.00 77.90  ? 758 MET A C   1 
ATOM 858  O O   . MET A 1 157 ? 3.899   3.926   -7.065  1.00 77.91  ? 758 MET A O   1 
ATOM 859  C CB  . MET A 1 157 ? 6.348   5.961   -7.515  1.00 79.67  ? 758 MET A CB  1 
ATOM 860  C CG  . MET A 1 157 ? 6.228   6.980   -6.415  1.00 82.55  ? 758 MET A CG  1 
ATOM 861  S SD  . MET A 1 157 ? 5.935   8.600   -7.111  1.00 84.88  ? 758 MET A SD  1 
ATOM 862  C CE  . MET A 1 157 ? 4.214   8.497   -7.393  1.00 83.00  ? 758 MET A CE  1 
ATOM 863  N N   . ASP A 1 158 ? 4.751   4.636   -5.119  1.00 77.89  ? 759 ASP A N   1 
ATOM 864  C CA  . ASP A 1 158 ? 3.497   4.512   -4.385  1.00 77.62  ? 759 ASP A CA  1 
ATOM 865  C C   . ASP A 1 158 ? 3.454   5.669   -3.393  1.00 78.55  ? 759 ASP A C   1 
ATOM 866  O O   . ASP A 1 158 ? 4.255   5.731   -2.465  1.00 79.06  ? 759 ASP A O   1 
ATOM 867  C CB  . ASP A 1 158 ? 3.445   3.166   -3.665  1.00 75.89  ? 759 ASP A CB  1 
ATOM 868  C CG  . ASP A 1 158 ? 2.146   2.939   -2.915  1.00 75.64  ? 759 ASP A CG  1 
ATOM 869  O OD1 . ASP A 1 158 ? 1.997   3.483   -1.805  1.00 74.41  ? 759 ASP A OD1 1 
ATOM 870  O OD2 . ASP A 1 158 ? 1.272   2.212   -3.434  1.00 74.96  ? 759 ASP A OD2 1 
ATOM 871  N N   . VAL A 1 159 ? 2.535   6.606   -3.625  1.00 77.88  ? 760 VAL A N   1 
ATOM 872  C CA  . VAL A 1 159 ? 2.380   7.775   -2.773  1.00 75.20  ? 760 VAL A CA  1 
ATOM 873  C C   . VAL A 1 159 ? 1.683   7.388   -1.484  1.00 74.01  ? 760 VAL A C   1 
ATOM 874  O O   . VAL A 1 159 ? 0.691   6.669   -1.504  1.00 72.85  ? 760 VAL A O   1 
ATOM 875  C CB  . VAL A 1 159 ? 1.561   8.847   -3.491  1.00 76.59  ? 760 VAL A CB  1 
ATOM 876  C CG1 . VAL A 1 159 ? 1.374   10.045  -2.588  1.00 77.82  ? 760 VAL A CG1 1 
ATOM 877  C CG2 . VAL A 1 159 ? 2.259   9.245   -4.777  1.00 74.59  ? 760 VAL A CG2 1 
ATOM 878  N N   . LYS A 1 160 ? 2.215   7.868   -0.367  1.00 74.31  ? 761 LYS A N   1 
ATOM 879  C CA  . LYS A 1 160 ? 1.676   7.576   0.959   1.00 78.18  ? 761 LYS A CA  1 
ATOM 880  C C   . LYS A 1 160 ? 1.963   8.795   1.827   1.00 80.64  ? 761 LYS A C   1 
ATOM 881  O O   . LYS A 1 160 ? 2.961   9.477   1.619   1.00 81.04  ? 761 LYS A O   1 
ATOM 882  C CB  . LYS A 1 160 ? 2.380   6.356   1.567   1.00 79.69  ? 761 LYS A CB  1 
ATOM 883  C CG  . LYS A 1 160 ? 1.475   5.188   1.933   1.00 81.57  ? 761 LYS A CG  1 
ATOM 884  C CD  . LYS A 1 160 ? 1.072   4.393   0.704   1.00 83.91  ? 761 LYS A CD  1 
ATOM 885  C CE  . LYS A 1 160 ? 0.160   3.222   1.057   1.00 85.42  ? 761 LYS A CE  1 
ATOM 886  N NZ  . LYS A 1 160 ? -0.174  2.379   -0.142  1.00 87.57  ? 761 LYS A NZ  1 
ATOM 887  N N   . THR A 1 161 ? 1.101   9.072   2.799   1.00 82.32  ? 762 THR A N   1 
ATOM 888  C CA  . THR A 1 161 ? 1.301   10.228  3.670   1.00 84.34  ? 762 THR A CA  1 
ATOM 889  C C   . THR A 1 161 ? 1.194   9.775   5.116   1.00 86.98  ? 762 THR A C   1 
ATOM 890  O O   . THR A 1 161 ? 0.441   8.847   5.423   1.00 86.40  ? 762 THR A O   1 
ATOM 891  C CB  . THR A 1 161 ? 0.261   11.332  3.392   1.00 82.64  ? 762 THR A CB  1 
ATOM 892  O OG1 . THR A 1 161 ? -1.042  10.883  3.784   1.00 81.63  ? 762 THR A OG1 1 
ATOM 893  C CG2 . THR A 1 161 ? 0.244   11.663  1.918   1.00 80.75  ? 762 THR A CG2 1 
ATOM 894  N N   . THR A 1 162 ? 1.936   10.442  5.999   1.00 90.01  ? 763 THR A N   1 
ATOM 895  C CA  . THR A 1 162 ? 1.975   10.076  7.420   1.00 92.95  ? 763 THR A CA  1 
ATOM 896  C C   . THR A 1 162 ? 2.102   11.313  8.334   1.00 94.68  ? 763 THR A C   1 
ATOM 897  O O   . THR A 1 162 ? 2.015   12.458  7.867   1.00 95.99  ? 763 THR A O   1 
ATOM 898  C CB  . THR A 1 162 ? 3.190   9.111   7.665   1.00 93.62  ? 763 THR A CB  1 
ATOM 899  O OG1 . THR A 1 162 ? 3.037   8.413   8.909   1.00 94.63  ? 763 THR A OG1 1 
ATOM 900  C CG2 . THR A 1 162 ? 4.504   9.894   7.664   1.00 91.32  ? 763 THR A CG2 1 
ATOM 901  N N   . ALA A 1 163 ? 2.288   11.074  9.633   1.00 94.64  ? 764 ALA A N   1 
ATOM 902  C CA  . ALA A 1 163 ? 2.472   12.147  10.602  1.00 94.47  ? 764 ALA A CA  1 
ATOM 903  C C   . ALA A 1 163 ? 3.924   12.113  11.087  1.00 95.66  ? 764 ALA A C   1 
ATOM 904  O O   . ALA A 1 163 ? 4.487   13.141  11.446  1.00 95.46  ? 764 ALA A O   1 
ATOM 905  C CB  . ALA A 1 163 ? 1.536   11.970  11.767  1.00 93.04  ? 764 ALA A CB  1 
ATOM 906  N N   . ASP A 1 164 ? 4.536   10.929  11.095  1.00 97.14  ? 765 ASP A N   1 
ATOM 907  C CA  . ASP A 1 164 ? 5.930   10.795  11.536  1.00 98.92  ? 765 ASP A CA  1 
ATOM 908  C C   . ASP A 1 164 ? 6.734   10.051  10.498  1.00 98.38  ? 765 ASP A C   1 
ATOM 909  O O   . ASP A 1 164 ? 6.572   8.842   10.362  1.00 99.11  ? 765 ASP A O   1 
ATOM 910  C CB  . ASP A 1 164 ? 6.048   9.999   12.841  1.00 100.94 ? 765 ASP A CB  1 
ATOM 911  C CG  . ASP A 1 164 ? 4.905   10.254  13.806  1.00 104.15 ? 765 ASP A CG  1 
ATOM 912  O OD1 . ASP A 1 164 ? 4.939   9.681   14.922  1.00 104.54 ? 765 ASP A OD1 1 
ATOM 913  O OD2 . ASP A 1 164 ? 3.972   11.017  13.459  1.00 107.17 ? 765 ASP A OD2 1 
ATOM 914  N N   . ILE A 1 165 ? 7.595   10.750  9.768   1.00 97.62  ? 766 ILE A N   1 
ATOM 915  C CA  . ILE A 1 165 ? 8.410   10.076  8.774   1.00 98.14  ? 766 ILE A CA  1 
ATOM 916  C C   . ILE A 1 165 ? 9.323   9.093   9.508   1.00 100.62 ? 766 ILE A C   1 
ATOM 917  O O   . ILE A 1 165 ? 9.642   8.014   8.998   1.00 101.14 ? 766 ILE A O   1 
ATOM 918  C CB  . ILE A 1 165 ? 9.236   11.081  7.976   1.00 96.62  ? 766 ILE A CB  1 
ATOM 919  C CG1 . ILE A 1 165 ? 8.295   11.921  7.136   1.00 95.61  ? 766 ILE A CG1 1 
ATOM 920  C CG2 . ILE A 1 165 ? 10.213  10.371  7.049   1.00 96.51  ? 766 ILE A CG2 1 
ATOM 921  C CD1 . ILE A 1 165 ? 7.469   11.087  6.212   1.00 95.42  ? 766 ILE A CD1 1 
ATOM 922  N N   . GLN A 1 166 ? 9.720   9.466   10.723  1.00 102.02 ? 767 GLN A N   1 
ATOM 923  C CA  . GLN A 1 166 ? 10.573  8.624   11.549  1.00 102.15 ? 767 GLN A CA  1 
ATOM 924  C C   . GLN A 1 166 ? 9.794   7.399   12.000  1.00 102.61 ? 767 GLN A C   1 
ATOM 925  O O   . GLN A 1 166 ? 10.327  6.289   12.016  1.00 103.64 ? 767 GLN A O   1 
ATOM 926  C CB  . GLN A 1 166 ? 11.054  9.398   12.776  1.00 102.80 ? 767 GLN A CB  1 
ATOM 927  C CG  . GLN A 1 166 ? 12.460  9.960   12.670  1.00 104.97 ? 767 GLN A CG  1 
ATOM 928  C CD  . GLN A 1 166 ? 12.724  10.692  11.361  1.00 106.63 ? 767 GLN A CD  1 
ATOM 929  O OE1 . GLN A 1 166 ? 13.106  10.075  10.357  1.00 106.23 ? 767 GLN A OE1 1 
ATOM 930  N NE2 . GLN A 1 166 ? 12.519  12.015  11.364  1.00 106.45 ? 767 GLN A NE2 1 
ATOM 931  N N   . ARG A 1 167 ? 8.534   7.594   12.375  1.00 102.11 ? 768 ARG A N   1 
ATOM 932  C CA  . ARG A 1 167 ? 7.726   6.469   12.814  1.00 103.11 ? 768 ARG A CA  1 
ATOM 933  C C   . ARG A 1 167 ? 7.543   5.488   11.665  1.00 103.62 ? 768 ARG A C   1 
ATOM 934  O O   . ARG A 1 167 ? 7.667   4.274   11.848  1.00 104.94 ? 768 ARG A O   1 
ATOM 935  C CB  . ARG A 1 167 ? 6.367   6.943   13.313  1.00 102.88 ? 768 ARG A CB  1 
ATOM 936  C CG  . ARG A 1 167 ? 5.409   5.822   13.672  1.00 104.80 ? 768 ARG A CG  1 
ATOM 937  C CD  . ARG A 1 167 ? 4.212   6.362   14.455  1.00 106.57 ? 768 ARG A CD  1 
ATOM 938  N NE  . ARG A 1 167 ? 3.073   5.451   14.447  1.00 106.57 ? 768 ARG A NE  1 
ATOM 939  C CZ  . ARG A 1 167 ? 2.400   5.101   13.354  1.00 106.79 ? 768 ARG A CZ  1 
ATOM 940  N NH1 . ARG A 1 167 ? 2.740   5.579   12.160  1.00 106.16 ? 768 ARG A NH1 1 
ATOM 941  N NH2 . ARG A 1 167 ? 1.380   4.264   13.454  1.00 106.90 ? 768 ARG A NH2 1 
ATOM 942  N N   . PHE A 1 168 ? 7.259   6.019   10.479  1.00 102.39 ? 769 PHE A N   1 
ATOM 943  C CA  . PHE A 1 168 ? 7.070   5.194   9.291   1.00 99.54  ? 769 PHE A CA  1 
ATOM 944  C C   . PHE A 1 168 ? 8.135   4.100   9.240   1.00 98.61  ? 769 PHE A C   1 
ATOM 945  O O   . PHE A 1 168 ? 7.807   2.916   9.272   1.00 98.81  ? 769 PHE A O   1 
ATOM 946  C CB  . PHE A 1 168 ? 7.168   6.060   8.031   1.00 97.95  ? 769 PHE A CB  1 
ATOM 947  C CG  . PHE A 1 168 ? 6.863   5.326   6.756   1.00 95.21  ? 769 PHE A CG  1 
ATOM 948  C CD1 . PHE A 1 168 ? 5.556   5.128   6.348   1.00 94.28  ? 769 PHE A CD1 1 
ATOM 949  C CD2 . PHE A 1 168 ? 7.883   4.834   5.963   1.00 94.67  ? 769 PHE A CD2 1 
ATOM 950  C CE1 . PHE A 1 168 ? 5.273   4.457   5.175   1.00 92.91  ? 769 PHE A CE1 1 
ATOM 951  C CE2 . PHE A 1 168 ? 7.603   4.162   4.789   1.00 93.75  ? 769 PHE A CE2 1 
ATOM 952  C CZ  . PHE A 1 168 ? 6.298   3.975   4.397   1.00 93.28  ? 769 PHE A CZ  1 
ATOM 953  N N   . LYS A 1 169 ? 9.400   4.524   9.178   1.00 97.72  ? 770 LYS A N   1 
ATOM 954  C CA  . LYS A 1 169 ? 10.579  3.648   9.097   1.00 96.84  ? 770 LYS A CA  1 
ATOM 955  C C   . LYS A 1 169 ? 10.501  2.308   9.845   1.00 95.34  ? 770 LYS A C   1 
ATOM 956  O O   . LYS A 1 169 ? 11.352  1.438   9.667   1.00 94.67  ? 770 LYS A O   1 
ATOM 957  C CB  . LYS A 1 169 ? 11.820  4.428   9.554   1.00 97.48  ? 770 LYS A CB  1 
ATOM 958  C CG  . LYS A 1 169 ? 13.143  3.701   9.355   1.00 98.37  ? 770 LYS A CG  1 
ATOM 959  C CD  . LYS A 1 169 ? 14.336  4.509   9.897   1.00 98.49  ? 770 LYS A CD  1 
ATOM 960  C CE  . LYS A 1 169 ? 14.621  5.780   9.073   1.00 99.11  ? 770 LYS A CE  1 
ATOM 961  N NZ  . LYS A 1 169 ? 15.045  5.517   7.660   1.00 95.85  ? 770 LYS A NZ  1 
ATOM 962  N N   . THR A 1 170 ? 9.482   2.148   10.678  1.00 94.01  ? 771 THR A N   1 
ATOM 963  C CA  . THR A 1 170 ? 9.274   0.922   11.435  1.00 93.29  ? 771 THR A CA  1 
ATOM 964  C C   . THR A 1 170 ? 7.792   0.574   11.443  1.00 92.35  ? 771 THR A C   1 
ATOM 965  O O   . THR A 1 170 ? 7.411   -0.570  11.677  1.00 91.95  ? 771 THR A O   1 
ATOM 966  C CB  . THR A 1 170 ? 9.728   1.078   12.909  1.00 94.08  ? 771 THR A CB  1 
ATOM 967  O OG1 . THR A 1 170 ? 9.270   -0.045  13.677  1.00 94.24  ? 771 THR A OG1 1 
ATOM 968  C CG2 . THR A 1 170 ? 9.155   2.352   13.514  1.00 94.62  ? 771 THR A CG2 1 
ATOM 969  N N   . ALA A 1 171 ? 6.952   1.569   11.186  1.00 91.27  ? 772 ALA A N   1 
ATOM 970  C CA  . ALA A 1 171 ? 5.515   1.353   11.197  1.00 89.30  ? 772 ALA A CA  1 
ATOM 971  C C   . ALA A 1 171 ? 5.039   0.584   9.985   1.00 88.06  ? 772 ALA A C   1 
ATOM 972  O O   . ALA A 1 171 ? 4.247   -0.349  10.102  1.00 87.75  ? 772 ALA A O   1 
ATOM 973  C CB  . ALA A 1 171 ? 4.794   2.683   11.284  1.00 88.90  ? 772 ALA A CB  1 
ATOM 974  N N   . TYR A 1 172 ? 5.538   0.971   8.821   1.00 86.28  ? 773 TYR A N   1 
ATOM 975  C CA  . TYR A 1 172 ? 5.136   0.331   7.586   1.00 86.61  ? 773 TYR A CA  1 
ATOM 976  C C   . TYR A 1 172 ? 4.785   -1.136  7.788   1.00 86.91  ? 773 TYR A C   1 
ATOM 977  O O   . TYR A 1 172 ? 3.738   -1.592  7.337   1.00 89.01  ? 773 TYR A O   1 
ATOM 978  C CB  . TYR A 1 172 ? 6.244   0.444   6.547   1.00 87.60  ? 773 TYR A CB  1 
ATOM 979  C CG  . TYR A 1 172 ? 7.354   -0.558  6.727   1.00 88.81  ? 773 TYR A CG  1 
ATOM 980  C CD1 . TYR A 1 172 ? 8.466   -0.269  7.506   1.00 90.19  ? 773 TYR A CD1 1 
ATOM 981  C CD2 . TYR A 1 172 ? 7.282   -1.806  6.125   1.00 89.07  ? 773 TYR A CD2 1 
ATOM 982  C CE1 . TYR A 1 172 ? 9.479   -1.204  7.673   1.00 92.47  ? 773 TYR A CE1 1 
ATOM 983  C CE2 . TYR A 1 172 ? 8.281   -2.742  6.289   1.00 91.50  ? 773 TYR A CE2 1 
ATOM 984  C CZ  . TYR A 1 172 ? 9.373   -2.437  7.060   1.00 91.41  ? 773 TYR A CZ  1 
ATOM 985  O OH  . TYR A 1 172 ? 10.350  -3.374  7.224   1.00 93.00  ? 773 TYR A OH  1 
ATOM 986  N N   . TYR A 1 173 ? 5.658   -1.860  8.480   1.00 84.90  ? 774 TYR A N   1 
ATOM 987  C CA  . TYR A 1 173 ? 5.486   -3.279  8.743   1.00 83.58  ? 774 TYR A CA  1 
ATOM 988  C C   . TYR A 1 173 ? 4.099   -3.712  9.221   1.00 84.14  ? 774 TYR A C   1 
ATOM 989  O O   . TYR A 1 173 ? 3.594   -4.774  8.834   1.00 82.57  ? 774 TYR A O   1 
ATOM 990  C CB  . TYR A 1 173 ? 6.546   -3.722  9.743   1.00 83.52  ? 774 TYR A CB  1 
ATOM 991  C CG  . TYR A 1 173 ? 6.636   -5.215  9.942   1.00 81.98  ? 774 TYR A CG  1 
ATOM 992  C CD1 . TYR A 1 173 ? 5.875   -5.853  10.914  1.00 81.39  ? 774 TYR A CD1 1 
ATOM 993  C CD2 . TYR A 1 173 ? 7.492   -5.982  9.166   1.00 81.12  ? 774 TYR A CD2 1 
ATOM 994  C CE1 . TYR A 1 173 ? 5.967   -7.219  11.111  1.00 82.03  ? 774 TYR A CE1 1 
ATOM 995  C CE2 . TYR A 1 173 ? 7.593   -7.345  9.352   1.00 82.43  ? 774 TYR A CE2 1 
ATOM 996  C CZ  . TYR A 1 173 ? 6.830   -7.965  10.330  1.00 82.86  ? 774 TYR A CZ  1 
ATOM 997  O OH  . TYR A 1 173 ? 6.952   -9.329  10.543  1.00 83.71  ? 774 TYR A OH  1 
ATOM 998  N N   . ASP A 1 174 ? 3.471   -2.903  10.063  1.00 85.12  ? 775 ASP A N   1 
ATOM 999  C CA  . ASP A 1 174 ? 2.139   -3.254  10.551  1.00 85.56  ? 775 ASP A CA  1 
ATOM 1000 C C   . ASP A 1 174 ? 1.023   -2.851  9.577   1.00 83.70  ? 775 ASP A C   1 
ATOM 1001 O O   . ASP A 1 174 ? -0.153  -3.104  9.827   1.00 82.77  ? 775 ASP A O   1 
ATOM 1002 C CB  . ASP A 1 174 ? 1.906   -2.622  11.918  1.00 88.03  ? 775 ASP A CB  1 
ATOM 1003 C CG  . ASP A 1 174 ? 3.054   -2.876  12.867  1.00 89.87  ? 775 ASP A CG  1 
ATOM 1004 O OD1 . ASP A 1 174 ? 3.836   -1.918  13.129  1.00 87.45  ? 775 ASP A OD1 1 
ATOM 1005 O OD2 . ASP A 1 174 ? 3.168   -4.042  13.326  1.00 90.00  ? 775 ASP A OD2 1 
ATOM 1006 N N   . TYR A 1 175 ? 1.402   -2.208  8.478   1.00 81.85  ? 776 TYR A N   1 
ATOM 1007 C CA  . TYR A 1 175 ? 0.455   -1.823  7.443   1.00 81.72  ? 776 TYR A CA  1 
ATOM 1008 C C   . TYR A 1 175 ? 0.649   -2.843  6.344   1.00 80.39  ? 776 TYR A C   1 
ATOM 1009 O O   . TYR A 1 175 ? -0.112  -2.890  5.381   1.00 80.61  ? 776 TYR A O   1 
ATOM 1010 C CB  . TYR A 1 175 ? 0.772   -0.425  6.900   1.00 83.85  ? 776 TYR A CB  1 
ATOM 1011 C CG  . TYR A 1 175 ? 0.483   0.675   7.893   1.00 86.36  ? 776 TYR A CG  1 
ATOM 1012 C CD1 . TYR A 1 175 ? 1.378   1.725   8.075   1.00 86.91  ? 776 TYR A CD1 1 
ATOM 1013 C CD2 . TYR A 1 175 ? -0.674  0.646   8.679   1.00 87.15  ? 776 TYR A CD2 1 
ATOM 1014 C CE1 . TYR A 1 175 ? 1.137   2.715   9.015   1.00 87.78  ? 776 TYR A CE1 1 
ATOM 1015 C CE2 . TYR A 1 175 ? -0.924  1.627   9.619   1.00 87.69  ? 776 TYR A CE2 1 
ATOM 1016 C CZ  . TYR A 1 175 ? -0.014  2.657   9.782   1.00 88.62  ? 776 TYR A CZ  1 
ATOM 1017 O OH  . TYR A 1 175 ? -0.248  3.629   10.721  1.00 90.68  ? 776 TYR A OH  1 
ATOM 1018 N N   . ARG A 1 176 ? 1.680   -3.666  6.521   1.00 77.41  ? 777 ARG A N   1 
ATOM 1019 C CA  . ARG A 1 176 ? 2.059   -4.693  5.570   1.00 74.21  ? 777 ARG A CA  1 
ATOM 1020 C C   . ARG A 1 176 ? 2.493   -4.027  4.270   1.00 76.46  ? 777 ARG A C   1 
ATOM 1021 O O   . ARG A 1 176 ? 2.190   -4.512  3.180   1.00 77.25  ? 777 ARG A O   1 
ATOM 1022 C CB  . ARG A 1 176 ? 0.907   -5.657  5.296   1.00 68.37  ? 777 ARG A CB  1 
ATOM 1023 C CG  . ARG A 1 176 ? 0.351   -6.349  6.514   1.00 65.32  ? 777 ARG A CG  1 
ATOM 1024 C CD  . ARG A 1 176 ? -0.722  -7.334  6.098   1.00 66.40  ? 777 ARG A CD  1 
ATOM 1025 N NE  . ARG A 1 176 ? -0.202  -8.691  5.931   1.00 72.66  ? 777 ARG A NE  1 
ATOM 1026 C CZ  . ARG A 1 176 ? -0.680  -9.604  5.079   1.00 75.50  ? 777 ARG A CZ  1 
ATOM 1027 N NH1 . ARG A 1 176 ? -1.709  -9.324  4.282   1.00 71.62  ? 777 ARG A NH1 1 
ATOM 1028 N NH2 . ARG A 1 176 ? -0.133  -10.822 5.039   1.00 74.11  ? 777 ARG A NH2 1 
ATOM 1029 N N   . TYR A 1 177 ? 3.199   -2.907  4.368   1.00 77.67  ? 778 TYR A N   1 
ATOM 1030 C CA  . TYR A 1 177 ? 3.662   -2.255  3.160   1.00 79.58  ? 778 TYR A CA  1 
ATOM 1031 C C   . TYR A 1 177 ? 4.770   -3.060  2.456   1.00 81.36  ? 778 TYR A C   1 
ATOM 1032 O O   . TYR A 1 177 ? 5.115   -2.778  1.311   1.00 83.50  ? 778 TYR A O   1 
ATOM 1033 C CB  . TYR A 1 177 ? 4.133   -0.840  3.472   1.00 81.64  ? 778 TYR A CB  1 
ATOM 1034 C CG  . TYR A 1 177 ? 3.000   0.138   3.728   1.00 86.39  ? 778 TYR A CG  1 
ATOM 1035 C CD1 . TYR A 1 177 ? 1.728   -0.098  3.216   1.00 87.15  ? 778 TYR A CD1 1 
ATOM 1036 C CD2 . TYR A 1 177 ? 3.228   1.348   4.392   1.00 86.95  ? 778 TYR A CD2 1 
ATOM 1037 C CE1 . TYR A 1 177 ? 0.720   0.842   3.343   1.00 88.63  ? 778 TYR A CE1 1 
ATOM 1038 C CE2 . TYR A 1 177 ? 2.229   2.294   4.526   1.00 87.57  ? 778 TYR A CE2 1 
ATOM 1039 C CZ  . TYR A 1 177 ? 0.975   2.038   3.994   1.00 89.51  ? 778 TYR A CZ  1 
ATOM 1040 O OH  . TYR A 1 177 ? -0.023  2.988   4.065   1.00 89.07  ? 778 TYR A OH  1 
ATOM 1041 N N   . HIS A 1 178 ? 5.346   -4.056  3.126   1.00 80.41  ? 779 HIS A N   1 
ATOM 1042 C CA  . HIS A 1 178 ? 6.364   -4.877  2.472   1.00 80.13  ? 779 HIS A CA  1 
ATOM 1043 C C   . HIS A 1 178 ? 5.649   -5.906  1.604   1.00 78.75  ? 779 HIS A C   1 
ATOM 1044 O O   . HIS A 1 178 ? 6.130   -6.283  0.544   1.00 79.46  ? 779 HIS A O   1 
ATOM 1045 C CB  . HIS A 1 178 ? 7.276   -5.589  3.484   1.00 81.11  ? 779 HIS A CB  1 
ATOM 1046 C CG  . HIS A 1 178 ? 6.542   -6.263  4.597   1.00 83.44  ? 779 HIS A CG  1 
ATOM 1047 N ND1 . HIS A 1 178 ? 6.909   -7.498  5.088   1.00 84.71  ? 779 HIS A ND1 1 
ATOM 1048 C CD2 . HIS A 1 178 ? 5.482   -5.862  5.339   1.00 83.15  ? 779 HIS A CD2 1 
ATOM 1049 C CE1 . HIS A 1 178 ? 6.105   -7.829  6.083   1.00 85.20  ? 779 HIS A CE1 1 
ATOM 1050 N NE2 . HIS A 1 178 ? 5.230   -6.853  6.255   1.00 84.53  ? 779 HIS A NE2 1 
ATOM 1051 N N   . VAL A 1 179 ? 4.496   -6.372  2.062   1.00 77.19  ? 780 VAL A N   1 
ATOM 1052 C CA  . VAL A 1 179 ? 3.708   -7.313  1.291   1.00 75.86  ? 780 VAL A CA  1 
ATOM 1053 C C   . VAL A 1 179 ? 3.135   -6.556  0.080   1.00 79.21  ? 780 VAL A C   1 
ATOM 1054 O O   . VAL A 1 179 ? 2.803   -7.144  -0.946  1.00 80.56  ? 780 VAL A O   1 
ATOM 1055 C CB  . VAL A 1 179 ? 2.566   -7.855  2.130   1.00 73.57  ? 780 VAL A CB  1 
ATOM 1056 C CG1 . VAL A 1 179 ? 1.747   -8.815  1.319   1.00 72.05  ? 780 VAL A CG1 1 
ATOM 1057 C CG2 . VAL A 1 179 ? 3.120   -8.513  3.385   1.00 71.49  ? 780 VAL A CG2 1 
ATOM 1058 N N   . GLN A 1 180 ? 3.028   -5.236  0.197   1.00 79.35  ? 781 GLN A N   1 
ATOM 1059 C CA  . GLN A 1 180 ? 2.516   -4.429  -0.892  1.00 79.60  ? 781 GLN A CA  1 
ATOM 1060 C C   . GLN A 1 180 ? 3.614   -4.185  -1.926  1.00 79.65  ? 781 GLN A C   1 
ATOM 1061 O O   . GLN A 1 180 ? 3.334   -3.788  -3.043  1.00 82.74  ? 781 GLN A O   1 
ATOM 1062 C CB  . GLN A 1 180 ? 1.976   -3.111  -0.334  1.00 81.50  ? 781 GLN A CB  1 
ATOM 1063 C CG  . GLN A 1 180 ? 1.423   -2.129  -1.352  1.00 81.49  ? 781 GLN A CG  1 
ATOM 1064 C CD  . GLN A 1 180 ? 0.573   -1.045  -0.707  1.00 83.41  ? 781 GLN A CD  1 
ATOM 1065 O OE1 . GLN A 1 180 ? 0.443   0.046   -1.253  1.00 86.40  ? 781 GLN A OE1 1 
ATOM 1066 N NE2 . GLN A 1 180 ? -0.016  -1.344  0.452   1.00 82.38  ? 781 GLN A NE2 1 
ATOM 1067 N N   . ASP A 1 181 ? 4.867   -4.419  -1.549  1.00 78.73  ? 782 ASP A N   1 
ATOM 1068 C CA  . ASP A 1 181 ? 6.013   -4.263  -2.463  1.00 76.59  ? 782 ASP A CA  1 
ATOM 1069 C C   . ASP A 1 181 ? 6.032   -5.578  -3.235  1.00 76.04  ? 782 ASP A C   1 
ATOM 1070 O O   . ASP A 1 181 ? 5.848   -5.616  -4.447  1.00 75.77  ? 782 ASP A O   1 
ATOM 1071 C CB  . ASP A 1 181 ? 7.329   -4.121  -1.656  1.00 75.50  ? 782 ASP A CB  1 
ATOM 1072 C CG  . ASP A 1 181 ? 8.580   -3.942  -2.536  1.00 72.26  ? 782 ASP A CG  1 
ATOM 1073 O OD1 . ASP A 1 181 ? 8.609   -4.428  -3.682  1.00 70.83  ? 782 ASP A OD1 1 
ATOM 1074 O OD2 . ASP A 1 181 ? 9.560   -3.325  -2.062  1.00 70.15  ? 782 ASP A OD2 1 
ATOM 1075 N N   . ALA A 1 182 ? 6.237   -6.659  -2.494  1.00 75.06  ? 783 ALA A N   1 
ATOM 1076 C CA  . ALA A 1 182 ? 6.293   -7.991  -3.053  1.00 74.47  ? 783 ALA A CA  1 
ATOM 1077 C C   . ALA A 1 182 ? 5.125   -8.245  -3.990  1.00 74.63  ? 783 ALA A C   1 
ATOM 1078 O O   . ALA A 1 182 ? 5.292   -8.760  -5.098  1.00 73.16  ? 783 ALA A O   1 
ATOM 1079 C CB  . ALA A 1 182 ? 6.283   -9.008  -1.933  1.00 75.79  ? 783 ALA A CB  1 
ATOM 1080 N N   . PHE A 1 183 ? 3.933   -7.860  -3.555  1.00 75.22  ? 784 PHE A N   1 
ATOM 1081 C CA  . PHE A 1 183 ? 2.751   -8.104  -4.365  1.00 73.72  ? 784 PHE A CA  1 
ATOM 1082 C C   . PHE A 1 183 ? 2.645   -7.280  -5.626  1.00 72.18  ? 784 PHE A C   1 
ATOM 1083 O O   . PHE A 1 183 ? 2.109   -7.749  -6.615  1.00 73.95  ? 784 PHE A O   1 
ATOM 1084 C CB  . PHE A 1 183 ? 1.494   -7.897  -3.552  1.00 72.16  ? 784 PHE A CB  1 
ATOM 1085 C CG  . PHE A 1 183 ? 0.300   -8.593  -4.113  1.00 72.31  ? 784 PHE A CG  1 
ATOM 1086 C CD1 . PHE A 1 183 ? 0.279   -9.988  -4.203  1.00 72.80  ? 784 PHE A CD1 1 
ATOM 1087 C CD2 . PHE A 1 183 ? -0.838  -7.872  -4.473  1.00 69.70  ? 784 PHE A CD2 1 
ATOM 1088 C CE1 . PHE A 1 183 ? -0.880  -10.654 -4.637  1.00 73.40  ? 784 PHE A CE1 1 
ATOM 1089 C CE2 . PHE A 1 183 ? -1.990  -8.517  -4.902  1.00 70.89  ? 784 PHE A CE2 1 
ATOM 1090 C CZ  . PHE A 1 183 ? -2.021  -9.915  -4.984  1.00 70.76  ? 784 PHE A CZ  1 
ATOM 1091 N N   . TYR A 1 184 ? 3.131   -6.054  -5.628  1.00 68.91  ? 785 TYR A N   1 
ATOM 1092 C CA  . TYR A 1 184 ? 2.999   -5.303  -6.862  1.00 68.10  ? 785 TYR A CA  1 
ATOM 1093 C C   . TYR A 1 184 ? 4.155   -5.679  -7.759  1.00 65.95  ? 785 TYR A C   1 
ATOM 1094 O O   . TYR A 1 184 ? 3.993   -5.893  -8.955  1.00 61.59  ? 785 TYR A O   1 
ATOM 1095 C CB  . TYR A 1 184 ? 2.974   -3.781  -6.613  1.00 67.19  ? 785 TYR A CB  1 
ATOM 1096 C CG  . TYR A 1 184 ? 1.736   -3.254  -5.935  1.00 63.69  ? 785 TYR A CG  1 
ATOM 1097 C CD1 . TYR A 1 184 ? 1.398   -1.894  -6.016  1.00 67.24  ? 785 TYR A CD1 1 
ATOM 1098 C CD2 . TYR A 1 184 ? 0.908   -4.087  -5.209  1.00 62.15  ? 785 TYR A CD2 1 
ATOM 1099 C CE1 . TYR A 1 184 ? 0.249   -1.379  -5.393  1.00 63.21  ? 785 TYR A CE1 1 
ATOM 1100 C CE2 . TYR A 1 184 ? -0.238  -3.584  -4.579  1.00 66.45  ? 785 TYR A CE2 1 
ATOM 1101 C CZ  . TYR A 1 184 ? -0.564  -2.227  -4.685  1.00 64.30  ? 785 TYR A CZ  1 
ATOM 1102 O OH  . TYR A 1 184 ? -1.736  -1.763  -4.154  1.00 63.21  ? 785 TYR A OH  1 
ATOM 1103 N N   . SER A 1 185 ? 5.329   -5.768  -7.157  1.00 68.41  ? 786 SER A N   1 
ATOM 1104 C CA  . SER A 1 185 ? 6.519   -6.145  -7.895  1.00 71.02  ? 786 SER A CA  1 
ATOM 1105 C C   . SER A 1 185 ? 6.319   -7.500  -8.577  1.00 70.51  ? 786 SER A C   1 
ATOM 1106 O O   . SER A 1 185 ? 6.675   -7.656  -9.738  1.00 68.50  ? 786 SER A O   1 
ATOM 1107 C CB  . SER A 1 185 ? 7.713   -6.204  -6.954  1.00 73.34  ? 786 SER A CB  1 
ATOM 1108 O OG  . SER A 1 185 ? 7.904   -4.960  -6.306  1.00 76.21  ? 786 SER A OG  1 
ATOM 1109 N N   . ASP A 1 186 ? 5.726   -8.466  -7.876  1.00 72.44  ? 787 ASP A N   1 
ATOM 1110 C CA  . ASP A 1 186 ? 5.518   -9.784  -8.475  1.00 76.40  ? 787 ASP A CA  1 
ATOM 1111 C C   . ASP A 1 186 ? 4.515   -9.769  -9.595  1.00 77.49  ? 787 ASP A C   1 
ATOM 1112 O O   . ASP A 1 186 ? 4.737   -10.396 -10.638 1.00 78.34  ? 787 ASP A O   1 
ATOM 1113 C CB  . ASP A 1 186 ? 5.131   -10.837 -7.422  1.00 78.08  ? 787 ASP A CB  1 
ATOM 1114 C CG  . ASP A 1 186 ? 6.375   -11.471 -6.749  1.00 81.99  ? 787 ASP A CG  1 
ATOM 1115 O OD1 . ASP A 1 186 ? 7.496   -11.251 -7.274  1.00 80.13  ? 787 ASP A OD1 1 
ATOM 1116 O OD2 . ASP A 1 186 ? 6.237   -12.179 -5.713  1.00 81.35  ? 787 ASP A OD2 1 
ATOM 1117 N N   . GLY A 1 187 ? 3.417   -9.049  -9.390  1.00 78.84  ? 788 GLY A N   1 
ATOM 1118 C CA  . GLY A 1 187 ? 2.400   -8.950  -10.418 1.00 78.24  ? 788 GLY A CA  1 
ATOM 1119 C C   . GLY A 1 187 ? 2.951   -8.167  -11.591 1.00 79.34  ? 788 GLY A C   1 
ATOM 1120 O O   . GLY A 1 187 ? 2.638   -8.464  -12.740 1.00 79.42  ? 788 GLY A O   1 
ATOM 1121 N N   . TYR A 1 188 ? 3.780   -7.167  -11.306 1.00 80.16  ? 789 TYR A N   1 
ATOM 1122 C CA  . TYR A 1 188 ? 4.377   -6.355  -12.365 1.00 82.63  ? 789 TYR A CA  1 
ATOM 1123 C C   . TYR A 1 188 ? 5.275   -7.207  -13.261 1.00 83.35  ? 789 TYR A C   1 
ATOM 1124 O O   . TYR A 1 188 ? 4.994   -7.364  -14.451 1.00 81.86  ? 789 TYR A O   1 
ATOM 1125 C CB  . TYR A 1 188 ? 5.176   -5.189  -11.758 1.00 83.09  ? 789 TYR A CB  1 
ATOM 1126 C CG  . TYR A 1 188 ? 5.869   -4.291  -12.776 1.00 82.84  ? 789 TYR A CG  1 
ATOM 1127 C CD1 . TYR A 1 188 ? 7.045   -4.702  -13.400 1.00 82.60  ? 789 TYR A CD1 1 
ATOM 1128 C CD2 . TYR A 1 188 ? 5.346   -3.036  -13.109 1.00 80.47  ? 789 TYR A CD2 1 
ATOM 1129 C CE1 . TYR A 1 188 ? 7.682   -3.895  -14.325 1.00 83.62  ? 789 TYR A CE1 1 
ATOM 1130 C CE2 . TYR A 1 188 ? 5.978   -2.223  -14.032 1.00 80.33  ? 789 TYR A CE2 1 
ATOM 1131 C CZ  . TYR A 1 188 ? 7.145   -2.656  -14.636 1.00 82.73  ? 789 TYR A CZ  1 
ATOM 1132 O OH  . TYR A 1 188 ? 7.801   -1.864  -15.550 1.00 83.20  ? 789 TYR A OH  1 
ATOM 1133 N N   . GLU A 1 189 ? 6.347   -7.755  -12.683 1.00 85.67  ? 790 GLU A N   1 
ATOM 1134 C CA  . GLU A 1 189 ? 7.275   -8.607  -13.425 1.00 87.30  ? 790 GLU A CA  1 
ATOM 1135 C C   . GLU A 1 189 ? 6.460   -9.611  -14.175 1.00 87.18  ? 790 GLU A C   1 
ATOM 1136 O O   . GLU A 1 189 ? 6.538   -9.706  -15.392 1.00 87.56  ? 790 GLU A O   1 
ATOM 1137 C CB  . GLU A 1 189 ? 8.183   -9.389  -12.494 1.00 90.28  ? 790 GLU A CB  1 
ATOM 1138 C CG  . GLU A 1 189 ? 8.899   -10.538 -13.198 1.00 94.31  ? 790 GLU A CG  1 
ATOM 1139 C CD  . GLU A 1 189 ? 9.409   -11.587 -12.231 1.00 97.42  ? 790 GLU A CD  1 
ATOM 1140 O OE1 . GLU A 1 189 ? 10.154  -12.493 -12.671 1.00 99.65  ? 790 GLU A OE1 1 
ATOM 1141 O OE2 . GLU A 1 189 ? 9.058   -11.510 -11.032 1.00 98.94  ? 790 GLU A OE2 1 
ATOM 1142 N N   . ALA A 1 190 ? 5.681   -10.372 -13.418 1.00 87.23  ? 791 ALA A N   1 
ATOM 1143 C CA  . ALA A 1 190 ? 4.824   -11.398 -13.987 1.00 88.01  ? 791 ALA A CA  1 
ATOM 1144 C C   . ALA A 1 190 ? 3.749   -10.788 -14.872 1.00 87.19  ? 791 ALA A C   1 
ATOM 1145 O O   . ALA A 1 190 ? 2.573   -11.095 -14.711 1.00 87.23  ? 791 ALA A O   1 
ATOM 1146 C CB  . ALA A 1 190 ? 4.180   -12.222 -12.864 1.00 88.93  ? 791 ALA A CB  1 
ATOM 1147 N N   . GLN A 1 191 ? 4.155   -9.922  -15.796 1.00 86.13  ? 792 GLN A N   1 
ATOM 1148 C CA  . GLN A 1 191 ? 3.229   -9.278  -16.709 1.00 85.93  ? 792 GLN A CA  1 
ATOM 1149 C C   . GLN A 1 191 ? 3.943   -8.258  -17.575 1.00 87.17  ? 792 GLN A C   1 
ATOM 1150 O O   . GLN A 1 191 ? 3.438   -7.880  -18.623 1.00 89.07  ? 792 GLN A O   1 
ATOM 1151 C CB  . GLN A 1 191 ? 2.104   -8.604  -15.936 1.00 86.52  ? 792 GLN A CB  1 
ATOM 1152 C CG  . GLN A 1 191 ? 0.930   -8.143  -16.793 1.00 86.55  ? 792 GLN A CG  1 
ATOM 1153 C CD  . GLN A 1 191 ? 1.235   -6.881  -17.580 1.00 85.28  ? 792 GLN A CD  1 
ATOM 1154 O OE1 . GLN A 1 191 ? 2.133   -6.118  -17.224 1.00 85.13  ? 792 GLN A OE1 1 
ATOM 1155 N NE2 . GLN A 1 191 ? 0.473   -6.644  -18.640 1.00 84.70  ? 792 GLN A NE2 1 
ATOM 1156 N N   . PHE A 1 192 ? 5.115   -7.805  -17.143 1.00 88.12  ? 793 PHE A N   1 
ATOM 1157 C CA  . PHE A 1 192 ? 5.889   -6.841  -17.923 1.00 87.62  ? 793 PHE A CA  1 
ATOM 1158 C C   . PHE A 1 192 ? 7.311   -7.310  -18.200 1.00 88.16  ? 793 PHE A C   1 
ATOM 1159 O O   . PHE A 1 192 ? 8.059   -6.634  -18.891 1.00 89.11  ? 793 PHE A O   1 
ATOM 1160 C CB  . PHE A 1 192 ? 5.930   -5.479  -17.232 1.00 86.74  ? 793 PHE A CB  1 
ATOM 1161 C CG  . PHE A 1 192 ? 4.872   -4.529  -17.707 1.00 86.88  ? 793 PHE A CG  1 
ATOM 1162 C CD1 . PHE A 1 192 ? 4.157   -3.753  -16.802 1.00 87.24  ? 793 PHE A CD1 1 
ATOM 1163 C CD2 . PHE A 1 192 ? 4.585   -4.409  -19.057 1.00 88.88  ? 793 PHE A CD2 1 
ATOM 1164 C CE1 . PHE A 1 192 ? 3.170   -2.872  -17.231 1.00 87.18  ? 793 PHE A CE1 1 
ATOM 1165 C CE2 . PHE A 1 192 ? 3.594   -3.525  -19.501 1.00 90.36  ? 793 PHE A CE2 1 
ATOM 1166 C CZ  . PHE A 1 192 ? 2.884   -2.756  -18.580 1.00 88.89  ? 793 PHE A CZ  1 
ATOM 1167 N N   . GLY A 1 193 ? 7.699   -8.456  -17.660 1.00 88.34  ? 794 GLY A N   1 
ATOM 1168 C CA  . GLY A 1 193 ? 9.034   -8.946  -17.943 1.00 91.49  ? 794 GLY A CA  1 
ATOM 1169 C C   . GLY A 1 193 ? 9.993   -9.105  -16.785 1.00 93.60  ? 794 GLY A C   1 
ATOM 1170 O O   . GLY A 1 193 ? 10.607  -10.165 -16.627 1.00 93.57  ? 794 GLY A O   1 
ATOM 1171 N N   . VAL A 1 194 ? 10.135  -8.063  -15.973 1.00 94.88  ? 795 VAL A N   1 
ATOM 1172 C CA  . VAL A 1 194 ? 11.052  -8.133  -14.843 1.00 95.43  ? 795 VAL A CA  1 
ATOM 1173 C C   . VAL A 1 194 ? 10.596  -7.353  -13.596 1.00 96.03  ? 795 VAL A C   1 
ATOM 1174 O O   . VAL A 1 194 ? 9.752   -6.448  -13.676 1.00 95.88  ? 795 VAL A O   1 
ATOM 1175 C CB  . VAL A 1 194 ? 12.463  -7.652  -15.277 1.00 95.13  ? 795 VAL A CB  1 
ATOM 1176 C CG1 . VAL A 1 194 ? 12.396  -6.187  -15.706 1.00 94.36  ? 795 VAL A CG1 1 
ATOM 1177 C CG2 . VAL A 1 194 ? 13.477  -7.873  -14.152 1.00 93.21  ? 795 VAL A CG2 1 
ATOM 1178 N N   . GLN A 1 195 ? 11.161  -7.734  -12.449 1.00 95.68  ? 796 GLN A N   1 
ATOM 1179 C CA  . GLN A 1 195 ? 10.870  -7.114  -11.163 1.00 94.87  ? 796 GLN A CA  1 
ATOM 1180 C C   . GLN A 1 195 ? 11.247  -5.644  -11.256 1.00 96.31  ? 796 GLN A C   1 
ATOM 1181 O O   . GLN A 1 195 ? 12.375  -5.304  -11.622 1.00 96.79  ? 796 GLN A O   1 
ATOM 1182 C CB  . GLN A 1 195 ? 11.703  -7.774  -10.069 1.00 93.53  ? 796 GLN A CB  1 
ATOM 1183 C CG  . GLN A 1 195 ? 11.071  -7.759  -8.688  1.00 92.25  ? 796 GLN A CG  1 
ATOM 1184 C CD  . GLN A 1 195 ? 9.983   -8.805  -8.545  1.00 91.26  ? 796 GLN A CD  1 
ATOM 1185 O OE1 . GLN A 1 195 ? 9.428   -8.995  -7.462  1.00 91.07  ? 796 GLN A OE1 1 
ATOM 1186 N NE2 . GLN A 1 195 ? 9.675   -9.495  -9.639  1.00 87.86  ? 796 GLN A NE2 1 
ATOM 1187 N N   . PRO A 1 196 ? 10.317  -4.749  -10.901 1.00 96.61  ? 797 PRO A N   1 
ATOM 1188 C CA  . PRO A 1 196 ? 10.579  -3.313  -10.962 1.00 95.97  ? 797 PRO A CA  1 
ATOM 1189 C C   . PRO A 1 196 ? 11.274  -2.792  -9.708  1.00 95.93  ? 797 PRO A C   1 
ATOM 1190 O O   . PRO A 1 196 ? 11.675  -3.555  -8.825  1.00 95.75  ? 797 PRO A O   1 
ATOM 1191 C CB  . PRO A 1 196 ? 9.185   -2.741  -11.085 1.00 96.63  ? 797 PRO A CB  1 
ATOM 1192 C CG  . PRO A 1 196 ? 8.446   -3.597  -10.073 1.00 96.58  ? 797 PRO A CG  1 
ATOM 1193 C CD  . PRO A 1 196 ? 8.967   -5.006  -10.363 1.00 96.12  ? 797 PRO A CD  1 
ATOM 1194 N N   . THR A 1 197 ? 11.411  -1.474  -9.651  1.00 95.28  ? 798 THR A N   1 
ATOM 1195 C CA  . THR A 1 197 ? 11.987  -0.812  -8.495  1.00 93.94  ? 798 THR A CA  1 
ATOM 1196 C C   . THR A 1 197 ? 10.739  -0.301  -7.772  1.00 92.58  ? 798 THR A C   1 
ATOM 1197 O O   . THR A 1 197 ? 9.975   0.478   -8.351  1.00 92.17  ? 798 THR A O   1 
ATOM 1198 C CB  . THR A 1 197 ? 12.864  0.412   -8.908  1.00 94.70  ? 798 THR A CB  1 
ATOM 1199 O OG1 . THR A 1 197 ? 13.984  -0.021  -9.686  1.00 94.65  ? 798 THR A OG1 1 
ATOM 1200 C CG2 . THR A 1 197 ? 13.376  1.141   -7.684  1.00 94.51  ? 798 THR A CG2 1 
ATOM 1201 N N   . PHE A 1 198 ? 10.491  -0.767  -6.547  1.00 90.46  ? 799 PHE A N   1 
ATOM 1202 C CA  . PHE A 1 198 ? 9.328   -0.279  -5.805  1.00 88.39  ? 799 PHE A CA  1 
ATOM 1203 C C   . PHE A 1 198 ? 9.830   0.783   -4.847  1.00 86.64  ? 799 PHE A C   1 
ATOM 1204 O O   . PHE A 1 198 ? 10.696  0.524   -4.012  1.00 85.23  ? 799 PHE A O   1 
ATOM 1205 C CB  . PHE A 1 198 ? 8.606   -1.383  -5.007  1.00 88.94  ? 799 PHE A CB  1 
ATOM 1206 C CG  . PHE A 1 198 ? 7.160   -1.048  -4.697  1.00 89.52  ? 799 PHE A CG  1 
ATOM 1207 C CD1 . PHE A 1 198 ? 6.123   -1.621  -5.431  1.00 89.68  ? 799 PHE A CD1 1 
ATOM 1208 C CD2 . PHE A 1 198 ? 6.845   -0.056  -3.761  1.00 91.02  ? 799 PHE A CD2 1 
ATOM 1209 C CE1 . PHE A 1 198 ? 4.791   -1.200  -5.246  1.00 90.77  ? 799 PHE A CE1 1 
ATOM 1210 C CE2 . PHE A 1 198 ? 5.518   0.376   -3.567  1.00 90.27  ? 799 PHE A CE2 1 
ATOM 1211 C CZ  . PHE A 1 198 ? 4.491   -0.197  -4.314  1.00 90.11  ? 799 PHE A CZ  1 
ATOM 1212 N N   . VAL A 1 199 ? 9.278   1.981   -4.975  1.00 84.36  ? 800 VAL A N   1 
ATOM 1213 C CA  . VAL A 1 199 ? 9.688   3.086   -4.145  1.00 83.27  ? 800 VAL A CA  1 
ATOM 1214 C C   . VAL A 1 199 ? 8.492   3.786   -3.506  1.00 83.76  ? 800 VAL A C   1 
ATOM 1215 O O   . VAL A 1 199 ? 7.579   4.240   -4.195  1.00 85.25  ? 800 VAL A O   1 
ATOM 1216 C CB  . VAL A 1 199 ? 10.497  4.082   -4.995  1.00 82.67  ? 800 VAL A CB  1 
ATOM 1217 C CG1 . VAL A 1 199 ? 10.587  5.390   -4.315  1.00 84.84  ? 800 VAL A CG1 1 
ATOM 1218 C CG2 . VAL A 1 199 ? 11.890  3.553   -5.226  1.00 84.36  ? 800 VAL A CG2 1 
ATOM 1219 N N   . PHE A 1 200 ? 8.499   3.860   -2.178  1.00 82.06  ? 801 PHE A N   1 
ATOM 1220 C CA  . PHE A 1 200 ? 7.436   4.536   -1.443  1.00 78.36  ? 801 PHE A CA  1 
ATOM 1221 C C   . PHE A 1 200 ? 7.805   6.002   -1.325  1.00 78.29  ? 801 PHE A C   1 
ATOM 1222 O O   . PHE A 1 200 ? 8.911   6.332   -0.930  1.00 77.11  ? 801 PHE A O   1 
ATOM 1223 C CB  . PHE A 1 200 ? 7.296   3.956   -0.041  1.00 75.06  ? 801 PHE A CB  1 
ATOM 1224 C CG  . PHE A 1 200 ? 6.614   2.634   0.000   1.00 73.24  ? 801 PHE A CG  1 
ATOM 1225 C CD1 . PHE A 1 200 ? 5.232   2.556   0.064   1.00 73.27  ? 801 PHE A CD1 1 
ATOM 1226 C CD2 . PHE A 1 200 ? 7.350   1.459   -0.021  1.00 72.75  ? 801 PHE A CD2 1 
ATOM 1227 C CE1 . PHE A 1 200 ? 4.588   1.328   0.111   1.00 72.87  ? 801 PHE A CE1 1 
ATOM 1228 C CE2 . PHE A 1 200 ? 6.716   0.223   0.026   1.00 71.84  ? 801 PHE A CE2 1 
ATOM 1229 C CZ  . PHE A 1 200 ? 5.337   0.156   0.094   1.00 71.61  ? 801 PHE A CZ  1 
ATOM 1230 N N   . LEU A 1 201 ? 6.885   6.881   -1.693  1.00 80.46  ? 802 LEU A N   1 
ATOM 1231 C CA  . LEU A 1 201 ? 7.119   8.313   -1.584  1.00 80.60  ? 802 LEU A CA  1 
ATOM 1232 C C   . LEU A 1 201 ? 6.264   8.739   -0.422  1.00 80.81  ? 802 LEU A C   1 
ATOM 1233 O O   . LEU A 1 201 ? 5.056   8.792   -0.546  1.00 81.27  ? 802 LEU A O   1 
ATOM 1234 C CB  . LEU A 1 201 ? 6.655   9.036   -2.833  1.00 81.07  ? 802 LEU A CB  1 
ATOM 1235 C CG  . LEU A 1 201 ? 6.608   10.561  -2.721  1.00 82.25  ? 802 LEU A CG  1 
ATOM 1236 C CD1 . LEU A 1 201 ? 8.019   11.129  -2.629  1.00 82.91  ? 802 LEU A CD1 1 
ATOM 1237 C CD2 . LEU A 1 201 ? 5.894   11.124  -3.932  1.00 80.61  ? 802 LEU A CD2 1 
ATOM 1238 N N   . VAL A 1 202 ? 6.882   9.019   0.716   1.00 82.53  ? 803 VAL A N   1 
ATOM 1239 C CA  . VAL A 1 202 ? 6.127   9.417   1.891   1.00 83.20  ? 803 VAL A CA  1 
ATOM 1240 C C   . VAL A 1 202 ? 6.245   10.905  2.139   1.00 84.00  ? 803 VAL A C   1 
ATOM 1241 O O   . VAL A 1 202 ? 7.306   11.492  1.942   1.00 82.03  ? 803 VAL A O   1 
ATOM 1242 C CB  . VAL A 1 202 ? 6.601   8.671   3.139   1.00 83.23  ? 803 VAL A CB  1 
ATOM 1243 C CG1 . VAL A 1 202 ? 5.666   8.960   4.289   1.00 82.37  ? 803 VAL A CG1 1 
ATOM 1244 C CG2 . VAL A 1 202 ? 6.661   7.179   2.861   1.00 83.37  ? 803 VAL A CG2 1 
ATOM 1245 N N   . ALA A 1 203 ? 5.131   11.498  2.564   1.00 87.57  ? 804 ALA A N   1 
ATOM 1246 C CA  . ALA A 1 203 ? 5.026   12.937  2.850   1.00 90.39  ? 804 ALA A CA  1 
ATOM 1247 C C   . ALA A 1 203 ? 4.319   13.162  4.193   1.00 92.19  ? 804 ALA A C   1 
ATOM 1248 O O   . ALA A 1 203 ? 3.379   12.436  4.533   1.00 92.69  ? 804 ALA A O   1 
ATOM 1249 C CB  . ALA A 1 203 ? 4.250   13.626  1.729   1.00 87.32  ? 804 ALA A CB  1 
ATOM 1250 N N   . SER A 1 204 ? 4.757   14.163  4.955   1.00 93.97  ? 805 SER A N   1 
ATOM 1251 C CA  . SER A 1 204 ? 4.128   14.413  6.249   1.00 97.75  ? 805 SER A CA  1 
ATOM 1252 C C   . SER A 1 204 ? 3.089   15.527  6.281   1.00 99.05  ? 805 SER A C   1 
ATOM 1253 O O   . SER A 1 204 ? 3.260   16.588  5.681   1.00 99.10  ? 805 SER A O   1 
ATOM 1254 C CB  . SER A 1 204 ? 5.186   14.711  7.318   1.00 99.25  ? 805 SER A CB  1 
ATOM 1255 O OG  . SER A 1 204 ? 5.754   16.000  7.147   1.00 102.41 ? 805 SER A OG  1 
ATOM 1256 N N   . THR A 1 205 ? 2.003   15.266  6.996   1.00 100.45 ? 806 THR A N   1 
ATOM 1257 C CA  . THR A 1 205 ? 0.944   16.241  7.167   1.00 102.19 ? 806 THR A CA  1 
ATOM 1258 C C   . THR A 1 205 ? 1.091   16.785  8.590   1.00 105.22 ? 806 THR A C   1 
ATOM 1259 O O   . THR A 1 205 ? 0.137   16.804  9.372   1.00 105.83 ? 806 THR A O   1 
ATOM 1260 C CB  . THR A 1 205 ? -0.442  15.595  6.999   1.00 101.04 ? 806 THR A CB  1 
ATOM 1261 O OG1 . THR A 1 205 ? -0.530  14.399  7.786   1.00 98.38  ? 806 THR A OG1 1 
ATOM 1262 C CG2 . THR A 1 205 ? -0.688  15.275  5.545   1.00 101.64 ? 806 THR A CG2 1 
ATOM 1263 N N   . THR A 1 206 ? 2.305   17.216  8.920   1.00 107.58 ? 807 THR A N   1 
ATOM 1264 C CA  . THR A 1 206 ? 2.614   17.736  10.247  1.00 110.08 ? 807 THR A CA  1 
ATOM 1265 C C   . THR A 1 206 ? 3.939   18.475  10.178  1.00 111.33 ? 807 THR A C   1 
ATOM 1266 O O   . THR A 1 206 ? 4.975   17.940  10.563  1.00 111.44 ? 807 THR A O   1 
ATOM 1267 C CB  . THR A 1 206 ? 2.780   16.602  11.267  1.00 110.61 ? 807 THR A CB  1 
ATOM 1268 O OG1 . THR A 1 206 ? 3.702   15.644  10.738  1.00 112.60 ? 807 THR A OG1 1 
ATOM 1269 C CG2 . THR A 1 206 ? 1.445   15.913  11.566  1.00 110.86 ? 807 THR A CG2 1 
ATOM 1270 N N   . ILE A 1 207 ? 3.895   19.706  9.685   1.00 113.71 ? 808 ILE A N   1 
ATOM 1271 C CA  . ILE A 1 207 ? 5.085   20.538  9.546   1.00 114.67 ? 808 ILE A CA  1 
ATOM 1272 C C   . ILE A 1 207 ? 6.075   20.335  10.677  1.00 115.57 ? 808 ILE A C   1 
ATOM 1273 O O   . ILE A 1 207 ? 5.694   20.126  11.826  1.00 115.31 ? 808 ILE A O   1 
ATOM 1274 C CB  . ILE A 1 207 ? 4.708   22.033  9.492   1.00 114.02 ? 808 ILE A CB  1 
ATOM 1275 C CG1 . ILE A 1 207 ? 5.968   22.885  9.306   1.00 113.68 ? 808 ILE A CG1 1 
ATOM 1276 C CG2 . ILE A 1 207 ? 3.982   22.419  10.765  1.00 113.70 ? 808 ILE A CG2 1 
ATOM 1277 C CD1 . ILE A 1 207 ? 5.695   24.356  9.031   1.00 113.33 ? 808 ILE A CD1 1 
ATOM 1278 N N   . GLU A 1 208 ? 7.354   20.381  10.333  1.00 117.04 ? 809 GLU A N   1 
ATOM 1279 C CA  . GLU A 1 208 ? 8.421   20.230  11.307  1.00 119.14 ? 809 GLU A CA  1 
ATOM 1280 C C   . GLU A 1 208 ? 9.498   21.255  10.956  1.00 120.05 ? 809 GLU A C   1 
ATOM 1281 O O   . GLU A 1 208 ? 9.933   21.351  9.803   1.00 119.81 ? 809 GLU A O   1 
ATOM 1282 C CB  . GLU A 1 208 ? 9.002   18.801  11.275  1.00 119.94 ? 809 GLU A CB  1 
ATOM 1283 C CG  . GLU A 1 208 ? 9.834   18.461  10.028  1.00 122.66 ? 809 GLU A CG  1 
ATOM 1284 C CD  . GLU A 1 208 ? 11.345  18.397  10.291  1.00 124.13 ? 809 GLU A CD  1 
ATOM 1285 O OE1 . GLU A 1 208 ? 11.882  19.288  10.987  1.00 124.49 ? 809 GLU A OE1 1 
ATOM 1286 O OE2 . GLU A 1 208 ? 12.005  17.459  9.784   1.00 124.69 ? 809 GLU A OE2 1 
ATOM 1287 N N   . CYS A 1 209 ? 9.901   22.042  11.949  1.00 120.81 ? 810 CYS A N   1 
ATOM 1288 C CA  . CYS A 1 209 ? 10.936  23.049  11.767  1.00 120.86 ? 810 CYS A CA  1 
ATOM 1289 C C   . CYS A 1 209 ? 10.713  23.920  10.528  1.00 120.06 ? 810 CYS A C   1 
ATOM 1290 O O   . CYS A 1 209 ? 11.656  24.218  9.793   1.00 119.92 ? 810 CYS A O   1 
ATOM 1291 C CB  . CYS A 1 209 ? 12.309  22.366  11.690  1.00 122.13 ? 810 CYS A CB  1 
ATOM 1292 S SG  . CYS A 1 209 ? 13.737  23.482  11.728  1.00 125.36 ? 810 CYS A SG  1 
ATOM 1293 N N   . GLY A 1 210 ? 9.462   24.305  10.288  1.00 118.78 ? 811 GLY A N   1 
ATOM 1294 C CA  . GLY A 1 210 ? 9.165   25.176  9.162   1.00 117.82 ? 811 GLY A CA  1 
ATOM 1295 C C   . GLY A 1 210 ? 8.779   24.602  7.813   1.00 117.61 ? 811 GLY A C   1 
ATOM 1296 O O   . GLY A 1 210 ? 8.287   25.334  6.951   1.00 118.61 ? 811 GLY A O   1 
ATOM 1297 N N   . ARG A 1 211 ? 8.990   23.310  7.600   1.00 116.79 ? 812 ARG A N   1 
ATOM 1298 C CA  . ARG A 1 211 ? 8.631   22.725  6.316   1.00 115.30 ? 812 ARG A CA  1 
ATOM 1299 C C   . ARG A 1 211 ? 7.846   21.432  6.498   1.00 115.00 ? 812 ARG A C   1 
ATOM 1300 O O   . ARG A 1 211 ? 7.532   21.047  7.626   1.00 115.50 ? 812 ARG A O   1 
ATOM 1301 C CB  . ARG A 1 211 ? 9.894   22.464  5.500   1.00 114.47 ? 812 ARG A CB  1 
ATOM 1302 C CG  . ARG A 1 211 ? 10.868  23.634  5.491   1.00 114.97 ? 812 ARG A CG  1 
ATOM 1303 C CD  . ARG A 1 211 ? 11.757  23.590  4.257   1.00 115.20 ? 812 ARG A CD  1 
ATOM 1304 N NE  . ARG A 1 211 ? 12.932  24.462  4.326   1.00 114.98 ? 812 ARG A NE  1 
ATOM 1305 C CZ  . ARG A 1 211 ? 13.895  24.352  5.236   1.00 115.00 ? 812 ARG A CZ  1 
ATOM 1306 N NH1 . ARG A 1 211 ? 13.827  23.409  6.173   1.00 113.64 ? 812 ARG A NH1 1 
ATOM 1307 N NH2 . ARG A 1 211 ? 14.942  25.170  5.194   1.00 114.61 ? 812 ARG A NH2 1 
ATOM 1308 N N   . TYR A 1 212 ? 7.496   20.788  5.385   1.00 114.14 ? 813 TYR A N   1 
ATOM 1309 C CA  . TYR A 1 212 ? 6.778   19.506  5.407   1.00 112.95 ? 813 TYR A CA  1 
ATOM 1310 C C   . TYR A 1 212 ? 7.721   18.508  4.745   1.00 110.95 ? 813 TYR A C   1 
ATOM 1311 O O   . TYR A 1 212 ? 7.763   18.415  3.519   1.00 111.51 ? 813 TYR A O   1 
ATOM 1312 C CB  . TYR A 1 212 ? 5.482   19.579  4.603   1.00 113.89 ? 813 TYR A CB  1 
ATOM 1313 C CG  . TYR A 1 212 ? 4.377   20.364  5.259   1.00 115.31 ? 813 TYR A CG  1 
ATOM 1314 C CD1 . TYR A 1 212 ? 3.889   20.006  6.511   1.00 115.72 ? 813 TYR A CD1 1 
ATOM 1315 C CD2 . TYR A 1 212 ? 3.774   21.436  4.598   1.00 117.24 ? 813 TYR A CD2 1 
ATOM 1316 C CE1 . TYR A 1 212 ? 2.815   20.698  7.088   1.00 117.55 ? 813 TYR A CE1 1 
ATOM 1317 C CE2 . TYR A 1 212 ? 2.698   22.132  5.163   1.00 116.80 ? 813 TYR A CE2 1 
ATOM 1318 C CZ  . TYR A 1 212 ? 2.226   21.756  6.402   1.00 117.03 ? 813 TYR A CZ  1 
ATOM 1319 O OH  . TYR A 1 212 ? 1.150   22.414  6.936   1.00 116.97 ? 813 TYR A OH  1 
ATOM 1320 N N   . PRO A 1 213 ? 8.483   17.747  5.549   1.00 108.24 ? 814 PRO A N   1 
ATOM 1321 C CA  . PRO A 1 213 ? 9.430   16.771  5.012   1.00 105.58 ? 814 PRO A CA  1 
ATOM 1322 C C   . PRO A 1 213 ? 8.844   15.657  4.160   1.00 103.73 ? 814 PRO A C   1 
ATOM 1323 O O   . PRO A 1 213 ? 7.712   15.210  4.364   1.00 102.27 ? 814 PRO A O   1 
ATOM 1324 C CB  . PRO A 1 213 ? 10.118  16.246  6.265   1.00 106.00 ? 814 PRO A CB  1 
ATOM 1325 C CG  . PRO A 1 213 ? 9.022   16.279  7.268   1.00 106.19 ? 814 PRO A CG  1 
ATOM 1326 C CD  . PRO A 1 213 ? 8.379   17.615  7.014   1.00 107.04 ? 814 PRO A CD  1 
ATOM 1327 N N   . VAL A 1 214 ? 9.640   15.231  3.191   1.00 102.79 ? 815 VAL A N   1 
ATOM 1328 C CA  . VAL A 1 214 ? 9.275   14.151  2.292   1.00 102.91 ? 815 VAL A CA  1 
ATOM 1329 C C   . VAL A 1 214 ? 10.418  13.135  2.326   1.00 101.46 ? 815 VAL A C   1 
ATOM 1330 O O   . VAL A 1 214 ? 11.571  13.491  2.584   1.00 100.23 ? 815 VAL A O   1 
ATOM 1331 C CB  . VAL A 1 214 ? 9.081   14.660  0.850   1.00 104.34 ? 815 VAL A CB  1 
ATOM 1332 C CG1 . VAL A 1 214 ? 8.650   13.509  -0.053  1.00 106.62 ? 815 VAL A CG1 1 
ATOM 1333 C CG2 . VAL A 1 214 ? 8.034   15.750  0.822   1.00 104.19 ? 815 VAL A CG2 1 
ATOM 1334 N N   . GLU A 1 215 ? 10.092  11.875  2.055   1.00 100.45 ? 816 GLU A N   1 
ATOM 1335 C CA  . GLU A 1 215 ? 11.083  10.805  2.095   1.00 98.61  ? 816 GLU A CA  1 
ATOM 1336 C C   . GLU A 1 215 ? 10.738  9.667   1.126   1.00 95.52  ? 816 GLU A C   1 
ATOM 1337 O O   . GLU A 1 215 ? 9.615   9.161   1.138   1.00 95.51  ? 816 GLU A O   1 
ATOM 1338 C CB  . GLU A 1 215 ? 11.150  10.260  3.532   1.00 100.28 ? 816 GLU A CB  1 
ATOM 1339 C CG  . GLU A 1 215 ? 12.443  9.567   3.922   1.00 103.00 ? 816 GLU A CG  1 
ATOM 1340 C CD  . GLU A 1 215 ? 13.648  10.479  3.792   1.00 105.78 ? 816 GLU A CD  1 
ATOM 1341 O OE1 . GLU A 1 215 ? 14.125  10.668  2.646   1.00 107.28 ? 816 GLU A OE1 1 
ATOM 1342 O OE2 . GLU A 1 215 ? 14.111  11.013  4.831   1.00 105.15 ? 816 GLU A OE2 1 
ATOM 1343 N N   . ILE A 1 216 ? 11.698  9.277   0.287   1.00 91.93  ? 817 ILE A N   1 
ATOM 1344 C CA  . ILE A 1 216 ? 11.517  8.167   -0.654  1.00 87.46  ? 817 ILE A CA  1 
ATOM 1345 C C   . ILE A 1 216 ? 12.098  6.913   0.020   1.00 86.18  ? 817 ILE A C   1 
ATOM 1346 O O   . ILE A 1 216 ? 13.284  6.851   0.312   1.00 85.20  ? 817 ILE A O   1 
ATOM 1347 C CB  . ILE A 1 216 ? 12.267  8.412   -1.986  1.00 85.70  ? 817 ILE A CB  1 
ATOM 1348 C CG1 . ILE A 1 216 ? 11.459  9.325   -2.902  1.00 85.27  ? 817 ILE A CG1 1 
ATOM 1349 C CG2 . ILE A 1 216 ? 12.528  7.116   -2.680  1.00 83.80  ? 817 ILE A CG2 1 
ATOM 1350 C CD1 . ILE A 1 216 ? 11.608  10.782  -2.593  1.00 86.75  ? 817 ILE A CD1 1 
ATOM 1351 N N   . PHE A 1 217 ? 11.252  5.927   0.285   1.00 85.95  ? 818 PHE A N   1 
ATOM 1352 C CA  . PHE A 1 217 ? 11.677  4.689   0.935   1.00 85.91  ? 818 PHE A CA  1 
ATOM 1353 C C   . PHE A 1 217 ? 11.597  3.508   -0.009  1.00 85.99  ? 818 PHE A C   1 
ATOM 1354 O O   . PHE A 1 217 ? 10.742  3.454   -0.898  1.00 85.39  ? 818 PHE A O   1 
ATOM 1355 C CB  . PHE A 1 217 ? 10.793  4.365   2.133   1.00 86.00  ? 818 PHE A CB  1 
ATOM 1356 C CG  . PHE A 1 217 ? 10.940  5.306   3.277   1.00 88.04  ? 818 PHE A CG  1 
ATOM 1357 C CD1 . PHE A 1 217 ? 11.944  5.120   4.217   1.00 90.42  ? 818 PHE A CD1 1 
ATOM 1358 C CD2 . PHE A 1 217 ? 10.049  6.354   3.447   1.00 88.44  ? 818 PHE A CD2 1 
ATOM 1359 C CE1 . PHE A 1 217 ? 12.056  5.962   5.314   1.00 90.20  ? 818 PHE A CE1 1 
ATOM 1360 C CE2 . PHE A 1 217 ? 10.154  7.199   4.535   1.00 89.32  ? 818 PHE A CE2 1 
ATOM 1361 C CZ  . PHE A 1 217 ? 11.159  7.001   5.471   1.00 90.12  ? 818 PHE A CZ  1 
ATOM 1362 N N   . MET A 1 218 ? 12.486  2.549   0.203   1.00 85.61  ? 819 MET A N   1 
ATOM 1363 C CA  . MET A 1 218 ? 12.511  1.350   -0.611  1.00 85.77  ? 819 MET A CA  1 
ATOM 1364 C C   . MET A 1 218 ? 12.648  0.168   0.310   1.00 86.33  ? 819 MET A C   1 
ATOM 1365 O O   . MET A 1 218 ? 13.334  0.251   1.315   1.00 86.37  ? 819 MET A O   1 
ATOM 1366 C CB  . MET A 1 218 ? 13.681  1.385   -1.573  1.00 84.60  ? 819 MET A CB  1 
ATOM 1367 C CG  . MET A 1 218 ? 13.910  0.078   -2.278  1.00 83.32  ? 819 MET A CG  1 
ATOM 1368 S SD  . MET A 1 218 ? 15.098  0.298   -3.563  1.00 80.87  ? 819 MET A SD  1 
ATOM 1369 C CE  . MET A 1 218 ? 16.513  0.657   -2.558  1.00 83.58  ? 819 MET A CE  1 
ATOM 1370 N N   . MET A 1 219 ? 12.006  -0.939  -0.027  1.00 87.98  ? 820 MET A N   1 
ATOM 1371 C CA  . MET A 1 219 ? 12.092  -2.095  0.845   1.00 91.24  ? 820 MET A CA  1 
ATOM 1372 C C   . MET A 1 219 ? 13.417  -2.885  0.725   1.00 93.41  ? 820 MET A C   1 
ATOM 1373 O O   . MET A 1 219 ? 13.901  -3.202  -0.371  1.00 93.18  ? 820 MET A O   1 
ATOM 1374 C CB  . MET A 1 219 ? 10.866  -3.002  0.630   1.00 90.35  ? 820 MET A CB  1 
ATOM 1375 C CG  . MET A 1 219 ? 10.059  -3.257  1.909   1.00 89.43  ? 820 MET A CG  1 
ATOM 1376 S SD  . MET A 1 219 ? 9.431   -1.743  2.724   1.00 89.17  ? 820 MET A SD  1 
ATOM 1377 C CE  . MET A 1 219 ? 7.760   -1.910  2.488   1.00 89.14  ? 820 MET A CE  1 
ATOM 1378 N N   . GLY A 1 220 ? 14.003  -3.182  1.884   1.00 95.36  ? 821 GLY A N   1 
ATOM 1379 C CA  . GLY A 1 220 ? 15.248  -3.922  1.923   1.00 96.90  ? 821 GLY A CA  1 
ATOM 1380 C C   . GLY A 1 220 ? 15.057  -5.397  1.635   1.00 97.79  ? 821 GLY A C   1 
ATOM 1381 O O   . GLY A 1 220 ? 14.117  -6.023  2.130   1.00 97.88  ? 821 GLY A O   1 
ATOM 1382 N N   . GLU A 1 221 ? 15.965  -5.932  0.823   1.00 97.96  ? 822 GLU A N   1 
ATOM 1383 C CA  . GLU A 1 221 ? 15.997  -7.336  0.408   1.00 97.31  ? 822 GLU A CA  1 
ATOM 1384 C C   . GLU A 1 221 ? 15.425  -8.314  1.430   1.00 95.17  ? 822 GLU A C   1 
ATOM 1385 O O   . GLU A 1 221 ? 14.608  -9.173  1.089   1.00 93.61  ? 822 GLU A O   1 
ATOM 1386 C CB  . GLU A 1 221 ? 17.437  -7.724  0.116   1.00 100.31 ? 822 GLU A CB  1 
ATOM 1387 C CG  . GLU A 1 221 ? 17.678  -8.414  -1.198  1.00 104.25 ? 822 GLU A CG  1 
ATOM 1388 C CD  . GLU A 1 221 ? 19.166  -8.491  -1.501  1.00 107.81 ? 822 GLU A CD  1 
ATOM 1389 O OE1 . GLU A 1 221 ? 19.911  -9.047  -0.657  1.00 109.11 ? 822 GLU A OE1 1 
ATOM 1390 O OE2 . GLU A 1 221 ? 19.591  -7.988  -2.570  1.00 108.73 ? 822 GLU A OE2 1 
ATOM 1391 N N   . GLU A 1 222 ? 15.866  -8.193  2.677   1.00 93.16  ? 823 GLU A N   1 
ATOM 1392 C CA  . GLU A 1 222 ? 15.384  -9.088  3.724   1.00 92.32  ? 823 GLU A CA  1 
ATOM 1393 C C   . GLU A 1 222 ? 13.858  -8.986  3.859   1.00 90.24  ? 823 GLU A C   1 
ATOM 1394 O O   . GLU A 1 222 ? 13.160  -10.004 3.937   1.00 89.60  ? 823 GLU A O   1 
ATOM 1395 C CB  . GLU A 1 222 ? 16.064  -8.751  5.060   1.00 94.48  ? 823 GLU A CB  1 
ATOM 1396 C CG  . GLU A 1 222 ? 15.996  -9.849  6.137   1.00 96.15  ? 823 GLU A CG  1 
ATOM 1397 C CD  . GLU A 1 222 ? 16.550  -9.369  7.485   1.00 99.33  ? 823 GLU A CD  1 
ATOM 1398 O OE1 . GLU A 1 222 ? 17.529  -8.582  7.467   1.00 99.48  ? 823 GLU A OE1 1 
ATOM 1399 O OE2 . GLU A 1 222 ? 16.018  -9.772  8.553   1.00 98.41  ? 823 GLU A OE2 1 
ATOM 1400 N N   . ALA A 1 223 ? 13.348  -7.752  3.860   1.00 87.32  ? 824 ALA A N   1 
ATOM 1401 C CA  . ALA A 1 223 ? 11.916  -7.497  3.995   1.00 81.46  ? 824 ALA A CA  1 
ATOM 1402 C C   . ALA A 1 223 ? 11.134  -7.735  2.715   1.00 78.52  ? 824 ALA A C   1 
ATOM 1403 O O   . ALA A 1 223 ? 10.036  -8.280  2.753   1.00 77.44  ? 824 ALA A O   1 
ATOM 1404 C CB  . ALA A 1 223 ? 11.695  -6.088  4.477   1.00 80.44  ? 824 ALA A CB  1 
ATOM 1405 N N   . LYS A 1 224 ? 11.689  -7.335  1.579   1.00 77.09  ? 825 LYS A N   1 
ATOM 1406 C CA  . LYS A 1 224 ? 10.981  -7.509  0.314   1.00 77.92  ? 825 LYS A CA  1 
ATOM 1407 C C   . LYS A 1 224 ? 10.599  -8.966  0.184   1.00 79.28  ? 825 LYS A C   1 
ATOM 1408 O O   . LYS A 1 224 ? 9.492   -9.292  -0.247  1.00 79.73  ? 825 LYS A O   1 
ATOM 1409 C CB  . LYS A 1 224 ? 11.864  -7.058  -0.856  1.00 77.77  ? 825 LYS A CB  1 
ATOM 1410 C CG  . LYS A 1 224 ? 11.130  -6.724  -2.172  1.00 78.58  ? 825 LYS A CG  1 
ATOM 1411 C CD  . LYS A 1 224 ? 12.049  -5.897  -3.112  1.00 78.40  ? 825 LYS A CD  1 
ATOM 1412 C CE  . LYS A 1 224 ? 11.400  -5.555  -4.474  1.00 83.12  ? 825 LYS A CE  1 
ATOM 1413 N NZ  . LYS A 1 224 ? 11.074  -6.706  -5.410  1.00 81.57  ? 825 LYS A NZ  1 
ATOM 1414 N N   . LEU A 1 225 ? 11.525  -9.832  0.600   1.00 82.39  ? 826 LEU A N   1 
ATOM 1415 C CA  . LEU A 1 225 ? 11.360  -11.289 0.572   1.00 82.57  ? 826 LEU A CA  1 
ATOM 1416 C C   . LEU A 1 225 ? 10.280  -11.742 1.561   1.00 82.03  ? 826 LEU A C   1 
ATOM 1417 O O   . LEU A 1 225 ? 9.365   -12.477 1.190   1.00 81.65  ? 826 LEU A O   1 
ATOM 1418 C CB  . LEU A 1 225 ? 12.716  -11.960 0.886   1.00 85.30  ? 826 LEU A CB  1 
ATOM 1419 C CG  . LEU A 1 225 ? 12.931  -13.489 0.928   1.00 84.72  ? 826 LEU A CG  1 
ATOM 1420 C CD1 . LEU A 1 225 ? 12.358  -14.055 2.224   1.00 83.73  ? 826 LEU A CD1 1 
ATOM 1421 C CD2 . LEU A 1 225 ? 12.302  -14.157 -0.303  1.00 83.47  ? 826 LEU A CD2 1 
ATOM 1422 N N   . ALA A 1 226 ? 10.397  -11.313 2.816   1.00 82.45  ? 827 ALA A N   1 
ATOM 1423 C CA  . ALA A 1 226 ? 9.407   -11.647 3.848   1.00 83.51  ? 827 ALA A CA  1 
ATOM 1424 C C   . ALA A 1 226 ? 8.003   -11.349 3.327   1.00 85.66  ? 827 ALA A C   1 
ATOM 1425 O O   . ALA A 1 226 ? 7.063   -12.112 3.575   1.00 85.76  ? 827 ALA A O   1 
ATOM 1426 C CB  . ALA A 1 226 ? 9.657   -10.826 5.098   1.00 81.59  ? 827 ALA A CB  1 
ATOM 1427 N N   . GLY A 1 227 ? 7.877   -10.227 2.611   1.00 86.32  ? 828 GLY A N   1 
ATOM 1428 C CA  . GLY A 1 227 ? 6.603   -9.825  2.049   1.00 86.57  ? 828 GLY A CA  1 
ATOM 1429 C C   . GLY A 1 227 ? 6.116   -10.775 0.984   1.00 87.30  ? 828 GLY A C   1 
ATOM 1430 O O   . GLY A 1 227 ? 4.929   -11.089 0.909   1.00 87.62  ? 828 GLY A O   1 
ATOM 1431 N N   . GLN A 1 228 ? 7.040   -11.229 0.148   1.00 88.99  ? 829 GLN A N   1 
ATOM 1432 C CA  . GLN A 1 228 ? 6.723   -12.178 -0.917  1.00 90.05  ? 829 GLN A CA  1 
ATOM 1433 C C   . GLN A 1 228 ? 6.267   -13.532 -0.361  1.00 87.53  ? 829 GLN A C   1 
ATOM 1434 O O   . GLN A 1 228 ? 5.423   -14.210 -0.946  1.00 86.24  ? 829 GLN A O   1 
ATOM 1435 C CB  . GLN A 1 228 ? 7.952   -12.366 -1.814  1.00 94.50  ? 829 GLN A CB  1 
ATOM 1436 C CG  . GLN A 1 228 ? 7.937   -13.640 -2.658  1.00 100.28 ? 829 GLN A CG  1 
ATOM 1437 C CD  . GLN A 1 228 ? 9.110   -13.708 -3.628  1.00 103.79 ? 829 GLN A CD  1 
ATOM 1438 O OE1 . GLN A 1 228 ? 10.245  -13.338 -3.278  1.00 104.28 ? 829 GLN A OE1 1 
ATOM 1439 N NE2 . GLN A 1 228 ? 8.846   -14.187 -4.856  1.00 103.90 ? 829 GLN A NE2 1 
ATOM 1440 N N   . GLN A 1 229 ? 6.825   -13.929 0.773   1.00 85.09  ? 830 GLN A N   1 
ATOM 1441 C CA  . GLN A 1 229 ? 6.452   -15.203 1.366   1.00 84.25  ? 830 GLN A CA  1 
ATOM 1442 C C   . GLN A 1 229 ? 5.115   -15.096 2.089   1.00 81.13  ? 830 GLN A C   1 
ATOM 1443 O O   . GLN A 1 229 ? 4.375   -16.072 2.230   1.00 79.92  ? 830 GLN A O   1 
ATOM 1444 C CB  . GLN A 1 229 ? 7.543   -15.654 2.337   1.00 86.82  ? 830 GLN A CB  1 
ATOM 1445 C CG  . GLN A 1 229 ? 8.844   -16.051 1.655   1.00 90.43  ? 830 GLN A CG  1 
ATOM 1446 C CD  . GLN A 1 229 ? 9.946   -16.358 2.646   1.00 93.10  ? 830 GLN A CD  1 
ATOM 1447 O OE1 . GLN A 1 229 ? 10.917  -17.041 2.317   1.00 93.50  ? 830 GLN A OE1 1 
ATOM 1448 N NE2 . GLN A 1 229 ? 9.805   -15.846 3.870   1.00 93.87  ? 830 GLN A NE2 1 
ATOM 1449 N N   . GLU A 1 230 ? 4.811   -13.890 2.546   1.00 79.42  ? 831 GLU A N   1 
ATOM 1450 C CA  . GLU A 1 230 ? 3.571   -13.625 3.267   1.00 74.85  ? 831 GLU A CA  1 
ATOM 1451 C C   . GLU A 1 230 ? 2.350   -13.703 2.362   1.00 72.09  ? 831 GLU A C   1 
ATOM 1452 O O   . GLU A 1 230 ? 1.406   -14.440 2.654   1.00 67.21  ? 831 GLU A O   1 
ATOM 1453 C CB  . GLU A 1 230 ? 3.657   -12.254 3.934   1.00 72.60  ? 831 GLU A CB  1 
ATOM 1454 C CG  . GLU A 1 230 ? 2.522   -11.928 4.859   1.00 70.23  ? 831 GLU A CG  1 
ATOM 1455 C CD  . GLU A 1 230 ? 2.176   -13.049 5.797   1.00 67.85  ? 831 GLU A CD  1 
ATOM 1456 O OE1 . GLU A 1 230 ? 1.456   -13.977 5.382   1.00 68.37  ? 831 GLU A OE1 1 
ATOM 1457 O OE2 . GLU A 1 230 ? 2.620   -13.006 6.957   1.00 67.62  ? 831 GLU A OE2 1 
ATOM 1458 N N   . TYR A 1 231 ? 2.380   -12.975 1.252   1.00 72.34  ? 832 TYR A N   1 
ATOM 1459 C CA  . TYR A 1 231 ? 1.239   -12.982 0.343   1.00 74.58  ? 832 TYR A CA  1 
ATOM 1460 C C   . TYR A 1 231 ? 0.984   -14.353 -0.266  1.00 74.89  ? 832 TYR A C   1 
ATOM 1461 O O   . TYR A 1 231 ? -0.166  -14.715 -0.521  1.00 75.80  ? 832 TYR A O   1 
ATOM 1462 C CB  . TYR A 1 231 ? 1.408   -11.908 -0.745  1.00 74.60  ? 832 TYR A CB  1 
ATOM 1463 C CG  . TYR A 1 231 ? 2.137   -12.310 -2.016  1.00 76.69  ? 832 TYR A CG  1 
ATOM 1464 C CD1 . TYR A 1 231 ? 1.540   -13.165 -2.959  1.00 77.24  ? 832 TYR A CD1 1 
ATOM 1465 C CD2 . TYR A 1 231 ? 3.378   -11.756 -2.333  1.00 77.73  ? 832 TYR A CD2 1 
ATOM 1466 C CE1 . TYR A 1 231 ? 2.157   -13.445 -4.190  1.00 74.43  ? 832 TYR A CE1 1 
ATOM 1467 C CE2 . TYR A 1 231 ? 4.007   -12.035 -3.565  1.00 76.82  ? 832 TYR A CE2 1 
ATOM 1468 C CZ  . TYR A 1 231 ? 3.385   -12.873 -4.486  1.00 74.84  ? 832 TYR A CZ  1 
ATOM 1469 O OH  . TYR A 1 231 ? 3.984   -13.108 -5.707  1.00 71.84  ? 832 TYR A OH  1 
ATOM 1470 N N   . HIS A 1 232 ? 2.048   -15.120 -0.498  1.00 74.76  ? 833 HIS A N   1 
ATOM 1471 C CA  . HIS A 1 232 ? 1.905   -16.462 -1.069  1.00 72.20  ? 833 HIS A CA  1 
ATOM 1472 C C   . HIS A 1 232 ? 1.259   -17.334 -0.014  1.00 69.39  ? 833 HIS A C   1 
ATOM 1473 O O   . HIS A 1 232 ? 0.318   -18.101 -0.267  1.00 65.78  ? 833 HIS A O   1 
ATOM 1474 C CB  . HIS A 1 232 ? 3.271   -17.030 -1.444  1.00 74.44  ? 833 HIS A CB  1 
ATOM 1475 C CG  . HIS A 1 232 ? 3.780   -16.560 -2.771  1.00 75.20  ? 833 HIS A CG  1 
ATOM 1476 N ND1 . HIS A 1 232 ? 4.906   -15.771 -2.902  1.00 75.11  ? 833 HIS A ND1 1 
ATOM 1477 C CD2 . HIS A 1 232 ? 3.339   -16.801 -4.029  1.00 74.66  ? 833 HIS A CD2 1 
ATOM 1478 C CE1 . HIS A 1 232 ? 5.142   -15.554 -4.183  1.00 74.55  ? 833 HIS A CE1 1 
ATOM 1479 N NE2 . HIS A 1 232 ? 4.204   -16.166 -4.886  1.00 76.65  ? 833 HIS A NE2 1 
ATOM 1480 N N   . ARG A 1 233 ? 1.789   -17.204 1.189   1.00 68.84  ? 834 ARG A N   1 
ATOM 1481 C CA  . ARG A 1 233 ? 1.260   -17.932 2.325   1.00 69.91  ? 834 ARG A CA  1 
ATOM 1482 C C   . ARG A 1 233 ? -0.230  -17.518 2.408   1.00 69.08  ? 834 ARG A C   1 
ATOM 1483 O O   . ARG A 1 233 ? -1.093  -18.391 2.528   1.00 69.84  ? 834 ARG A O   1 
ATOM 1484 C CB  . ARG A 1 233 ? 2.059   -17.529 3.560   1.00 70.66  ? 834 ARG A CB  1 
ATOM 1485 C CG  . ARG A 1 233 ? 2.030   -18.467 4.739   1.00 69.05  ? 834 ARG A CG  1 
ATOM 1486 C CD  . ARG A 1 233 ? 2.711   -17.716 5.883   1.00 69.35  ? 834 ARG A CD  1 
ATOM 1487 N NE  . ARG A 1 233 ? 3.696   -16.774 5.331   1.00 69.41  ? 834 ARG A NE  1 
ATOM 1488 C CZ  . ARG A 1 233 ? 4.306   -15.823 6.030   1.00 71.74  ? 834 ARG A CZ  1 
ATOM 1489 N NH1 . ARG A 1 233 ? 4.038   -15.682 7.322   1.00 73.12  ? 834 ARG A NH1 1 
ATOM 1490 N NH2 . ARG A 1 233 ? 5.163   -14.990 5.435   1.00 71.80  ? 834 ARG A NH2 1 
ATOM 1491 N N   . ASN A 1 234 ? -0.521  -16.206 2.313   1.00 66.29  ? 835 ASN A N   1 
ATOM 1492 C CA  . ASN A 1 234 ? -1.913  -15.700 2.308   1.00 61.34  ? 835 ASN A CA  1 
ATOM 1493 C C   . ASN A 1 234 ? -2.677  -16.352 1.143   1.00 62.31  ? 835 ASN A C   1 
ATOM 1494 O O   . ASN A 1 234 ? -3.713  -16.992 1.343   1.00 63.47  ? 835 ASN A O   1 
ATOM 1495 C CB  . ASN A 1 234 ? -1.987  -14.169 2.113   1.00 53.63  ? 835 ASN A CB  1 
ATOM 1496 C CG  . ASN A 1 234 ? -1.494  -13.375 3.322   1.00 51.02  ? 835 ASN A CG  1 
ATOM 1497 O OD1 . ASN A 1 234 ? -1.788  -13.716 4.470   1.00 48.02  ? 835 ASN A OD1 1 
ATOM 1498 N ND2 . ASN A 1 234 ? -0.751  -12.299 3.069   1.00 42.03  ? 835 ASN A ND2 1 
ATOM 1499 N N   . LEU A 1 235 ? -2.177  -16.200 -0.078  1.00 63.14  ? 836 LEU A N   1 
ATOM 1500 C CA  . LEU A 1 235 ? -2.870  -16.784 -1.234  1.00 69.30  ? 836 LEU A CA  1 
ATOM 1501 C C   . LEU A 1 235 ? -3.275  -18.259 -1.040  1.00 73.09  ? 836 LEU A C   1 
ATOM 1502 O O   . LEU A 1 235 ? -4.432  -18.628 -1.305  1.00 72.76  ? 836 LEU A O   1 
ATOM 1503 C CB  . LEU A 1 235 ? -2.026  -16.617 -2.513  1.00 68.20  ? 836 LEU A CB  1 
ATOM 1504 C CG  . LEU A 1 235 ? -2.103  -15.216 -3.138  1.00 68.92  ? 836 LEU A CG  1 
ATOM 1505 C CD1 . LEU A 1 235 ? -1.142  -15.095 -4.285  1.00 69.02  ? 836 LEU A CD1 1 
ATOM 1506 C CD2 . LEU A 1 235 ? -3.520  -14.941 -3.612  1.00 66.59  ? 836 LEU A CD2 1 
ATOM 1507 N N   . ARG A 1 236 ? -2.328  -19.088 -0.577  1.00 75.49  ? 837 ARG A N   1 
ATOM 1508 C CA  . ARG A 1 236 ? -2.584  -20.507 -0.340  1.00 75.86  ? 837 ARG A CA  1 
ATOM 1509 C C   . ARG A 1 236 ? -3.719  -20.664 0.636   1.00 75.36  ? 837 ARG A C   1 
ATOM 1510 O O   . ARG A 1 236 ? -4.661  -21.408 0.375   1.00 75.21  ? 837 ARG A O   1 
ATOM 1511 C CB  . ARG A 1 236 ? -1.347  -21.213 0.232   1.00 78.73  ? 837 ARG A CB  1 
ATOM 1512 C CG  . ARG A 1 236 ? -0.332  -21.671 -0.797  1.00 78.05  ? 837 ARG A CG  1 
ATOM 1513 C CD  . ARG A 1 236 ? 0.965   -22.029 -0.109  1.00 78.82  ? 837 ARG A CD  1 
ATOM 1514 N NE  . ARG A 1 236 ? 2.045   -21.121 -0.495  1.00 80.16  ? 837 ARG A NE  1 
ATOM 1515 C CZ  . ARG A 1 236 ? 2.833   -20.488 0.375   1.00 80.54  ? 837 ARG A CZ  1 
ATOM 1516 N NH1 . ARG A 1 236 ? 2.649   -20.672 1.681   1.00 79.79  ? 837 ARG A NH1 1 
ATOM 1517 N NH2 . ARG A 1 236 ? 3.797   -19.667 -0.054  1.00 78.22  ? 837 ARG A NH2 1 
ATOM 1518 N N   . THR A 1 237 ? -3.629  -19.973 1.770   1.00 76.00  ? 838 THR A N   1 
ATOM 1519 C CA  . THR A 1 237 ? -4.694  -20.066 2.761   1.00 76.99  ? 838 THR A CA  1 
ATOM 1520 C C   . THR A 1 237 ? -6.036  -19.615 2.153   1.00 78.16  ? 838 THR A C   1 
ATOM 1521 O O   . THR A 1 237 ? -7.087  -20.171 2.493   1.00 77.69  ? 838 THR A O   1 
ATOM 1522 C CB  . THR A 1 237 ? -4.327  -19.303 4.116   1.00 75.76  ? 838 THR A CB  1 
ATOM 1523 O OG1 . THR A 1 237 ? -5.523  -18.879 4.775   1.00 73.66  ? 838 THR A OG1 1 
ATOM 1524 C CG2 . THR A 1 237 ? -3.408  -18.122 3.889   1.00 73.55  ? 838 THR A CG2 1 
ATOM 1525 N N   . LEU A 1 238 ? -5.999  -18.655 1.225   1.00 78.94  ? 839 LEU A N   1 
ATOM 1526 C CA  . LEU A 1 238 ? -7.221  -18.192 0.555   1.00 80.64  ? 839 LEU A CA  1 
ATOM 1527 C C   . LEU A 1 238 ? -7.741  -19.296 -0.365  1.00 82.61  ? 839 LEU A C   1 
ATOM 1528 O O   . LEU A 1 238 ? -8.953  -19.510 -0.469  1.00 82.79  ? 839 LEU A O   1 
ATOM 1529 C CB  . LEU A 1 238 ? -6.940  -16.910 -0.256  1.00 80.84  ? 839 LEU A CB  1 
ATOM 1530 C CG  . LEU A 1 238 ? -7.943  -16.164 -1.169  1.00 77.16  ? 839 LEU A CG  1 
ATOM 1531 C CD1 . LEU A 1 238 ? -7.870  -16.736 -2.556  1.00 76.17  ? 839 LEU A CD1 1 
ATOM 1532 C CD2 . LEU A 1 238 ? -9.358  -16.205 -0.619  1.00 75.53  ? 839 LEU A CD2 1 
ATOM 1533 N N   . SER A 1 239 ? -6.817  -20.013 -1.009  1.00 84.84  ? 840 SER A N   1 
ATOM 1534 C CA  . SER A 1 239 ? -7.173  -21.099 -1.924  1.00 86.22  ? 840 SER A CA  1 
ATOM 1535 C C   . SER A 1 239 ? -7.871  -22.268 -1.229  1.00 87.03  ? 840 SER A C   1 
ATOM 1536 O O   . SER A 1 239 ? -8.700  -22.952 -1.831  1.00 86.68  ? 840 SER A O   1 
ATOM 1537 C CB  . SER A 1 239 ? -5.932  -21.605 -2.655  1.00 87.10  ? 840 SER A CB  1 
ATOM 1538 O OG  . SER A 1 239 ? -6.299  -22.341 -3.811  1.00 88.27  ? 840 SER A OG  1 
ATOM 1539 N N   . ASP A 1 240 ? -7.544  -22.503 0.038   1.00 88.64  ? 841 ASP A N   1 
ATOM 1540 C CA  . ASP A 1 240 ? -8.187  -23.591 0.769   1.00 90.74  ? 841 ASP A CA  1 
ATOM 1541 C C   . ASP A 1 240 ? -9.647  -23.243 0.943   1.00 89.95  ? 841 ASP A C   1 
ATOM 1542 O O   . ASP A 1 240 ? -10.531 -23.994 0.545   1.00 89.26  ? 841 ASP A O   1 
ATOM 1543 C CB  . ASP A 1 240 ? -7.571  -23.786 2.157   1.00 94.38  ? 841 ASP A CB  1 
ATOM 1544 C CG  . ASP A 1 240 ? -6.140  -24.279 2.103   1.00 97.57  ? 841 ASP A CG  1 
ATOM 1545 O OD1 . ASP A 1 240 ? -5.847  -25.145 1.245   1.00 98.91  ? 841 ASP A OD1 1 
ATOM 1546 O OD2 . ASP A 1 240 ? -5.317  -23.806 2.930   1.00 98.82  ? 841 ASP A OD2 1 
ATOM 1547 N N   . CYS A 1 241 ? -9.882  -22.085 1.547   1.00 90.95  ? 842 CYS A N   1 
ATOM 1548 C CA  . CYS A 1 241 ? -11.230 -21.595 1.805   1.00 90.25  ? 842 CYS A CA  1 
ATOM 1549 C C   . CYS A 1 241 ? -12.130 -21.746 0.597   1.00 89.11  ? 842 CYS A C   1 
ATOM 1550 O O   . CYS A 1 241 ? -13.298 -22.113 0.738   1.00 88.13  ? 842 CYS A O   1 
ATOM 1551 C CB  . CYS A 1 241 ? -11.177 -20.136 2.237   1.00 90.86  ? 842 CYS A CB  1 
ATOM 1552 S SG  . CYS A 1 241 ? -10.213 -19.859 3.733   1.00 96.01  ? 842 CYS A SG  1 
ATOM 1553 N N   . LEU A 1 242 ? -11.593 -21.473 -0.588  1.00 87.53  ? 843 LEU A N   1 
ATOM 1554 C CA  . LEU A 1 242 ? -12.383 -21.609 -1.799  1.00 87.52  ? 843 LEU A CA  1 
ATOM 1555 C C   . LEU A 1 242 ? -12.813 -23.050 -2.060  1.00 89.48  ? 843 LEU A C   1 
ATOM 1556 O O   . LEU A 1 242 ? -14.006 -23.371 -2.043  1.00 89.00  ? 843 LEU A O   1 
ATOM 1557 C CB  . LEU A 1 242 ? -11.605 -21.108 -3.007  1.00 84.59  ? 843 LEU A CB  1 
ATOM 1558 C CG  . LEU A 1 242 ? -11.696 -19.633 -3.386  1.00 82.53  ? 843 LEU A CG  1 
ATOM 1559 C CD1 . LEU A 1 242 ? -12.860 -18.946 -2.682  1.00 76.66  ? 843 LEU A CD1 1 
ATOM 1560 C CD2 . LEU A 1 242 ? -10.374 -18.995 -3.045  1.00 82.11  ? 843 LEU A CD2 1 
ATOM 1561 N N   . ASN A 1 243 ? -11.830 -23.917 -2.297  1.00 92.55  ? 844 ASN A N   1 
ATOM 1562 C CA  . ASN A 1 243 ? -12.100 -25.324 -2.590  1.00 93.93  ? 844 ASN A CA  1 
ATOM 1563 C C   . ASN A 1 243 ? -12.795 -26.075 -1.472  1.00 93.39  ? 844 ASN A C   1 
ATOM 1564 O O   . ASN A 1 243 ? -13.650 -26.915 -1.729  1.00 93.22  ? 844 ASN A O   1 
ATOM 1565 C CB  . ASN A 1 243 ? -10.803 -26.044 -2.954  1.00 95.74  ? 844 ASN A CB  1 
ATOM 1566 C CG  . ASN A 1 243 ? -10.122 -25.430 -4.165  1.00 98.68  ? 844 ASN A CG  1 
ATOM 1567 O OD1 . ASN A 1 243 ? -10.768 -25.149 -5.187  1.00 98.82  ? 844 ASN A OD1 1 
ATOM 1568 N ND2 . ASN A 1 243 ? -8.809  -25.224 -4.062  1.00 99.86  ? 844 ASN A ND2 1 
ATOM 1569 N N   . THR A 1 244 ? -12.433 -25.755 -0.235  1.00 93.51  ? 845 THR A N   1 
ATOM 1570 C CA  . THR A 1 244 ? -12.992 -26.408 0.944   1.00 93.52  ? 845 THR A CA  1 
ATOM 1571 C C   . THR A 1 244 ? -13.988 -25.518 1.671   1.00 93.21  ? 845 THR A C   1 
ATOM 1572 O O   . THR A 1 244 ? -14.101 -25.584 2.890   1.00 93.46  ? 845 THR A O   1 
ATOM 1573 C CB  . THR A 1 244 ? -11.869 -26.772 1.926   1.00 93.96  ? 845 THR A CB  1 
ATOM 1574 O OG1 . THR A 1 244 ? -10.738 -27.258 1.191   1.00 94.80  ? 845 THR A OG1 1 
ATOM 1575 C CG2 . THR A 1 244 ? -12.333 -27.852 2.887   1.00 94.34  ? 845 THR A CG2 1 
ATOM 1576 N N   . ASP A 1 245 ? -14.703 -24.702 0.904   1.00 92.99  ? 846 ASP A N   1 
ATOM 1577 C CA  . ASP A 1 245 ? -15.691 -23.743 1.395   1.00 93.38  ? 846 ASP A CA  1 
ATOM 1578 C C   . ASP A 1 245 ? -15.758 -23.386 2.887   1.00 95.16  ? 846 ASP A C   1 
ATOM 1579 O O   . ASP A 1 245 ? -16.822 -22.994 3.381   1.00 95.06  ? 846 ASP A O   1 
ATOM 1580 C CB  . ASP A 1 245 ? -17.088 -24.145 0.943   1.00 91.70  ? 846 ASP A CB  1 
ATOM 1581 C CG  . ASP A 1 245 ? -18.044 -22.974 0.948   1.00 90.77  ? 846 ASP A CG  1 
ATOM 1582 O OD1 . ASP A 1 245 ? -19.258 -23.180 0.754   1.00 90.09  ? 846 ASP A OD1 1 
ATOM 1583 O OD2 . ASP A 1 245 ? -17.568 -21.836 1.144   1.00 89.35  ? 846 ASP A OD2 1 
ATOM 1584 N N   . GLU A 1 246 ? -14.638 -23.497 3.603   1.00 96.63  ? 847 GLU A N   1 
ATOM 1585 C CA  . GLU A 1 246 ? -14.622 -23.151 5.021   1.00 96.77  ? 847 GLU A CA  1 
ATOM 1586 C C   . GLU A 1 246 ? -13.691 -21.988 5.372   1.00 95.32  ? 847 GLU A C   1 
ATOM 1587 O O   . GLU A 1 246 ? -12.523 -21.934 4.980   1.00 92.89  ? 847 GLU A O   1 
ATOM 1588 C CB  . GLU A 1 246 ? -14.316 -24.376 5.895   1.00 99.40  ? 847 GLU A CB  1 
ATOM 1589 C CG  . GLU A 1 246 ? -15.543 -24.781 6.717   1.00 104.71 ? 847 GLU A CG  1 
ATOM 1590 C CD  . GLU A 1 246 ? -16.328 -23.550 7.247   1.00 108.82 ? 847 GLU A CD  1 
ATOM 1591 O OE1 . GLU A 1 246 ? -15.915 -22.957 8.280   1.00 109.19 ? 847 GLU A OE1 1 
ATOM 1592 O OE2 . GLU A 1 246 ? -17.350 -23.167 6.614   1.00 108.55 ? 847 GLU A OE2 1 
ATOM 1593 N N   . TRP A 1 247 ? -14.242 -21.050 6.133   1.00 94.76  ? 848 TRP A N   1 
ATOM 1594 C CA  . TRP A 1 247 ? -13.515 -19.856 6.504   1.00 92.19  ? 848 TRP A CA  1 
ATOM 1595 C C   . TRP A 1 247 ? -13.477 -19.609 8.008   1.00 91.26  ? 848 TRP A C   1 
ATOM 1596 O O   . TRP A 1 247 ? -14.303 -18.874 8.534   1.00 90.88  ? 848 TRP A O   1 
ATOM 1597 C CB  . TRP A 1 247 ? -14.150 -18.659 5.783   1.00 90.38  ? 848 TRP A CB  1 
ATOM 1598 C CG  . TRP A 1 247 ? -14.507 -18.918 4.306   1.00 87.59  ? 848 TRP A CG  1 
ATOM 1599 C CD1 . TRP A 1 247 ? -15.489 -19.748 3.827   1.00 86.09  ? 848 TRP A CD1 1 
ATOM 1600 C CD2 . TRP A 1 247 ? -13.878 -18.339 3.144   1.00 85.27  ? 848 TRP A CD2 1 
ATOM 1601 N NE1 . TRP A 1 247 ? -15.508 -19.720 2.449   1.00 84.96  ? 848 TRP A NE1 1 
ATOM 1602 C CE2 . TRP A 1 247 ? -14.531 -18.867 2.006   1.00 83.93  ? 848 TRP A CE2 1 
ATOM 1603 C CE3 . TRP A 1 247 ? -12.827 -17.428 2.959   1.00 83.37  ? 848 TRP A CE3 1 
ATOM 1604 C CZ2 . TRP A 1 247 ? -14.168 -18.515 0.702   1.00 82.57  ? 848 TRP A CZ2 1 
ATOM 1605 C CZ3 . TRP A 1 247 ? -12.466 -17.079 1.659   1.00 82.74  ? 848 TRP A CZ3 1 
ATOM 1606 C CH2 . TRP A 1 247 ? -13.137 -17.623 0.549   1.00 82.62  ? 848 TRP A CH2 1 
ATOM 1607 N N   . PRO A 1 248 ? -12.516 -20.231 8.720   1.00 91.31  ? 849 PRO A N   1 
ATOM 1608 C CA  . PRO A 1 248 ? -12.378 -20.063 10.173  1.00 91.30  ? 849 PRO A CA  1 
ATOM 1609 C C   . PRO A 1 248 ? -12.451 -18.599 10.602  1.00 90.74  ? 849 PRO A C   1 
ATOM 1610 O O   . PRO A 1 248 ? -11.911 -17.734 9.930   1.00 90.80  ? 849 PRO A O   1 
ATOM 1611 C CB  . PRO A 1 248 ? -11.004 -20.692 10.469  1.00 91.12  ? 849 PRO A CB  1 
ATOM 1612 C CG  . PRO A 1 248 ? -10.316 -20.737 9.122   1.00 90.38  ? 849 PRO A CG  1 
ATOM 1613 C CD  . PRO A 1 248 ? -11.449 -21.102 8.206   1.00 89.87  ? 849 PRO A CD  1 
ATOM 1614 N N   . ALA A 1 249 ? -13.112 -18.317 11.719  1.00 89.98  ? 850 ALA A N   1 
ATOM 1615 C CA  . ALA A 1 249 ? -13.222 -16.934 12.165  1.00 89.87  ? 850 ALA A CA  1 
ATOM 1616 C C   . ALA A 1 249 ? -12.600 -16.751 13.524  1.00 89.33  ? 850 ALA A C   1 
ATOM 1617 O O   . ALA A 1 249 ? -12.186 -15.650 13.900  1.00 89.88  ? 850 ALA A O   1 
ATOM 1618 C CB  . ALA A 1 249 ? -14.694 -16.505 12.213  1.00 89.09  ? 850 ALA A CB  1 
ATOM 1619 N N   . ILE A 1 250 ? -12.529 -17.848 14.259  1.00 88.71  ? 851 ILE A N   1 
ATOM 1620 C CA  . ILE A 1 250 ? -12.008 -17.810 15.606  1.00 87.94  ? 851 ILE A CA  1 
ATOM 1621 C C   . ILE A 1 250 ? -10.529 -17.532 15.652  1.00 88.19  ? 851 ILE A C   1 
ATOM 1622 O O   . ILE A 1 250 ? -9.728  -18.272 15.095  1.00 88.34  ? 851 ILE A O   1 
ATOM 1623 C CB  . ILE A 1 250 ? -12.325 -19.126 16.350  1.00 86.86  ? 851 ILE A CB  1 
ATOM 1624 C CG1 . ILE A 1 250 ? -13.823 -19.412 16.276  1.00 85.94  ? 851 ILE A CG1 1 
ATOM 1625 C CG2 . ILE A 1 250 ? -11.957 -19.003 17.798  1.00 86.35  ? 851 ILE A CG2 1 
ATOM 1626 C CD1 . ILE A 1 250 ? -14.247 -20.639 17.002  1.00 86.08  ? 851 ILE A CD1 1 
ATOM 1627 N N   . LYS A 1 251 ? -10.178 -16.436 16.304  1.00 89.18  ? 852 LYS A N   1 
ATOM 1628 C CA  . LYS A 1 251 ? -8.787  -16.047 16.462  1.00 92.18  ? 852 LYS A CA  1 
ATOM 1629 C C   . LYS A 1 251 ? -8.378  -16.563 17.838  1.00 92.94  ? 852 LYS A C   1 
ATOM 1630 O O   . LYS A 1 251 ? -8.847  -16.043 18.855  1.00 94.50  ? 852 LYS A O   1 
ATOM 1631 C CB  . LYS A 1 251 ? -8.648  -14.521 16.416  1.00 93.76  ? 852 LYS A CB  1 
ATOM 1632 C CG  . LYS A 1 251 ? -7.910  -13.955 15.204  1.00 96.74  ? 852 LYS A CG  1 
ATOM 1633 C CD  . LYS A 1 251 ? -6.394  -14.081 15.363  1.00 99.98  ? 852 LYS A CD  1 
ATOM 1634 C CE  . LYS A 1 251 ? -5.646  -13.322 14.268  1.00 100.34 ? 852 LYS A CE  1 
ATOM 1635 N NZ  . LYS A 1 251 ? -4.168  -13.375 14.446  1.00 101.30 ? 852 LYS A NZ  1 
ATOM 1636 N N   . THR A 1 252 ? -7.523  -17.586 17.870  1.00 90.79  ? 853 THR A N   1 
ATOM 1637 C CA  . THR A 1 252 ? -7.064  -18.166 19.125  1.00 89.04  ? 853 THR A CA  1 
ATOM 1638 C C   . THR A 1 252 ? -6.031  -17.284 19.796  1.00 87.60  ? 853 THR A C   1 
ATOM 1639 O O   . THR A 1 252 ? -5.113  -16.812 19.152  1.00 87.58  ? 853 THR A O   1 
ATOM 1640 C CB  . THR A 1 252 ? -6.462  -19.534 18.885  1.00 90.84  ? 853 THR A CB  1 
ATOM 1641 O OG1 . THR A 1 252 ? -7.502  -20.432 18.471  1.00 91.89  ? 853 THR A OG1 1 
ATOM 1642 C CG2 . THR A 1 252 ? -5.777  -20.044 20.147  1.00 90.64  ? 853 THR A CG2 1 
ATOM 1643 N N   . LEU A 1 253 ? -6.177  -17.075 21.098  1.00 87.72  ? 854 LEU A N   1 
ATOM 1644 C CA  . LEU A 1 253 ? -5.267  -16.211 21.840  1.00 89.50  ? 854 LEU A CA  1 
ATOM 1645 C C   . LEU A 1 253 ? -4.223  -16.955 22.629  1.00 90.43  ? 854 LEU A C   1 
ATOM 1646 O O   . LEU A 1 253 ? -4.441  -18.088 23.051  1.00 88.88  ? 854 LEU A O   1 
ATOM 1647 C CB  . LEU A 1 253 ? -6.037  -15.314 22.818  1.00 90.32  ? 854 LEU A CB  1 
ATOM 1648 C CG  . LEU A 1 253 ? -6.835  -14.120 22.297  1.00 91.16  ? 854 LEU A CG  1 
ATOM 1649 C CD1 . LEU A 1 253 ? -7.518  -13.428 23.469  1.00 90.54  ? 854 LEU A CD1 1 
ATOM 1650 C CD2 . LEU A 1 253 ? -5.906  -13.155 21.559  1.00 91.37  ? 854 LEU A CD2 1 
ATOM 1651 N N   . SER A 1 254 ? -3.099  -16.285 22.858  1.00 92.48  ? 855 SER A N   1 
ATOM 1652 C CA  . SER A 1 254 ? -2.007  -16.886 23.606  1.00 95.67  ? 855 SER A CA  1 
ATOM 1653 C C   . SER A 1 254 ? -1.406  -15.912 24.606  1.00 96.69  ? 855 SER A C   1 
ATOM 1654 O O   . SER A 1 254 ? -1.206  -14.738 24.306  1.00 97.33  ? 855 SER A O   1 
ATOM 1655 C CB  . SER A 1 254 ? -0.912  -17.372 22.647  1.00 97.01  ? 855 SER A CB  1 
ATOM 1656 O OG  . SER A 1 254 ? -0.075  -18.327 23.280  1.00 99.15  ? 855 SER A OG  1 
ATOM 1657 N N   . LEU A 1 255 ? -1.115  -16.420 25.797  1.00 98.57  ? 856 LEU A N   1 
ATOM 1658 C CA  . LEU A 1 255 ? -0.527  -15.626 26.870  1.00 100.88 ? 856 LEU A CA  1 
ATOM 1659 C C   . LEU A 1 255 ? 0.487   -14.626 26.329  1.00 102.04 ? 856 LEU A C   1 
ATOM 1660 O O   . LEU A 1 255 ? 1.196   -14.910 25.372  1.00 102.74 ? 856 LEU A O   1 
ATOM 1661 C CB  . LEU A 1 255 ? 0.174   -16.548 27.873  1.00 100.57 ? 856 LEU A CB  1 
ATOM 1662 C CG  . LEU A 1 255 ? -0.701  -17.604 28.548  1.00 100.89 ? 856 LEU A CG  1 
ATOM 1663 C CD1 . LEU A 1 255 ? 0.162   -18.636 29.224  1.00 99.90  ? 856 LEU A CD1 1 
ATOM 1664 C CD2 . LEU A 1 255 ? -1.622  -16.933 29.544  1.00 100.17 ? 856 LEU A CD2 1 
ATOM 1665 N N   . PRO A 1 256 ? 0.548   -13.427 26.918  1.00 103.33 ? 857 PRO A N   1 
ATOM 1666 C CA  . PRO A 1 256 ? 1.515   -12.436 26.444  1.00 104.64 ? 857 PRO A CA  1 
ATOM 1667 C C   . PRO A 1 256 ? 2.883   -12.695 27.096  1.00 105.55 ? 857 PRO A C   1 
ATOM 1668 O O   . PRO A 1 256 ? 2.998   -13.554 27.973  1.00 105.24 ? 857 PRO A O   1 
ATOM 1669 C CB  . PRO A 1 256 ? 0.883   -11.120 26.879  1.00 104.17 ? 857 PRO A CB  1 
ATOM 1670 C CG  . PRO A 1 256 ? 0.221   -11.496 28.152  1.00 103.29 ? 857 PRO A CG  1 
ATOM 1671 C CD  . PRO A 1 256 ? -0.449  -12.798 27.800  1.00 103.21 ? 857 PRO A CD  1 
ATOM 1672 N N   . ARG A 1 257 ? 3.913   -11.962 26.672  1.00 106.48 ? 858 ARG A N   1 
ATOM 1673 C CA  . ARG A 1 257 ? 5.258   -12.141 27.223  1.00 107.13 ? 858 ARG A CA  1 
ATOM 1674 C C   . ARG A 1 257 ? 5.332   -11.857 28.730  1.00 106.11 ? 858 ARG A C   1 
ATOM 1675 O O   . ARG A 1 257 ? 5.811   -12.680 29.503  1.00 105.76 ? 858 ARG A O   1 
ATOM 1676 C CB  . ARG A 1 257 ? 6.277   -11.256 26.471  1.00 109.39 ? 858 ARG A CB  1 
ATOM 1677 C CG  . ARG A 1 257 ? 6.011   -9.749  26.543  1.00 113.15 ? 858 ARG A CG  1 
ATOM 1678 C CD  . ARG A 1 257 ? 7.224   -8.876  26.160  1.00 115.40 ? 858 ARG A CD  1 
ATOM 1679 N NE  . ARG A 1 257 ? 7.523   -8.871  24.726  1.00 118.46 ? 858 ARG A NE  1 
ATOM 1680 C CZ  . ARG A 1 257 ? 8.407   -8.057  24.148  1.00 119.89 ? 858 ARG A CZ  1 
ATOM 1681 N NH1 . ARG A 1 257 ? 9.082   -7.177  24.883  1.00 120.14 ? 858 ARG A NH1 1 
ATOM 1682 N NH2 . ARG A 1 257 ? 8.627   -8.125  22.837  1.00 119.85 ? 858 ARG A NH2 1 
ATOM 1683 N N   . TRP A 1 258 ? 4.850   -10.690 29.134  1.00 105.60 ? 859 TRP A N   1 
ATOM 1684 C CA  . TRP A 1 258 ? 4.854   -10.271 30.534  1.00 105.03 ? 859 TRP A CA  1 
ATOM 1685 C C   . TRP A 1 258 ? 4.009   -11.165 31.424  1.00 104.67 ? 859 TRP A C   1 
ATOM 1686 O O   . TRP A 1 258 ? 3.929   -10.942 32.631  1.00 103.58 ? 859 TRP A O   1 
ATOM 1687 C CB  . TRP A 1 258 ? 4.342   -8.833  30.640  1.00 105.71 ? 859 TRP A CB  1 
ATOM 1688 C CG  . TRP A 1 258 ? 3.420   -8.473  29.526  1.00 106.18 ? 859 TRP A CG  1 
ATOM 1689 C CD1 . TRP A 1 258 ? 3.749   -8.287  28.211  1.00 106.39 ? 859 TRP A CD1 1 
ATOM 1690 C CD2 . TRP A 1 258 ? 2.011   -8.299  29.613  1.00 106.66 ? 859 TRP A CD2 1 
ATOM 1691 N NE1 . TRP A 1 258 ? 2.627   -8.012  27.472  1.00 106.52 ? 859 TRP A NE1 1 
ATOM 1692 C CE2 . TRP A 1 258 ? 1.544   -8.012  28.309  1.00 106.68 ? 859 TRP A CE2 1 
ATOM 1693 C CE3 . TRP A 1 258 ? 1.093   -8.360  30.663  1.00 106.84 ? 859 TRP A CE3 1 
ATOM 1694 C CZ2 . TRP A 1 258 ? 0.201   -7.786  28.031  1.00 106.53 ? 859 TRP A CZ2 1 
ATOM 1695 C CZ3 . TRP A 1 258 ? -0.242  -8.136  30.385  1.00 106.90 ? 859 TRP A CZ3 1 
ATOM 1696 C CH2 . TRP A 1 258 ? -0.677  -7.852  29.080  1.00 106.53 ? 859 TRP A CH2 1 
ATOM 1697 N N   . ALA A 1 259 ? 3.379   -12.171 30.826  1.00 104.79 ? 860 ALA A N   1 
ATOM 1698 C CA  . ALA A 1 259 ? 2.536   -13.094 31.573  1.00 105.00 ? 860 ALA A CA  1 
ATOM 1699 C C   . ALA A 1 259 ? 3.302   -13.652 32.764  1.00 105.88 ? 860 ALA A C   1 
ATOM 1700 O O   . ALA A 1 259 ? 4.259   -14.409 32.595  1.00 105.95 ? 860 ALA A O   1 
ATOM 1701 C CB  . ALA A 1 259 ? 2.072   -14.228 30.671  1.00 104.54 ? 860 ALA A CB  1 
ATOM 1702 N N   . LYS A 1 260 ? 2.879   -13.275 33.969  1.00 106.44 ? 861 LYS A N   1 
ATOM 1703 C CA  . LYS A 1 260 ? 3.535   -13.745 35.182  1.00 106.16 ? 861 LYS A CA  1 
ATOM 1704 C C   . LYS A 1 260 ? 3.583   -15.270 35.177  1.00 105.85 ? 861 LYS A C   1 
ATOM 1705 O O   . LYS A 1 260 ? 4.339   -15.881 35.925  1.00 104.51 ? 861 LYS A O   1 
ATOM 1706 C CB  . LYS A 1 260 ? 2.793   -13.240 36.430  1.00 105.58 ? 861 LYS A CB  1 
ATOM 1707 C CG  . LYS A 1 260 ? 1.448   -13.897 36.687  1.00 104.76 ? 861 LYS A CG  1 
ATOM 1708 C CD  . LYS A 1 260 ? 1.091   -13.867 38.175  1.00 102.62 ? 861 LYS A CD  1 
ATOM 1709 C CE  . LYS A 1 260 ? -0.102  -14.771 38.473  1.00 100.18 ? 861 LYS A CE  1 
ATOM 1710 N NZ  . LYS A 1 260 ? -0.316  -14.945 39.934  1.00 97.89  ? 861 LYS A NZ  1 
ATOM 1711 N N   . GLU A 1 261 ? 2.774   -15.865 34.305  1.00 107.39 ? 862 GLU A N   1 
ATOM 1712 C CA  . GLU A 1 261 ? 2.687   -17.312 34.155  1.00 109.05 ? 862 GLU A CA  1 
ATOM 1713 C C   . GLU A 1 261 ? 4.024   -17.950 33.789  1.00 109.74 ? 862 GLU A C   1 
ATOM 1714 O O   . GLU A 1 261 ? 4.075   -19.131 33.441  1.00 109.22 ? 862 GLU A O   1 
ATOM 1715 C CB  . GLU A 1 261 ? 1.647   -17.669 33.094  1.00 109.99 ? 862 GLU A CB  1 
ATOM 1716 C CG  . GLU A 1 261 ? 0.407   -18.379 33.615  1.00 111.34 ? 862 GLU A CG  1 
ATOM 1717 C CD  . GLU A 1 261 ? -0.521  -17.483 34.427  1.00 112.79 ? 862 GLU A CD  1 
ATOM 1718 O OE1 . GLU A 1 261 ? -0.715  -16.310 34.040  1.00 112.72 ? 862 GLU A OE1 1 
ATOM 1719 O OE2 . GLU A 1 261 ? -1.075  -17.966 35.443  1.00 113.33 ? 862 GLU A OE2 1 
ATOM 1720 N N   . TYR A 1 262 ? 5.092   -17.153 33.834  1.00 110.75 ? 863 TYR A N   1 
ATOM 1721 C CA  . TYR A 1 262 ? 6.457   -17.625 33.581  1.00 111.46 ? 863 TYR A CA  1 
ATOM 1722 C C   . TYR A 1 262 ? 7.563   -16.576 33.580  1.00 112.88 ? 863 TYR A C   1 
ATOM 1723 O O   . TYR A 1 262 ? 7.823   -15.914 32.571  1.00 113.10 ? 863 TYR A O   1 
ATOM 1724 C CB  . TYR A 1 262 ? 6.566   -18.475 32.304  1.00 108.90 ? 863 TYR A CB  1 
ATOM 1725 C CG  . TYR A 1 262 ? 5.792   -18.049 31.073  1.00 105.85 ? 863 TYR A CG  1 
ATOM 1726 C CD1 . TYR A 1 262 ? 4.776   -18.863 30.580  1.00 105.76 ? 863 TYR A CD1 1 
ATOM 1727 C CD2 . TYR A 1 262 ? 6.175   -16.947 30.309  1.00 103.20 ? 863 TYR A CD2 1 
ATOM 1728 C CE1 . TYR A 1 262 ? 4.171   -18.618 29.351  1.00 103.78 ? 863 TYR A CE1 1 
ATOM 1729 C CE2 . TYR A 1 262 ? 5.567   -16.688 29.070  1.00 101.80 ? 863 TYR A CE2 1 
ATOM 1730 C CZ  . TYR A 1 262 ? 4.569   -17.542 28.598  1.00 102.29 ? 863 TYR A CZ  1 
ATOM 1731 O OH  . TYR A 1 262 ? 3.990   -17.387 27.356  1.00 100.66 ? 863 TYR A OH  1 
ATOM 1732 N N   . ALA A 1 263 ? 8.220   -16.456 34.733  1.00 113.85 ? 864 ALA A N   1 
ATOM 1733 C CA  . ALA A 1 263 ? 9.315   -15.514 34.926  1.00 114.69 ? 864 ALA A CA  1 
ATOM 1734 C C   . ALA A 1 263 ? 10.634  -16.268 35.166  1.00 114.81 ? 864 ALA A C   1 
ATOM 1735 O O   . ALA A 1 263 ? 11.400  -15.870 36.073  1.00 114.47 ? 864 ALA A O   1 
ATOM 1736 C CB  . ALA A 1 263 ? 8.998   -14.592 36.114  1.00 114.03 ? 864 ALA A CB  1 
# 
